data_2B17
# 
_entry.id   2B17 
# 
_audit_conform.dict_name       mmcif_pdbx.dic 
_audit_conform.dict_version    5.399 
_audit_conform.dict_location   http://mmcif.pdb.org/dictionaries/ascii/mmcif_pdbx.dic 
# 
loop_
_database_2.database_id 
_database_2.database_code 
_database_2.pdbx_database_accession 
_database_2.pdbx_DOI 
PDB   2B17         pdb_00002b17 10.2210/pdb2b17/pdb 
RCSB  RCSB034547   ?            ?                   
WWPDB D_1000034547 ?            ?                   
# 
loop_
_pdbx_audit_revision_history.ordinal 
_pdbx_audit_revision_history.data_content_type 
_pdbx_audit_revision_history.major_revision 
_pdbx_audit_revision_history.minor_revision 
_pdbx_audit_revision_history.revision_date 
1 'Structure model' 1 0 2005-10-04 
2 'Structure model' 1 1 2008-05-01 
3 'Structure model' 1 2 2011-07-13 
4 'Structure model' 1 3 2024-11-20 
# 
_pdbx_audit_revision_details.ordinal             1 
_pdbx_audit_revision_details.revision_ordinal    1 
_pdbx_audit_revision_details.data_content_type   'Structure model' 
_pdbx_audit_revision_details.provider            repository 
_pdbx_audit_revision_details.type                'Initial release' 
_pdbx_audit_revision_details.description         ? 
_pdbx_audit_revision_details.details             ? 
# 
loop_
_pdbx_audit_revision_group.ordinal 
_pdbx_audit_revision_group.revision_ordinal 
_pdbx_audit_revision_group.data_content_type 
_pdbx_audit_revision_group.group 
1 2 'Structure model' 'Version format compliance' 
2 3 'Structure model' 'Version format compliance' 
3 4 'Structure model' 'Data collection'           
4 4 'Structure model' 'Database references'       
5 4 'Structure model' 'Derived calculations'      
6 4 'Structure model' 'Structure summary'         
# 
loop_
_pdbx_audit_revision_category.ordinal 
_pdbx_audit_revision_category.revision_ordinal 
_pdbx_audit_revision_category.data_content_type 
_pdbx_audit_revision_category.category 
1 4 'Structure model' chem_comp_atom            
2 4 'Structure model' chem_comp_bond            
3 4 'Structure model' database_2                
4 4 'Structure model' pdbx_entry_details        
5 4 'Structure model' pdbx_modification_feature 
6 4 'Structure model' struct_site               
# 
loop_
_pdbx_audit_revision_item.ordinal 
_pdbx_audit_revision_item.revision_ordinal 
_pdbx_audit_revision_item.data_content_type 
_pdbx_audit_revision_item.item 
1 4 'Structure model' '_database_2.pdbx_DOI'                
2 4 'Structure model' '_database_2.pdbx_database_accession' 
3 4 'Structure model' '_struct_site.pdbx_auth_asym_id'      
4 4 'Structure model' '_struct_site.pdbx_auth_comp_id'      
5 4 'Structure model' '_struct_site.pdbx_auth_seq_id'       
# 
_pdbx_database_status.status_code                     REL 
_pdbx_database_status.entry_id                        2B17 
_pdbx_database_status.recvd_initial_deposition_date   2005-09-15 
_pdbx_database_status.deposit_site                    RCSB 
_pdbx_database_status.process_site                    PDBJ 
_pdbx_database_status.status_code_sf                  REL 
_pdbx_database_status.status_code_mr                  ? 
_pdbx_database_status.SG_entry                        ? 
_pdbx_database_status.pdb_format_compatible           Y 
_pdbx_database_status.status_code_cs                  ? 
_pdbx_database_status.status_code_nmr_data            ? 
_pdbx_database_status.methods_development_category    ? 
# 
_pdbx_database_related.db_name        PDB 
_pdbx_database_related.db_id          1Q7A 
_pdbx_database_related.details        
;Crystal Structure Of The Complex Formed Between Russell'S Viper Phospholipase A2 and An Antiinflammatory Agent Oxyphenbutazone At 1.6A Resolution
;
_pdbx_database_related.content_type   unspecified 
# 
loop_
_audit_author.name 
_audit_author.pdbx_ordinal 
'Singh, N.'   1 
'Jabeen, T.'  2 
'Sharma, S.'  3 
'Singh, T.P.' 4 
# 
_citation.id                        primary 
_citation.title                     
;Specific binding of non-steroidal anti-inflammatory drugs (NSAIDs) to phospholipase A2: structure of the complex formed between phospholipase A2 and diclofenac at 2.7 A resolution.
;
_citation.journal_abbrev            'Acta Crystallogr.,Sect.D' 
_citation.journal_volume            62 
_citation.page_first                410 
_citation.page_last                 416 
_citation.year                      2006 
_citation.journal_id_ASTM           ABCRE6 
_citation.country                   DK 
_citation.journal_id_ISSN           0907-4449 
_citation.journal_id_CSD            0766 
_citation.book_publisher            ? 
_citation.pdbx_database_id_PubMed   16552142 
_citation.pdbx_database_id_DOI      10.1107/S0907444906003660 
# 
loop_
_citation_author.citation_id 
_citation_author.name 
_citation_author.ordinal 
_citation_author.identifier_ORCID 
primary 'Singh, N.'       1 ? 
primary 'Jabeen, T.'      2 ? 
primary 'Sharma, S.'      3 ? 
primary 'Somvanshi, R.K.' 4 ? 
primary 'Dey, S.'         5 ? 
primary 'Srinivasan, A.'  6 ? 
primary 'Singh, T.P.'     7 ? 
# 
loop_
_entity.id 
_entity.type 
_entity.src_method 
_entity.pdbx_description 
_entity.formula_weight 
_entity.pdbx_number_of_molecules 
_entity.pdbx_ec 
_entity.pdbx_mutation 
_entity.pdbx_fragment 
_entity.details 
1 polymer     nat 'Phospholipase A2 VRV-PL-VIIIa'                  13629.767 1  3.1.1.4 ? ? ? 
2 non-polymer syn 'SULFATE ION'                                    96.063    2  ?       ? ? ? 
3 non-polymer syn '2-[2,6-DICHLOROPHENYL)AMINO]BENZENEACETIC ACID' 296.149   1  ?       ? ? ? 
4 water       nat water                                            18.015    85 ?       ? ? ? 
# 
_entity_name_com.entity_id   1 
_entity_name_com.name        'Phosphatidylcholine 2-acylhydrolase, DPLA2' 
# 
_entity_poly.entity_id                      1 
_entity_poly.type                           'polypeptide(L)' 
_entity_poly.nstd_linkage                   no 
_entity_poly.nstd_monomer                   no 
_entity_poly.pdbx_seq_one_letter_code       
;SLLEFGKMILEETGKLAIPSYSSYGCYCGWGGKGTPKDATDRCCFVHDCCYGNLPDCNPKSDRYKYKRVNGAIVCEKGTS
CENRICECDKAAAICFRQNLNTYSKKYMLYPDFLCKGELKC
;
_entity_poly.pdbx_seq_one_letter_code_can   
;SLLEFGKMILEETGKLAIPSYSSYGCYCGWGGKGTPKDATDRCCFVHDCCYGNLPDCNPKSDRYKYKRVNGAIVCEKGTS
CENRICECDKAAAICFRQNLNTYSKKYMLYPDFLCKGELKC
;
_entity_poly.pdbx_strand_id                 A 
_entity_poly.pdbx_target_identifier         ? 
# 
loop_
_pdbx_entity_nonpoly.entity_id 
_pdbx_entity_nonpoly.name 
_pdbx_entity_nonpoly.comp_id 
2 'SULFATE ION'                                    SO4 
3 '2-[2,6-DICHLOROPHENYL)AMINO]BENZENEACETIC ACID' DIF 
4 water                                            HOH 
# 
loop_
_entity_poly_seq.entity_id 
_entity_poly_seq.num 
_entity_poly_seq.mon_id 
_entity_poly_seq.hetero 
1 1   SER n 
1 2   LEU n 
1 3   LEU n 
1 4   GLU n 
1 5   PHE n 
1 6   GLY n 
1 7   LYS n 
1 8   MET n 
1 9   ILE n 
1 10  LEU n 
1 11  GLU n 
1 12  GLU n 
1 13  THR n 
1 14  GLY n 
1 15  LYS n 
1 16  LEU n 
1 17  ALA n 
1 18  ILE n 
1 19  PRO n 
1 20  SER n 
1 21  TYR n 
1 22  SER n 
1 23  SER n 
1 24  TYR n 
1 25  GLY n 
1 26  CYS n 
1 27  TYR n 
1 28  CYS n 
1 29  GLY n 
1 30  TRP n 
1 31  GLY n 
1 32  GLY n 
1 33  LYS n 
1 34  GLY n 
1 35  THR n 
1 36  PRO n 
1 37  LYS n 
1 38  ASP n 
1 39  ALA n 
1 40  THR n 
1 41  ASP n 
1 42  ARG n 
1 43  CYS n 
1 44  CYS n 
1 45  PHE n 
1 46  VAL n 
1 47  HIS n 
1 48  ASP n 
1 49  CYS n 
1 50  CYS n 
1 51  TYR n 
1 52  GLY n 
1 53  ASN n 
1 54  LEU n 
1 55  PRO n 
1 56  ASP n 
1 57  CYS n 
1 58  ASN n 
1 59  PRO n 
1 60  LYS n 
1 61  SER n 
1 62  ASP n 
1 63  ARG n 
1 64  TYR n 
1 65  LYS n 
1 66  TYR n 
1 67  LYS n 
1 68  ARG n 
1 69  VAL n 
1 70  ASN n 
1 71  GLY n 
1 72  ALA n 
1 73  ILE n 
1 74  VAL n 
1 75  CYS n 
1 76  GLU n 
1 77  LYS n 
1 78  GLY n 
1 79  THR n 
1 80  SER n 
1 81  CYS n 
1 82  GLU n 
1 83  ASN n 
1 84  ARG n 
1 85  ILE n 
1 86  CYS n 
1 87  GLU n 
1 88  CYS n 
1 89  ASP n 
1 90  LYS n 
1 91  ALA n 
1 92  ALA n 
1 93  ALA n 
1 94  ILE n 
1 95  CYS n 
1 96  PHE n 
1 97  ARG n 
1 98  GLN n 
1 99  ASN n 
1 100 LEU n 
1 101 ASN n 
1 102 THR n 
1 103 TYR n 
1 104 SER n 
1 105 LYS n 
1 106 LYS n 
1 107 TYR n 
1 108 MET n 
1 109 LEU n 
1 110 TYR n 
1 111 PRO n 
1 112 ASP n 
1 113 PHE n 
1 114 LEU n 
1 115 CYS n 
1 116 LYS n 
1 117 GLY n 
1 118 GLU n 
1 119 LEU n 
1 120 LYS n 
1 121 CYS n 
# 
_entity_src_nat.entity_id                  1 
_entity_src_nat.pdbx_src_id                1 
_entity_src_nat.pdbx_alt_source_flag       sample 
_entity_src_nat.pdbx_beg_seq_num           ? 
_entity_src_nat.pdbx_end_seq_num           ? 
_entity_src_nat.common_name                ? 
_entity_src_nat.pdbx_organism_scientific   'Daboia russellii pulchella' 
_entity_src_nat.pdbx_ncbi_taxonomy_id      97228 
_entity_src_nat.genus                      Daboia 
_entity_src_nat.species                    'Daboia russellii' 
_entity_src_nat.strain                     pulchella 
_entity_src_nat.tissue                     ? 
_entity_src_nat.tissue_fraction            ? 
_entity_src_nat.pdbx_secretion             ? 
_entity_src_nat.pdbx_fragment              ? 
_entity_src_nat.pdbx_variant               ? 
_entity_src_nat.pdbx_cell_line             ? 
_entity_src_nat.pdbx_atcc                  ? 
_entity_src_nat.pdbx_cellular_location     ? 
_entity_src_nat.pdbx_organ                 ? 
_entity_src_nat.pdbx_organelle             ? 
_entity_src_nat.pdbx_cell                  ? 
_entity_src_nat.pdbx_plasmid_name          ? 
_entity_src_nat.pdbx_plasmid_details       ? 
_entity_src_nat.details                    ? 
# 
loop_
_chem_comp.id 
_chem_comp.type 
_chem_comp.mon_nstd_flag 
_chem_comp.name 
_chem_comp.pdbx_synonyms 
_chem_comp.formula 
_chem_comp.formula_weight 
ALA 'L-peptide linking' y ALANINE                                          ?          'C3 H7 N O2'       89.093  
ARG 'L-peptide linking' y ARGININE                                         ?          'C6 H15 N4 O2 1'   175.209 
ASN 'L-peptide linking' y ASPARAGINE                                       ?          'C4 H8 N2 O3'      132.118 
ASP 'L-peptide linking' y 'ASPARTIC ACID'                                  ?          'C4 H7 N O4'       133.103 
CYS 'L-peptide linking' y CYSTEINE                                         ?          'C3 H7 N O2 S'     121.158 
DIF non-polymer         . '2-[2,6-DICHLOROPHENYL)AMINO]BENZENEACETIC ACID' DICLOFENAC 'C14 H11 Cl2 N O2' 296.149 
GLN 'L-peptide linking' y GLUTAMINE                                        ?          'C5 H10 N2 O3'     146.144 
GLU 'L-peptide linking' y 'GLUTAMIC ACID'                                  ?          'C5 H9 N O4'       147.129 
GLY 'peptide linking'   y GLYCINE                                          ?          'C2 H5 N O2'       75.067  
HIS 'L-peptide linking' y HISTIDINE                                        ?          'C6 H10 N3 O2 1'   156.162 
HOH non-polymer         . WATER                                            ?          'H2 O'             18.015  
ILE 'L-peptide linking' y ISOLEUCINE                                       ?          'C6 H13 N O2'      131.173 
LEU 'L-peptide linking' y LEUCINE                                          ?          'C6 H13 N O2'      131.173 
LYS 'L-peptide linking' y LYSINE                                           ?          'C6 H15 N2 O2 1'   147.195 
MET 'L-peptide linking' y METHIONINE                                       ?          'C5 H11 N O2 S'    149.211 
PHE 'L-peptide linking' y PHENYLALANINE                                    ?          'C9 H11 N O2'      165.189 
PRO 'L-peptide linking' y PROLINE                                          ?          'C5 H9 N O2'       115.130 
SER 'L-peptide linking' y SERINE                                           ?          'C3 H7 N O3'       105.093 
SO4 non-polymer         . 'SULFATE ION'                                    ?          'O4 S -2'          96.063  
THR 'L-peptide linking' y THREONINE                                        ?          'C4 H9 N O3'       119.119 
TRP 'L-peptide linking' y TRYPTOPHAN                                       ?          'C11 H12 N2 O2'    204.225 
TYR 'L-peptide linking' y TYROSINE                                         ?          'C9 H11 N O3'      181.189 
VAL 'L-peptide linking' y VALINE                                           ?          'C5 H11 N O2'      117.146 
# 
loop_
_pdbx_poly_seq_scheme.asym_id 
_pdbx_poly_seq_scheme.entity_id 
_pdbx_poly_seq_scheme.seq_id 
_pdbx_poly_seq_scheme.mon_id 
_pdbx_poly_seq_scheme.ndb_seq_num 
_pdbx_poly_seq_scheme.pdb_seq_num 
_pdbx_poly_seq_scheme.auth_seq_num 
_pdbx_poly_seq_scheme.pdb_mon_id 
_pdbx_poly_seq_scheme.auth_mon_id 
_pdbx_poly_seq_scheme.pdb_strand_id 
_pdbx_poly_seq_scheme.pdb_ins_code 
_pdbx_poly_seq_scheme.hetero 
A 1 1   SER 1   1   1   SER SER A . n 
A 1 2   LEU 2   2   2   LEU LEU A . n 
A 1 3   LEU 3   3   3   LEU LEU A . n 
A 1 4   GLU 4   4   4   GLU GLU A . n 
A 1 5   PHE 5   5   5   PHE PHE A . n 
A 1 6   GLY 6   6   6   GLY GLY A . n 
A 1 7   LYS 7   7   7   LYS LYS A . n 
A 1 8   MET 8   8   8   MET MET A . n 
A 1 9   ILE 9   9   9   ILE ILE A . n 
A 1 10  LEU 10  10  10  LEU LEU A . n 
A 1 11  GLU 11  11  11  GLU GLU A . n 
A 1 12  GLU 12  12  12  GLU GLU A . n 
A 1 13  THR 13  13  13  THR THR A . n 
A 1 14  GLY 14  14  14  GLY GLY A . n 
A 1 15  LYS 15  16  16  LYS LYS A . n 
A 1 16  LEU 16  17  17  LEU LEU A . n 
A 1 17  ALA 17  18  18  ALA ALA A . n 
A 1 18  ILE 18  19  19  ILE ILE A . n 
A 1 19  PRO 19  20  20  PRO PRO A . n 
A 1 20  SER 20  21  21  SER SER A . n 
A 1 21  TYR 21  22  22  TYR TYR A . n 
A 1 22  SER 22  23  23  SER SER A . n 
A 1 23  SER 23  24  24  SER SER A . n 
A 1 24  TYR 24  25  25  TYR TYR A . n 
A 1 25  GLY 25  26  26  GLY GLY A . n 
A 1 26  CYS 26  27  27  CYS CYS A . n 
A 1 27  TYR 27  28  28  TYR TYR A . n 
A 1 28  CYS 28  29  29  CYS CYS A . n 
A 1 29  GLY 29  30  30  GLY GLY A . n 
A 1 30  TRP 30  31  31  TRP TRP A . n 
A 1 31  GLY 31  32  32  GLY GLY A . n 
A 1 32  GLY 32  33  33  GLY GLY A . n 
A 1 33  LYS 33  34  34  LYS LYS A . n 
A 1 34  GLY 34  35  35  GLY GLY A . n 
A 1 35  THR 35  36  36  THR THR A . n 
A 1 36  PRO 36  37  37  PRO PRO A . n 
A 1 37  LYS 37  38  38  LYS LYS A . n 
A 1 38  ASP 38  39  39  ASP ASP A . n 
A 1 39  ALA 39  40  40  ALA ALA A . n 
A 1 40  THR 40  41  41  THR THR A . n 
A 1 41  ASP 41  42  42  ASP ASP A . n 
A 1 42  ARG 42  43  43  ARG ARG A . n 
A 1 43  CYS 43  44  44  CYS CYS A . n 
A 1 44  CYS 44  45  45  CYS CYS A . n 
A 1 45  PHE 45  46  46  PHE PHE A . n 
A 1 46  VAL 46  47  47  VAL VAL A . n 
A 1 47  HIS 47  48  48  HIS HIS A . n 
A 1 48  ASP 48  49  49  ASP ASP A . n 
A 1 49  CYS 49  50  50  CYS CYS A . n 
A 1 50  CYS 50  51  51  CYS CYS A . n 
A 1 51  TYR 51  52  52  TYR TYR A . n 
A 1 52  GLY 52  53  53  GLY GLY A . n 
A 1 53  ASN 53  54  54  ASN ASN A . n 
A 1 54  LEU 54  55  55  LEU LEU A . n 
A 1 55  PRO 55  56  56  PRO PRO A . n 
A 1 56  ASP 56  59  59  ASP ASP A . n 
A 1 57  CYS 57  61  61  CYS CYS A . n 
A 1 58  ASN 58  67  67  ASN ASN A . n 
A 1 59  PRO 59  68  68  PRO PRO A . n 
A 1 60  LYS 60  69  69  LYS LYS A . n 
A 1 61  SER 61  70  70  SER SER A . n 
A 1 62  ASP 62  71  71  ASP ASP A . n 
A 1 63  ARG 63  72  72  ARG ARG A . n 
A 1 64  TYR 64  73  73  TYR TYR A . n 
A 1 65  LYS 65  74  74  LYS LYS A . n 
A 1 66  TYR 66  75  75  TYR TYR A . n 
A 1 67  LYS 67  76  76  LYS LYS A . n 
A 1 68  ARG 68  77  77  ARG ARG A . n 
A 1 69  VAL 69  78  78  VAL VAL A . n 
A 1 70  ASN 70  79  79  ASN ASN A . n 
A 1 71  GLY 71  80  80  GLY GLY A . n 
A 1 72  ALA 72  81  81  ALA ALA A . n 
A 1 73  ILE 73  82  82  ILE ILE A . n 
A 1 74  VAL 74  83  83  VAL VAL A . n 
A 1 75  CYS 75  84  84  CYS CYS A . n 
A 1 76  GLU 76  85  85  GLU GLU A . n 
A 1 77  LYS 77  86  86  LYS LYS A . n 
A 1 78  GLY 78  88  88  GLY GLY A . n 
A 1 79  THR 79  89  89  THR THR A . n 
A 1 80  SER 80  90  90  SER SER A . n 
A 1 81  CYS 81  91  91  CYS CYS A . n 
A 1 82  GLU 82  92  92  GLU GLU A . n 
A 1 83  ASN 83  93  93  ASN ASN A . n 
A 1 84  ARG 84  94  94  ARG ARG A . n 
A 1 85  ILE 85  95  95  ILE ILE A . n 
A 1 86  CYS 86  96  96  CYS CYS A . n 
A 1 87  GLU 87  97  97  GLU GLU A . n 
A 1 88  CYS 88  98  98  CYS CYS A . n 
A 1 89  ASP 89  99  99  ASP ASP A . n 
A 1 90  LYS 90  100 100 LYS LYS A . n 
A 1 91  ALA 91  101 101 ALA ALA A . n 
A 1 92  ALA 92  102 102 ALA ALA A . n 
A 1 93  ALA 93  103 103 ALA ALA A . n 
A 1 94  ILE 94  104 104 ILE ILE A . n 
A 1 95  CYS 95  105 105 CYS CYS A . n 
A 1 96  PHE 96  106 106 PHE PHE A . n 
A 1 97  ARG 97  107 107 ARG ARG A . n 
A 1 98  GLN 98  108 108 GLN GLN A . n 
A 1 99  ASN 99  109 109 ASN ASN A . n 
A 1 100 LEU 100 110 110 LEU LEU A . n 
A 1 101 ASN 101 111 111 ASN ASN A . n 
A 1 102 THR 102 112 112 THR THR A . n 
A 1 103 TYR 103 113 113 TYR TYR A . n 
A 1 104 SER 104 114 114 SER SER A . n 
A 1 105 LYS 105 115 115 LYS LYS A . n 
A 1 106 LYS 106 116 116 LYS LYS A . n 
A 1 107 TYR 107 117 117 TYR TYR A . n 
A 1 108 MET 108 118 118 MET MET A . n 
A 1 109 LEU 109 119 119 LEU LEU A . n 
A 1 110 TYR 110 120 120 TYR TYR A . n 
A 1 111 PRO 111 121 121 PRO PRO A . n 
A 1 112 ASP 112 122 122 ASP ASP A . n 
A 1 113 PHE 113 124 124 PHE PHE A . n 
A 1 114 LEU 114 125 125 LEU LEU A . n 
A 1 115 CYS 115 126 126 CYS CYS A . n 
A 1 116 LYS 116 127 127 LYS LYS A . n 
A 1 117 GLY 117 128 128 GLY GLY A . n 
A 1 118 GLU 118 129 129 GLU GLU A . n 
A 1 119 LEU 119 130 130 LEU LEU A . n 
A 1 120 LYS 120 131 131 LYS LYS A . n 
A 1 121 CYS 121 133 133 CYS CYS A . n 
# 
loop_
_pdbx_nonpoly_scheme.asym_id 
_pdbx_nonpoly_scheme.entity_id 
_pdbx_nonpoly_scheme.mon_id 
_pdbx_nonpoly_scheme.ndb_seq_num 
_pdbx_nonpoly_scheme.pdb_seq_num 
_pdbx_nonpoly_scheme.auth_seq_num 
_pdbx_nonpoly_scheme.pdb_mon_id 
_pdbx_nonpoly_scheme.auth_mon_id 
_pdbx_nonpoly_scheme.pdb_strand_id 
_pdbx_nonpoly_scheme.pdb_ins_code 
B 2 SO4 1  201 201 SO4 SO4 A . 
C 2 SO4 1  202 202 SO4 SO4 A . 
D 3 DIF 1  701 701 DIF DIF A . 
E 4 HOH 1  702 1   HOH HOH A . 
E 4 HOH 2  703 2   HOH HOH A . 
E 4 HOH 3  704 3   HOH HOH A . 
E 4 HOH 4  705 4   HOH HOH A . 
E 4 HOH 5  706 5   HOH HOH A . 
E 4 HOH 6  707 6   HOH HOH A . 
E 4 HOH 7  708 7   HOH HOH A . 
E 4 HOH 8  709 8   HOH HOH A . 
E 4 HOH 9  710 9   HOH HOH A . 
E 4 HOH 10 711 10  HOH HOH A . 
E 4 HOH 11 712 11  HOH HOH A . 
E 4 HOH 12 713 12  HOH HOH A . 
E 4 HOH 13 714 13  HOH HOH A . 
E 4 HOH 14 715 14  HOH HOH A . 
E 4 HOH 15 716 15  HOH HOH A . 
E 4 HOH 16 717 16  HOH HOH A . 
E 4 HOH 17 718 17  HOH HOH A . 
E 4 HOH 18 719 18  HOH HOH A . 
E 4 HOH 19 720 19  HOH HOH A . 
E 4 HOH 20 721 20  HOH HOH A . 
E 4 HOH 21 722 21  HOH HOH A . 
E 4 HOH 22 723 22  HOH HOH A . 
E 4 HOH 23 724 23  HOH HOH A . 
E 4 HOH 24 725 24  HOH HOH A . 
E 4 HOH 25 726 25  HOH HOH A . 
E 4 HOH 26 727 26  HOH HOH A . 
E 4 HOH 27 728 27  HOH HOH A . 
E 4 HOH 28 729 28  HOH HOH A . 
E 4 HOH 29 730 29  HOH HOH A . 
E 4 HOH 30 731 30  HOH HOH A . 
E 4 HOH 31 732 31  HOH HOH A . 
E 4 HOH 32 733 32  HOH HOH A . 
E 4 HOH 33 734 33  HOH HOH A . 
E 4 HOH 34 735 34  HOH HOH A . 
E 4 HOH 35 736 35  HOH HOH A . 
E 4 HOH 36 737 36  HOH HOH A . 
E 4 HOH 37 738 37  HOH HOH A . 
E 4 HOH 38 739 38  HOH HOH A . 
E 4 HOH 39 740 39  HOH HOH A . 
E 4 HOH 40 741 40  HOH HOH A . 
E 4 HOH 41 742 41  HOH HOH A . 
E 4 HOH 42 743 42  HOH HOH A . 
E 4 HOH 43 744 43  HOH HOH A . 
E 4 HOH 44 745 44  HOH HOH A . 
E 4 HOH 45 746 45  HOH HOH A . 
E 4 HOH 46 747 46  HOH HOH A . 
E 4 HOH 47 748 47  HOH HOH A . 
E 4 HOH 48 749 48  HOH HOH A . 
E 4 HOH 49 750 49  HOH HOH A . 
E 4 HOH 50 751 50  HOH HOH A . 
E 4 HOH 51 752 51  HOH HOH A . 
E 4 HOH 52 753 52  HOH HOH A . 
E 4 HOH 53 754 53  HOH HOH A . 
E 4 HOH 54 755 54  HOH HOH A . 
E 4 HOH 55 756 55  HOH HOH A . 
E 4 HOH 56 757 56  HOH HOH A . 
E 4 HOH 57 758 57  HOH HOH A . 
E 4 HOH 58 759 58  HOH HOH A . 
E 4 HOH 59 760 59  HOH HOH A . 
E 4 HOH 60 761 60  HOH HOH A . 
E 4 HOH 61 762 61  HOH HOH A . 
E 4 HOH 62 763 62  HOH HOH A . 
E 4 HOH 63 764 63  HOH HOH A . 
E 4 HOH 64 765 64  HOH HOH A . 
E 4 HOH 65 766 65  HOH HOH A . 
E 4 HOH 66 767 66  HOH HOH A . 
E 4 HOH 67 768 67  HOH HOH A . 
E 4 HOH 68 769 68  HOH HOH A . 
E 4 HOH 69 770 69  HOH HOH A . 
E 4 HOH 70 771 70  HOH HOH A . 
E 4 HOH 71 772 71  HOH HOH A . 
E 4 HOH 72 773 72  HOH HOH A . 
E 4 HOH 73 774 73  HOH HOH A . 
E 4 HOH 74 775 74  HOH HOH A . 
E 4 HOH 75 776 75  HOH HOH A . 
E 4 HOH 76 777 76  HOH HOH A . 
E 4 HOH 77 778 77  HOH HOH A . 
E 4 HOH 78 779 78  HOH HOH A . 
E 4 HOH 79 780 79  HOH HOH A . 
E 4 HOH 80 781 80  HOH HOH A . 
E 4 HOH 81 782 81  HOH HOH A . 
E 4 HOH 82 783 82  HOH HOH A . 
E 4 HOH 83 784 83  HOH HOH A . 
E 4 HOH 84 785 84  HOH HOH A . 
E 4 HOH 85 786 85  HOH HOH A . 
# 
loop_
_software.name 
_software.classification 
_software.version 
_software.citation_id 
_software.pdbx_ordinal 
CNS       refinement       0.9 ? 1 
HKL-2000  'data reduction' .   ? 2 
SCALEPACK 'data scaling'   .   ? 3 
AMoRE     phasing          .   ? 4 
# 
_cell.entry_id           2B17 
_cell.length_a           53.050 
_cell.length_b           53.050 
_cell.length_c           48.430 
_cell.angle_alpha        90.00 
_cell.angle_beta         90.00 
_cell.angle_gamma        90.00 
_cell.Z_PDB              4 
_cell.pdbx_unique_axis   ? 
_cell.length_a_esd       ? 
_cell.length_b_esd       ? 
_cell.length_c_esd       ? 
_cell.angle_alpha_esd    ? 
_cell.angle_beta_esd     ? 
_cell.angle_gamma_esd    ? 
# 
_symmetry.entry_id                         2B17 
_symmetry.space_group_name_H-M             'P 43' 
_symmetry.pdbx_full_space_group_name_H-M   ? 
_symmetry.cell_setting                     ? 
_symmetry.Int_Tables_number                78 
_symmetry.space_group_name_Hall            ? 
# 
_exptl.entry_id          2B17 
_exptl.method            'X-RAY DIFFRACTION' 
_exptl.crystals_number   1 
# 
_exptl_crystal.id                    1 
_exptl_crystal.density_meas          ? 
_exptl_crystal.density_Matthews      2.5 
_exptl_crystal.density_percent_sol   50 
_exptl_crystal.description           ? 
_exptl_crystal.F_000                 ? 
_exptl_crystal.preparation           ? 
# 
_exptl_crystal_grow.crystal_id      1 
_exptl_crystal_grow.method          'VAPOR DIFFUSION, HANGING DROP' 
_exptl_crystal_grow.temp            298 
_exptl_crystal_grow.temp_details    ? 
_exptl_crystal_grow.pH              7.0 
_exptl_crystal_grow.pdbx_details    'ammonium sulphate and PEG 4000, pH 7.0, VAPOR DIFFUSION, HANGING DROP, temperature 298K' 
_exptl_crystal_grow.pdbx_pH_range   . 
# 
_diffrn.id                     1 
_diffrn.ambient_temp           283 
_diffrn.ambient_temp_details   ? 
_diffrn.crystal_id             1 
# 
_diffrn_detector.diffrn_id              1 
_diffrn_detector.detector               'IMAGE PLATE' 
_diffrn_detector.type                   MACSCIENCE 
_diffrn_detector.pdbx_collection_date   2004-03-21 
_diffrn_detector.details                ? 
# 
_diffrn_radiation.diffrn_id                        1 
_diffrn_radiation.wavelength_id                    1 
_diffrn_radiation.pdbx_monochromatic_or_laue_m_l   M 
_diffrn_radiation.monochromator                    Y 
_diffrn_radiation.pdbx_diffrn_protocol             'SINGLE WAVELENGTH' 
_diffrn_radiation.pdbx_scattering_type             x-ray 
# 
_diffrn_radiation_wavelength.id           1 
_diffrn_radiation_wavelength.wavelength   1.41 
_diffrn_radiation_wavelength.wt           1.0 
# 
_diffrn_source.diffrn_id                   1 
_diffrn_source.source                      'ROTATING ANODE' 
_diffrn_source.type                        'RIGAKU RU300' 
_diffrn_source.pdbx_synchrotron_site       ? 
_diffrn_source.pdbx_synchrotron_beamline   ? 
_diffrn_source.pdbx_wavelength             ? 
_diffrn_source.pdbx_wavelength_list        1.41 
# 
_reflns.entry_id                     2B17 
_reflns.observed_criterion_sigma_I   0 
_reflns.observed_criterion_sigma_F   0 
_reflns.d_resolution_low             18.76 
_reflns.d_resolution_high            2.7 
_reflns.number_obs                   3288 
_reflns.number_all                   3288 
_reflns.percent_possible_obs         100 
_reflns.pdbx_Rmerge_I_obs            ? 
_reflns.pdbx_Rsym_value              ? 
_reflns.pdbx_netI_over_sigmaI        ? 
_reflns.B_iso_Wilson_estimate        36.5 
_reflns.pdbx_redundancy              ? 
_reflns.R_free_details               ? 
_reflns.limit_h_max                  ? 
_reflns.limit_h_min                  ? 
_reflns.limit_k_max                  ? 
_reflns.limit_k_min                  ? 
_reflns.limit_l_max                  ? 
_reflns.limit_l_min                  ? 
_reflns.observed_criterion_F_max     ? 
_reflns.observed_criterion_F_min     ? 
_reflns.pdbx_chi_squared             ? 
_reflns.pdbx_scaling_rejects         ? 
_reflns.pdbx_diffrn_id               1 
_reflns.pdbx_ordinal                 1 
# 
_reflns_shell.d_res_high             2.70 
_reflns_shell.d_res_low              2.76 
_reflns_shell.percent_possible_all   95.9 
_reflns_shell.Rmerge_I_obs           ? 
_reflns_shell.pdbx_Rsym_value        ? 
_reflns_shell.meanI_over_sigI_obs    ? 
_reflns_shell.pdbx_redundancy        ? 
_reflns_shell.percent_possible_obs   ? 
_reflns_shell.number_unique_all      ? 
_reflns_shell.number_measured_all    ? 
_reflns_shell.number_measured_obs    ? 
_reflns_shell.number_unique_obs      ? 
_reflns_shell.pdbx_chi_squared       ? 
_reflns_shell.pdbx_diffrn_id         ? 
_reflns_shell.pdbx_ordinal           1 
# 
_refine.entry_id                                 2B17 
_refine.ls_number_reflns_obs                     3288 
_refine.ls_number_reflns_all                     3288 
_refine.pdbx_ls_sigma_I                          ? 
_refine.pdbx_ls_sigma_F                          0.0 
_refine.pdbx_data_cutoff_high_absF               774739.86 
_refine.pdbx_data_cutoff_low_absF                0.000000 
_refine.pdbx_data_cutoff_high_rms_absF           ? 
_refine.ls_d_res_low                             18.76 
_refine.ls_d_res_high                            2.71 
_refine.ls_percent_reflns_obs                    96.8 
_refine.ls_R_factor_obs                          0.192 
_refine.ls_R_factor_all                          0.198 
_refine.ls_R_factor_R_work                       0.192 
_refine.ls_R_factor_R_free                       0.211 
_refine.ls_R_factor_R_free_error                 0.016 
_refine.ls_R_factor_R_free_error_details         ? 
_refine.ls_percent_reflns_R_free                 5.3 
_refine.ls_number_reflns_R_free                  175 
_refine.ls_number_parameters                     ? 
_refine.ls_number_restraints                     ? 
_refine.occupancy_min                            ? 
_refine.occupancy_max                            ? 
_refine.correlation_coeff_Fo_to_Fc               ? 
_refine.correlation_coeff_Fo_to_Fc_free          ? 
_refine.B_iso_mean                               28.1 
_refine.aniso_B[1][1]                            2.60 
_refine.aniso_B[2][2]                            2.60 
_refine.aniso_B[3][3]                            -5.20 
_refine.aniso_B[1][2]                            0.00 
_refine.aniso_B[1][3]                            0.00 
_refine.aniso_B[2][3]                            0.00 
_refine.solvent_model_details                    'FLAT MODEL' 
_refine.solvent_model_param_ksol                 0.337121 
_refine.solvent_model_param_bsol                 44.8766 
_refine.pdbx_solvent_vdw_probe_radii             ? 
_refine.pdbx_solvent_ion_probe_radii             ? 
_refine.pdbx_solvent_shrinkage_radii             ? 
_refine.pdbx_ls_cross_valid_method               THROUGHOUT 
_refine.details                                  ? 
_refine.pdbx_starting_model                      ? 
_refine.pdbx_method_to_determine_struct          'MOLECULAR REPLACEMENT' 
_refine.pdbx_isotropic_thermal_model             RESTRAINED 
_refine.pdbx_stereochemistry_target_values       'Engh & Huber' 
_refine.pdbx_stereochem_target_val_spec_case     ? 
_refine.pdbx_R_Free_selection_details            RANDOM 
_refine.pdbx_overall_ESU_R                       ? 
_refine.pdbx_overall_ESU_R_Free                  ? 
_refine.overall_SU_ML                            ? 
_refine.overall_SU_B                             ? 
_refine.ls_redundancy_reflns_obs                 ? 
_refine.B_iso_min                                ? 
_refine.B_iso_max                                ? 
_refine.overall_SU_R_Cruickshank_DPI             ? 
_refine.overall_SU_R_free                        ? 
_refine.ls_wR_factor_R_free                      ? 
_refine.ls_wR_factor_R_work                      ? 
_refine.overall_FOM_free_R_set                   ? 
_refine.overall_FOM_work_R_set                   ? 
_refine.pdbx_refine_id                           'X-RAY DIFFRACTION' 
_refine.pdbx_diffrn_id                           1 
_refine.pdbx_TLS_residual_ADP_flag               ? 
_refine.pdbx_overall_phase_error                 ? 
_refine.pdbx_overall_SU_R_free_Cruickshank_DPI   ? 
_refine.pdbx_overall_SU_R_Blow_DPI               ? 
_refine.pdbx_overall_SU_R_free_Blow_DPI          ? 
# 
_refine_analyze.entry_id                        2B17 
_refine_analyze.Luzzati_coordinate_error_obs    0.28 
_refine_analyze.Luzzati_sigma_a_obs             0.28 
_refine_analyze.Luzzati_d_res_low_obs           5.00 
_refine_analyze.Luzzati_coordinate_error_free   0.29 
_refine_analyze.Luzzati_sigma_a_free            0.29 
_refine_analyze.Luzzati_d_res_low_free          ? 
_refine_analyze.number_disordered_residues      ? 
_refine_analyze.occupancy_sum_hydrogen          ? 
_refine_analyze.occupancy_sum_non_hydrogen      ? 
_refine_analyze.pdbx_Luzzati_d_res_high_obs     ? 
_refine_analyze.pdbx_refine_id                  'X-RAY DIFFRACTION' 
# 
_refine_hist.pdbx_refine_id                   'X-RAY DIFFRACTION' 
_refine_hist.cycle_id                         LAST 
_refine_hist.pdbx_number_atoms_protein        944 
_refine_hist.pdbx_number_atoms_nucleic_acid   0 
_refine_hist.pdbx_number_atoms_ligand         29 
_refine_hist.number_atoms_solvent             85 
_refine_hist.number_atoms_total               1058 
_refine_hist.d_res_high                       2.71 
_refine_hist.d_res_low                        18.76 
# 
loop_
_refine_ls_restr.type 
_refine_ls_restr.dev_ideal 
_refine_ls_restr.dev_ideal_target 
_refine_ls_restr.weight 
_refine_ls_restr.number 
_refine_ls_restr.pdbx_refine_id 
_refine_ls_restr.pdbx_restraint_function 
c_bond_d           0.006 ?    ? ? 'X-RAY DIFFRACTION' ? 
c_angle_deg        1.4   ?    ? ? 'X-RAY DIFFRACTION' ? 
c_dihedral_angle_d 22.4  ?    ? ? 'X-RAY DIFFRACTION' ? 
c_improper_angle_d 0.96  ?    ? ? 'X-RAY DIFFRACTION' ? 
c_mcbond_it        1.33  1.50 ? ? 'X-RAY DIFFRACTION' ? 
c_mcangle_it       2.31  2.00 ? ? 'X-RAY DIFFRACTION' ? 
c_scbond_it        1.88  2.00 ? ? 'X-RAY DIFFRACTION' ? 
c_scangle_it       2.87  2.50 ? ? 'X-RAY DIFFRACTION' ? 
# 
_refine_ls_shell.pdbx_total_number_of_bins_used   6 
_refine_ls_shell.d_res_high                       2.70 
_refine_ls_shell.d_res_low                        2.87 
_refine_ls_shell.number_reflns_R_work             303 
_refine_ls_shell.R_factor_R_work                  0.274 
_refine_ls_shell.percent_reflns_obs               51.5 
_refine_ls_shell.R_factor_R_free                  0.3 
_refine_ls_shell.R_factor_R_free_error            0.083 
_refine_ls_shell.percent_reflns_R_free            4.1 
_refine_ls_shell.number_reflns_R_free             13 
_refine_ls_shell.number_reflns_obs                ? 
_refine_ls_shell.redundancy_reflns_obs            ? 
_refine_ls_shell.number_reflns_all                ? 
_refine_ls_shell.R_factor_all                     ? 
_refine_ls_shell.pdbx_refine_id                   'X-RAY DIFFRACTION' 
# 
loop_
_pdbx_xplor_file.serial_no 
_pdbx_xplor_file.param_file 
_pdbx_xplor_file.topol_file 
_pdbx_xplor_file.pdbx_refine_id 
1 protein_rep.param protein.top 'X-RAY DIFFRACTION' 
2 ion.param         water.top   'X-RAY DIFFRACTION' 
3 water_rep.param   dif.top     'X-RAY DIFFRACTION' 
4 dif.param         ion.top     'X-RAY DIFFRACTION' 
5 so4.param         so4.top     'X-RAY DIFFRACTION' 
# 
_struct.entry_id                  2B17 
_struct.title                     
;Specific binding of non-steroidal anti-inflammatory drugs (NSAIDs) to phospholipase A2: Crystal structure of the complex formed between phospholipase A2 and diclofenac at 2.7 A resolution:
;
_struct.pdbx_model_details        ? 
_struct.pdbx_CASP_flag            ? 
_struct.pdbx_model_type_details   ? 
# 
_struct_keywords.entry_id        2B17 
_struct_keywords.pdbx_keywords   HYDROLASE 
_struct_keywords.text            'drugs, complex, inhibiton, Hydrolase' 
# 
loop_
_struct_asym.id 
_struct_asym.pdbx_blank_PDB_chainid_flag 
_struct_asym.pdbx_modified 
_struct_asym.entity_id 
_struct_asym.details 
A N N 1 ? 
B N N 2 ? 
C N N 2 ? 
D N N 3 ? 
E N N 4 ? 
# 
_struct_ref.id                         1 
_struct_ref.db_name                    UNP 
_struct_ref.db_code                    PA28_DABRP 
_struct_ref.pdbx_db_accession          P59071 
_struct_ref.entity_id                  1 
_struct_ref.pdbx_seq_one_letter_code   
;SLLEFGKMILEETGKLAIPSYSSYGCYCGWGGKGTPKDATDRCCFVHDCCYGNLPDCNPKSDRYKYKRVNGAIVCEKGTS
CENRICECDKAAAICFRQNLNTYSKKYMLYPDFLCKGELKC
;
_struct_ref.pdbx_align_begin           1 
_struct_ref.pdbx_db_isoform            ? 
# 
_struct_ref_seq.align_id                      1 
_struct_ref_seq.ref_id                        1 
_struct_ref_seq.pdbx_PDB_id_code              2B17 
_struct_ref_seq.pdbx_strand_id                A 
_struct_ref_seq.seq_align_beg                 1 
_struct_ref_seq.pdbx_seq_align_beg_ins_code   ? 
_struct_ref_seq.seq_align_end                 121 
_struct_ref_seq.pdbx_seq_align_end_ins_code   ? 
_struct_ref_seq.pdbx_db_accession             P59071 
_struct_ref_seq.db_align_beg                  1 
_struct_ref_seq.pdbx_db_align_beg_ins_code    ? 
_struct_ref_seq.db_align_end                  121 
_struct_ref_seq.pdbx_db_align_end_ins_code    ? 
_struct_ref_seq.pdbx_auth_seq_align_beg       1 
_struct_ref_seq.pdbx_auth_seq_align_end       133 
# 
_pdbx_struct_assembly.id                   1 
_pdbx_struct_assembly.details              author_defined_assembly 
_pdbx_struct_assembly.method_details       ? 
_pdbx_struct_assembly.oligomeric_details   monomeric 
_pdbx_struct_assembly.oligomeric_count     1 
# 
_pdbx_struct_assembly_gen.assembly_id       1 
_pdbx_struct_assembly_gen.oper_expression   1 
_pdbx_struct_assembly_gen.asym_id_list      A,B,C,D,E 
# 
_pdbx_struct_oper_list.id                   1 
_pdbx_struct_oper_list.type                 'identity operation' 
_pdbx_struct_oper_list.name                 1_555 
_pdbx_struct_oper_list.symmetry_operation   x,y,z 
_pdbx_struct_oper_list.matrix[1][1]         1.0000000000 
_pdbx_struct_oper_list.matrix[1][2]         0.0000000000 
_pdbx_struct_oper_list.matrix[1][3]         0.0000000000 
_pdbx_struct_oper_list.vector[1]            0.0000000000 
_pdbx_struct_oper_list.matrix[2][1]         0.0000000000 
_pdbx_struct_oper_list.matrix[2][2]         1.0000000000 
_pdbx_struct_oper_list.matrix[2][3]         0.0000000000 
_pdbx_struct_oper_list.vector[2]            0.0000000000 
_pdbx_struct_oper_list.matrix[3][1]         0.0000000000 
_pdbx_struct_oper_list.matrix[3][2]         0.0000000000 
_pdbx_struct_oper_list.matrix[3][3]         1.0000000000 
_pdbx_struct_oper_list.vector[3]            0.0000000000 
# 
_struct_biol.id                    1 
_struct_biol.details               'biological monomer' 
_struct_biol.pdbx_parent_biol_id   ? 
# 
loop_
_struct_conf.conf_type_id 
_struct_conf.id 
_struct_conf.pdbx_PDB_helix_id 
_struct_conf.beg_label_comp_id 
_struct_conf.beg_label_asym_id 
_struct_conf.beg_label_seq_id 
_struct_conf.pdbx_beg_PDB_ins_code 
_struct_conf.end_label_comp_id 
_struct_conf.end_label_asym_id 
_struct_conf.end_label_seq_id 
_struct_conf.pdbx_end_PDB_ins_code 
_struct_conf.beg_auth_comp_id 
_struct_conf.beg_auth_asym_id 
_struct_conf.beg_auth_seq_id 
_struct_conf.end_auth_comp_id 
_struct_conf.end_auth_asym_id 
_struct_conf.end_auth_seq_id 
_struct_conf.pdbx_PDB_helix_class 
_struct_conf.details 
_struct_conf.pdbx_PDB_helix_length 
HELX_P HELX_P1 1 SER A 1   ? GLY A 14  ? SER A 1   GLY A 14  1 ? 14 
HELX_P HELX_P2 2 LEU A 16  ? TYR A 21  ? LEU A 17  TYR A 22  1 ? 6  
HELX_P HELX_P3 3 ASP A 38  ? ASN A 53  ? ASP A 39  ASN A 54  1 ? 16 
HELX_P HELX_P4 4 THR A 79  ? LEU A 100 ? THR A 89  LEU A 110 1 ? 22 
HELX_P HELX_P5 5 ASN A 101 ? TYR A 103 ? ASN A 111 TYR A 113 5 ? 3  
HELX_P HELX_P6 6 SER A 104 ? MET A 108 ? SER A 114 MET A 118 5 ? 5  
HELX_P HELX_P7 7 PRO A 111 ? CYS A 115 ? PRO A 121 CYS A 126 5 ? 5  
# 
_struct_conf_type.id          HELX_P 
_struct_conf_type.criteria    ? 
_struct_conf_type.reference   ? 
# 
loop_
_struct_conn.id 
_struct_conn.conn_type_id 
_struct_conn.pdbx_leaving_atom_flag 
_struct_conn.pdbx_PDB_id 
_struct_conn.ptnr1_label_asym_id 
_struct_conn.ptnr1_label_comp_id 
_struct_conn.ptnr1_label_seq_id 
_struct_conn.ptnr1_label_atom_id 
_struct_conn.pdbx_ptnr1_label_alt_id 
_struct_conn.pdbx_ptnr1_PDB_ins_code 
_struct_conn.pdbx_ptnr1_standard_comp_id 
_struct_conn.ptnr1_symmetry 
_struct_conn.ptnr2_label_asym_id 
_struct_conn.ptnr2_label_comp_id 
_struct_conn.ptnr2_label_seq_id 
_struct_conn.ptnr2_label_atom_id 
_struct_conn.pdbx_ptnr2_label_alt_id 
_struct_conn.pdbx_ptnr2_PDB_ins_code 
_struct_conn.ptnr1_auth_asym_id 
_struct_conn.ptnr1_auth_comp_id 
_struct_conn.ptnr1_auth_seq_id 
_struct_conn.ptnr2_auth_asym_id 
_struct_conn.ptnr2_auth_comp_id 
_struct_conn.ptnr2_auth_seq_id 
_struct_conn.ptnr2_symmetry 
_struct_conn.pdbx_ptnr3_label_atom_id 
_struct_conn.pdbx_ptnr3_label_seq_id 
_struct_conn.pdbx_ptnr3_label_comp_id 
_struct_conn.pdbx_ptnr3_label_asym_id 
_struct_conn.pdbx_ptnr3_label_alt_id 
_struct_conn.pdbx_ptnr3_PDB_ins_code 
_struct_conn.details 
_struct_conn.pdbx_dist_value 
_struct_conn.pdbx_value_order 
_struct_conn.pdbx_role 
disulf1 disulf ? ? A CYS 26 SG ? ? ? 1_555 A CYS 115 SG ? ? A CYS 27 A CYS 126 1_555 ? ? ? ? ? ? ? 2.026 ? ? 
disulf2 disulf ? ? A CYS 28 SG ? ? ? 1_555 A CYS 44  SG ? ? A CYS 29 A CYS 45  1_555 ? ? ? ? ? ? ? 2.037 ? ? 
disulf3 disulf ? ? A CYS 43 SG ? ? ? 1_555 A CYS 95  SG ? ? A CYS 44 A CYS 105 1_555 ? ? ? ? ? ? ? 2.032 ? ? 
disulf4 disulf ? ? A CYS 49 SG ? ? ? 1_555 A CYS 121 SG ? ? A CYS 50 A CYS 133 1_555 ? ? ? ? ? ? ? 2.029 ? ? 
disulf5 disulf ? ? A CYS 50 SG ? ? ? 1_555 A CYS 88  SG ? ? A CYS 51 A CYS 98  1_555 ? ? ? ? ? ? ? 2.029 ? ? 
disulf6 disulf ? ? A CYS 57 SG ? ? ? 1_555 A CYS 81  SG ? ? A CYS 61 A CYS 91  1_555 ? ? ? ? ? ? ? 2.029 ? ? 
disulf7 disulf ? ? A CYS 75 SG ? ? ? 1_555 A CYS 86  SG ? ? A CYS 84 A CYS 96  1_555 ? ? ? ? ? ? ? 2.025 ? ? 
# 
_struct_conn_type.id          disulf 
_struct_conn_type.criteria    ? 
_struct_conn_type.reference   ? 
# 
loop_
_pdbx_modification_feature.ordinal 
_pdbx_modification_feature.label_comp_id 
_pdbx_modification_feature.label_asym_id 
_pdbx_modification_feature.label_seq_id 
_pdbx_modification_feature.label_alt_id 
_pdbx_modification_feature.modified_residue_label_comp_id 
_pdbx_modification_feature.modified_residue_label_asym_id 
_pdbx_modification_feature.modified_residue_label_seq_id 
_pdbx_modification_feature.modified_residue_label_alt_id 
_pdbx_modification_feature.auth_comp_id 
_pdbx_modification_feature.auth_asym_id 
_pdbx_modification_feature.auth_seq_id 
_pdbx_modification_feature.PDB_ins_code 
_pdbx_modification_feature.symmetry 
_pdbx_modification_feature.modified_residue_auth_comp_id 
_pdbx_modification_feature.modified_residue_auth_asym_id 
_pdbx_modification_feature.modified_residue_auth_seq_id 
_pdbx_modification_feature.modified_residue_PDB_ins_code 
_pdbx_modification_feature.modified_residue_symmetry 
_pdbx_modification_feature.comp_id_linking_atom 
_pdbx_modification_feature.modified_residue_id_linking_atom 
_pdbx_modification_feature.modified_residue_id 
_pdbx_modification_feature.ref_pcm_id 
_pdbx_modification_feature.ref_comp_id 
_pdbx_modification_feature.type 
_pdbx_modification_feature.category 
1 CYS A 26 ? CYS A 115 ? CYS A 27 ? 1_555 CYS A 126 ? 1_555 SG SG . . . None 'Disulfide bridge' 
2 CYS A 28 ? CYS A 44  ? CYS A 29 ? 1_555 CYS A 45  ? 1_555 SG SG . . . None 'Disulfide bridge' 
3 CYS A 43 ? CYS A 95  ? CYS A 44 ? 1_555 CYS A 105 ? 1_555 SG SG . . . None 'Disulfide bridge' 
4 CYS A 49 ? CYS A 121 ? CYS A 50 ? 1_555 CYS A 133 ? 1_555 SG SG . . . None 'Disulfide bridge' 
5 CYS A 50 ? CYS A 88  ? CYS A 51 ? 1_555 CYS A 98  ? 1_555 SG SG . . . None 'Disulfide bridge' 
6 CYS A 57 ? CYS A 81  ? CYS A 61 ? 1_555 CYS A 91  ? 1_555 SG SG . . . None 'Disulfide bridge' 
7 CYS A 75 ? CYS A 86  ? CYS A 84 ? 1_555 CYS A 96  ? 1_555 SG SG . . . None 'Disulfide bridge' 
# 
_struct_mon_prot_cis.pdbx_id                1 
_struct_mon_prot_cis.label_comp_id          ILE 
_struct_mon_prot_cis.label_seq_id           18 
_struct_mon_prot_cis.label_asym_id          A 
_struct_mon_prot_cis.label_alt_id           . 
_struct_mon_prot_cis.pdbx_PDB_ins_code      ? 
_struct_mon_prot_cis.auth_comp_id           ILE 
_struct_mon_prot_cis.auth_seq_id            19 
_struct_mon_prot_cis.auth_asym_id           A 
_struct_mon_prot_cis.pdbx_label_comp_id_2   PRO 
_struct_mon_prot_cis.pdbx_label_seq_id_2    19 
_struct_mon_prot_cis.pdbx_label_asym_id_2   A 
_struct_mon_prot_cis.pdbx_PDB_ins_code_2    ? 
_struct_mon_prot_cis.pdbx_auth_comp_id_2    PRO 
_struct_mon_prot_cis.pdbx_auth_seq_id_2     20 
_struct_mon_prot_cis.pdbx_auth_asym_id_2    A 
_struct_mon_prot_cis.pdbx_PDB_model_num     1 
_struct_mon_prot_cis.pdbx_omega_angle       0.32 
# 
_struct_sheet.id               A 
_struct_sheet.type             ? 
_struct_sheet.number_strands   2 
_struct_sheet.details          ? 
# 
_struct_sheet_order.sheet_id     A 
_struct_sheet_order.range_id_1   1 
_struct_sheet_order.range_id_2   2 
_struct_sheet_order.offset       ? 
_struct_sheet_order.sense        anti-parallel 
# 
loop_
_struct_sheet_range.sheet_id 
_struct_sheet_range.id 
_struct_sheet_range.beg_label_comp_id 
_struct_sheet_range.beg_label_asym_id 
_struct_sheet_range.beg_label_seq_id 
_struct_sheet_range.pdbx_beg_PDB_ins_code 
_struct_sheet_range.end_label_comp_id 
_struct_sheet_range.end_label_asym_id 
_struct_sheet_range.end_label_seq_id 
_struct_sheet_range.pdbx_end_PDB_ins_code 
_struct_sheet_range.beg_auth_comp_id 
_struct_sheet_range.beg_auth_asym_id 
_struct_sheet_range.beg_auth_seq_id 
_struct_sheet_range.end_auth_comp_id 
_struct_sheet_range.end_auth_asym_id 
_struct_sheet_range.end_auth_seq_id 
A 1 TYR A 66 ? ARG A 68 ? TYR A 75 ARG A 77 
A 2 ILE A 73 ? CYS A 75 ? ILE A 82 CYS A 84 
# 
_pdbx_struct_sheet_hbond.sheet_id                A 
_pdbx_struct_sheet_hbond.range_id_1              1 
_pdbx_struct_sheet_hbond.range_id_2              2 
_pdbx_struct_sheet_hbond.range_1_label_atom_id   N 
_pdbx_struct_sheet_hbond.range_1_label_comp_id   LYS 
_pdbx_struct_sheet_hbond.range_1_label_asym_id   A 
_pdbx_struct_sheet_hbond.range_1_label_seq_id    67 
_pdbx_struct_sheet_hbond.range_1_PDB_ins_code    ? 
_pdbx_struct_sheet_hbond.range_1_auth_atom_id    N 
_pdbx_struct_sheet_hbond.range_1_auth_comp_id    LYS 
_pdbx_struct_sheet_hbond.range_1_auth_asym_id    A 
_pdbx_struct_sheet_hbond.range_1_auth_seq_id     76 
_pdbx_struct_sheet_hbond.range_2_label_atom_id   O 
_pdbx_struct_sheet_hbond.range_2_label_comp_id   VAL 
_pdbx_struct_sheet_hbond.range_2_label_asym_id   A 
_pdbx_struct_sheet_hbond.range_2_label_seq_id    74 
_pdbx_struct_sheet_hbond.range_2_PDB_ins_code    ? 
_pdbx_struct_sheet_hbond.range_2_auth_atom_id    O 
_pdbx_struct_sheet_hbond.range_2_auth_comp_id    VAL 
_pdbx_struct_sheet_hbond.range_2_auth_asym_id    A 
_pdbx_struct_sheet_hbond.range_2_auth_seq_id     83 
# 
loop_
_struct_site.id 
_struct_site.pdbx_evidence_code 
_struct_site.pdbx_auth_asym_id 
_struct_site.pdbx_auth_comp_id 
_struct_site.pdbx_auth_seq_id 
_struct_site.pdbx_auth_ins_code 
_struct_site.pdbx_num_residues 
_struct_site.details 
AC1 Software A SO4 201 ? 3 'BINDING SITE FOR RESIDUE SO4 A 201' 
AC2 Software A SO4 202 ? 6 'BINDING SITE FOR RESIDUE SO4 A 202' 
AC3 Software A DIF 701 ? 8 'BINDING SITE FOR RESIDUE DIF A 701' 
# 
loop_
_struct_site_gen.id 
_struct_site_gen.site_id 
_struct_site_gen.pdbx_num_res 
_struct_site_gen.label_comp_id 
_struct_site_gen.label_asym_id 
_struct_site_gen.label_seq_id 
_struct_site_gen.pdbx_auth_ins_code 
_struct_site_gen.auth_comp_id 
_struct_site_gen.auth_asym_id 
_struct_site_gen.auth_seq_id 
_struct_site_gen.label_atom_id 
_struct_site_gen.label_alt_id 
_struct_site_gen.symmetry 
_struct_site_gen.details 
1  AC1 3 LYS A 15  ? LYS A 16  . ? 1_555 ? 
2  AC1 3 LYS A 67  ? LYS A 76  . ? 4_565 ? 
3  AC1 3 HOH E .   ? HOH A 735 . ? 4_565 ? 
4  AC2 6 SER A 104 ? SER A 114 . ? 4_675 ? 
5  AC2 6 LYS A 105 ? LYS A 115 . ? 4_675 ? 
6  AC2 6 LYS A 106 ? LYS A 116 . ? 4_675 ? 
7  AC2 6 LYS A 120 ? LYS A 131 . ? 1_555 ? 
8  AC2 6 HOH E .   ? HOH A 760 . ? 4_675 ? 
9  AC2 6 HOH E .   ? HOH A 770 . ? 1_555 ? 
10 AC3 8 LEU A 2   ? LEU A 2   . ? 1_555 ? 
11 AC3 8 PHE A 5   ? PHE A 5   . ? 1_555 ? 
12 AC3 8 ILE A 18  ? ILE A 19  . ? 1_555 ? 
13 AC3 8 GLY A 29  ? GLY A 30  . ? 1_555 ? 
14 AC3 8 CYS A 44  ? CYS A 45  . ? 1_555 ? 
15 AC3 8 HIS A 47  ? HIS A 48  . ? 1_555 ? 
16 AC3 8 HOH E .   ? HOH A 754 . ? 1_555 ? 
17 AC3 8 HOH E .   ? HOH A 755 . ? 1_555 ? 
# 
_pdbx_entry_details.entry_id                   2B17 
_pdbx_entry_details.compound_details           ? 
_pdbx_entry_details.source_details             ? 
_pdbx_entry_details.nonpolymer_details         ? 
_pdbx_entry_details.sequence_details           ? 
_pdbx_entry_details.has_ligand_of_interest     ? 
_pdbx_entry_details.has_protein_modification   Y 
# 
_pdbx_validate_rmsd_angle.id                         1 
_pdbx_validate_rmsd_angle.PDB_model_num              1 
_pdbx_validate_rmsd_angle.auth_atom_id_1             C 
_pdbx_validate_rmsd_angle.auth_asym_id_1             A 
_pdbx_validate_rmsd_angle.auth_comp_id_1             ASN 
_pdbx_validate_rmsd_angle.auth_seq_id_1              67 
_pdbx_validate_rmsd_angle.PDB_ins_code_1             ? 
_pdbx_validate_rmsd_angle.label_alt_id_1             ? 
_pdbx_validate_rmsd_angle.auth_atom_id_2             N 
_pdbx_validate_rmsd_angle.auth_asym_id_2             A 
_pdbx_validate_rmsd_angle.auth_comp_id_2             PRO 
_pdbx_validate_rmsd_angle.auth_seq_id_2              68 
_pdbx_validate_rmsd_angle.PDB_ins_code_2             ? 
_pdbx_validate_rmsd_angle.label_alt_id_2             ? 
_pdbx_validate_rmsd_angle.auth_atom_id_3             CA 
_pdbx_validate_rmsd_angle.auth_asym_id_3             A 
_pdbx_validate_rmsd_angle.auth_comp_id_3             PRO 
_pdbx_validate_rmsd_angle.auth_seq_id_3              68 
_pdbx_validate_rmsd_angle.PDB_ins_code_3             ? 
_pdbx_validate_rmsd_angle.label_alt_id_3             ? 
_pdbx_validate_rmsd_angle.angle_value                128.41 
_pdbx_validate_rmsd_angle.angle_target_value         119.30 
_pdbx_validate_rmsd_angle.angle_deviation            9.11 
_pdbx_validate_rmsd_angle.angle_standard_deviation   1.50 
_pdbx_validate_rmsd_angle.linker_flag                Y 
# 
loop_
_pdbx_validate_torsion.id 
_pdbx_validate_torsion.PDB_model_num 
_pdbx_validate_torsion.auth_comp_id 
_pdbx_validate_torsion.auth_asym_id 
_pdbx_validate_torsion.auth_seq_id 
_pdbx_validate_torsion.PDB_ins_code 
_pdbx_validate_torsion.label_alt_id 
_pdbx_validate_torsion.phi 
_pdbx_validate_torsion.psi 
1 1 SER A 24 ? ? -144.53 38.77  
2 1 TRP A 31 ? ? -141.28 -24.59 
3 1 ASN A 79 ? ? -128.02 -66.42 
# 
loop_
_chem_comp_atom.comp_id 
_chem_comp_atom.atom_id 
_chem_comp_atom.type_symbol 
_chem_comp_atom.pdbx_aromatic_flag 
_chem_comp_atom.pdbx_stereo_config 
_chem_comp_atom.pdbx_ordinal 
ALA N    N  N N 1   
ALA CA   C  N S 2   
ALA C    C  N N 3   
ALA O    O  N N 4   
ALA CB   C  N N 5   
ALA OXT  O  N N 6   
ALA H    H  N N 7   
ALA H2   H  N N 8   
ALA HA   H  N N 9   
ALA HB1  H  N N 10  
ALA HB2  H  N N 11  
ALA HB3  H  N N 12  
ALA HXT  H  N N 13  
ARG N    N  N N 14  
ARG CA   C  N S 15  
ARG C    C  N N 16  
ARG O    O  N N 17  
ARG CB   C  N N 18  
ARG CG   C  N N 19  
ARG CD   C  N N 20  
ARG NE   N  N N 21  
ARG CZ   C  N N 22  
ARG NH1  N  N N 23  
ARG NH2  N  N N 24  
ARG OXT  O  N N 25  
ARG H    H  N N 26  
ARG H2   H  N N 27  
ARG HA   H  N N 28  
ARG HB2  H  N N 29  
ARG HB3  H  N N 30  
ARG HG2  H  N N 31  
ARG HG3  H  N N 32  
ARG HD2  H  N N 33  
ARG HD3  H  N N 34  
ARG HE   H  N N 35  
ARG HH11 H  N N 36  
ARG HH12 H  N N 37  
ARG HH21 H  N N 38  
ARG HH22 H  N N 39  
ARG HXT  H  N N 40  
ASN N    N  N N 41  
ASN CA   C  N S 42  
ASN C    C  N N 43  
ASN O    O  N N 44  
ASN CB   C  N N 45  
ASN CG   C  N N 46  
ASN OD1  O  N N 47  
ASN ND2  N  N N 48  
ASN OXT  O  N N 49  
ASN H    H  N N 50  
ASN H2   H  N N 51  
ASN HA   H  N N 52  
ASN HB2  H  N N 53  
ASN HB3  H  N N 54  
ASN HD21 H  N N 55  
ASN HD22 H  N N 56  
ASN HXT  H  N N 57  
ASP N    N  N N 58  
ASP CA   C  N S 59  
ASP C    C  N N 60  
ASP O    O  N N 61  
ASP CB   C  N N 62  
ASP CG   C  N N 63  
ASP OD1  O  N N 64  
ASP OD2  O  N N 65  
ASP OXT  O  N N 66  
ASP H    H  N N 67  
ASP H2   H  N N 68  
ASP HA   H  N N 69  
ASP HB2  H  N N 70  
ASP HB3  H  N N 71  
ASP HD2  H  N N 72  
ASP HXT  H  N N 73  
CYS N    N  N N 74  
CYS CA   C  N R 75  
CYS C    C  N N 76  
CYS O    O  N N 77  
CYS CB   C  N N 78  
CYS SG   S  N N 79  
CYS OXT  O  N N 80  
CYS H    H  N N 81  
CYS H2   H  N N 82  
CYS HA   H  N N 83  
CYS HB2  H  N N 84  
CYS HB3  H  N N 85  
CYS HG   H  N N 86  
CYS HXT  H  N N 87  
DIF C1   C  Y N 88  
DIF C2   C  Y N 89  
DIF CL2  CL N N 90  
DIF C3   C  Y N 91  
DIF C4   C  Y N 92  
DIF CL4  CL N N 93  
DIF C5   C  Y N 94  
DIF C6   C  Y N 95  
DIF N1   N  N N 96  
DIF C7   C  Y N 97  
DIF C8   C  Y N 98  
DIF C9   C  Y N 99  
DIF C10  C  Y N 100 
DIF C11  C  Y N 101 
DIF C12  C  Y N 102 
DIF C13  C  N N 103 
DIF C14  C  N N 104 
DIF O1   O  N N 105 
DIF O2   O  N N 106 
DIF H1   H  N N 107 
DIF H5   H  N N 108 
DIF H6   H  N N 109 
DIF HN1  H  N N 110 
DIF H9   H  N N 111 
DIF H10  H  N N 112 
DIF H11  H  N N 113 
DIF H12  H  N N 114 
DIF H131 H  N N 115 
DIF H132 H  N N 116 
DIF HO1  H  N N 117 
GLN N    N  N N 118 
GLN CA   C  N S 119 
GLN C    C  N N 120 
GLN O    O  N N 121 
GLN CB   C  N N 122 
GLN CG   C  N N 123 
GLN CD   C  N N 124 
GLN OE1  O  N N 125 
GLN NE2  N  N N 126 
GLN OXT  O  N N 127 
GLN H    H  N N 128 
GLN H2   H  N N 129 
GLN HA   H  N N 130 
GLN HB2  H  N N 131 
GLN HB3  H  N N 132 
GLN HG2  H  N N 133 
GLN HG3  H  N N 134 
GLN HE21 H  N N 135 
GLN HE22 H  N N 136 
GLN HXT  H  N N 137 
GLU N    N  N N 138 
GLU CA   C  N S 139 
GLU C    C  N N 140 
GLU O    O  N N 141 
GLU CB   C  N N 142 
GLU CG   C  N N 143 
GLU CD   C  N N 144 
GLU OE1  O  N N 145 
GLU OE2  O  N N 146 
GLU OXT  O  N N 147 
GLU H    H  N N 148 
GLU H2   H  N N 149 
GLU HA   H  N N 150 
GLU HB2  H  N N 151 
GLU HB3  H  N N 152 
GLU HG2  H  N N 153 
GLU HG3  H  N N 154 
GLU HE2  H  N N 155 
GLU HXT  H  N N 156 
GLY N    N  N N 157 
GLY CA   C  N N 158 
GLY C    C  N N 159 
GLY O    O  N N 160 
GLY OXT  O  N N 161 
GLY H    H  N N 162 
GLY H2   H  N N 163 
GLY HA2  H  N N 164 
GLY HA3  H  N N 165 
GLY HXT  H  N N 166 
HIS N    N  N N 167 
HIS CA   C  N S 168 
HIS C    C  N N 169 
HIS O    O  N N 170 
HIS CB   C  N N 171 
HIS CG   C  Y N 172 
HIS ND1  N  Y N 173 
HIS CD2  C  Y N 174 
HIS CE1  C  Y N 175 
HIS NE2  N  Y N 176 
HIS OXT  O  N N 177 
HIS H    H  N N 178 
HIS H2   H  N N 179 
HIS HA   H  N N 180 
HIS HB2  H  N N 181 
HIS HB3  H  N N 182 
HIS HD1  H  N N 183 
HIS HD2  H  N N 184 
HIS HE1  H  N N 185 
HIS HE2  H  N N 186 
HIS HXT  H  N N 187 
HOH O    O  N N 188 
HOH H1   H  N N 189 
HOH H2   H  N N 190 
ILE N    N  N N 191 
ILE CA   C  N S 192 
ILE C    C  N N 193 
ILE O    O  N N 194 
ILE CB   C  N S 195 
ILE CG1  C  N N 196 
ILE CG2  C  N N 197 
ILE CD1  C  N N 198 
ILE OXT  O  N N 199 
ILE H    H  N N 200 
ILE H2   H  N N 201 
ILE HA   H  N N 202 
ILE HB   H  N N 203 
ILE HG12 H  N N 204 
ILE HG13 H  N N 205 
ILE HG21 H  N N 206 
ILE HG22 H  N N 207 
ILE HG23 H  N N 208 
ILE HD11 H  N N 209 
ILE HD12 H  N N 210 
ILE HD13 H  N N 211 
ILE HXT  H  N N 212 
LEU N    N  N N 213 
LEU CA   C  N S 214 
LEU C    C  N N 215 
LEU O    O  N N 216 
LEU CB   C  N N 217 
LEU CG   C  N N 218 
LEU CD1  C  N N 219 
LEU CD2  C  N N 220 
LEU OXT  O  N N 221 
LEU H    H  N N 222 
LEU H2   H  N N 223 
LEU HA   H  N N 224 
LEU HB2  H  N N 225 
LEU HB3  H  N N 226 
LEU HG   H  N N 227 
LEU HD11 H  N N 228 
LEU HD12 H  N N 229 
LEU HD13 H  N N 230 
LEU HD21 H  N N 231 
LEU HD22 H  N N 232 
LEU HD23 H  N N 233 
LEU HXT  H  N N 234 
LYS N    N  N N 235 
LYS CA   C  N S 236 
LYS C    C  N N 237 
LYS O    O  N N 238 
LYS CB   C  N N 239 
LYS CG   C  N N 240 
LYS CD   C  N N 241 
LYS CE   C  N N 242 
LYS NZ   N  N N 243 
LYS OXT  O  N N 244 
LYS H    H  N N 245 
LYS H2   H  N N 246 
LYS HA   H  N N 247 
LYS HB2  H  N N 248 
LYS HB3  H  N N 249 
LYS HG2  H  N N 250 
LYS HG3  H  N N 251 
LYS HD2  H  N N 252 
LYS HD3  H  N N 253 
LYS HE2  H  N N 254 
LYS HE3  H  N N 255 
LYS HZ1  H  N N 256 
LYS HZ2  H  N N 257 
LYS HZ3  H  N N 258 
LYS HXT  H  N N 259 
MET N    N  N N 260 
MET CA   C  N S 261 
MET C    C  N N 262 
MET O    O  N N 263 
MET CB   C  N N 264 
MET CG   C  N N 265 
MET SD   S  N N 266 
MET CE   C  N N 267 
MET OXT  O  N N 268 
MET H    H  N N 269 
MET H2   H  N N 270 
MET HA   H  N N 271 
MET HB2  H  N N 272 
MET HB3  H  N N 273 
MET HG2  H  N N 274 
MET HG3  H  N N 275 
MET HE1  H  N N 276 
MET HE2  H  N N 277 
MET HE3  H  N N 278 
MET HXT  H  N N 279 
PHE N    N  N N 280 
PHE CA   C  N S 281 
PHE C    C  N N 282 
PHE O    O  N N 283 
PHE CB   C  N N 284 
PHE CG   C  Y N 285 
PHE CD1  C  Y N 286 
PHE CD2  C  Y N 287 
PHE CE1  C  Y N 288 
PHE CE2  C  Y N 289 
PHE CZ   C  Y N 290 
PHE OXT  O  N N 291 
PHE H    H  N N 292 
PHE H2   H  N N 293 
PHE HA   H  N N 294 
PHE HB2  H  N N 295 
PHE HB3  H  N N 296 
PHE HD1  H  N N 297 
PHE HD2  H  N N 298 
PHE HE1  H  N N 299 
PHE HE2  H  N N 300 
PHE HZ   H  N N 301 
PHE HXT  H  N N 302 
PRO N    N  N N 303 
PRO CA   C  N S 304 
PRO C    C  N N 305 
PRO O    O  N N 306 
PRO CB   C  N N 307 
PRO CG   C  N N 308 
PRO CD   C  N N 309 
PRO OXT  O  N N 310 
PRO H    H  N N 311 
PRO HA   H  N N 312 
PRO HB2  H  N N 313 
PRO HB3  H  N N 314 
PRO HG2  H  N N 315 
PRO HG3  H  N N 316 
PRO HD2  H  N N 317 
PRO HD3  H  N N 318 
PRO HXT  H  N N 319 
SER N    N  N N 320 
SER CA   C  N S 321 
SER C    C  N N 322 
SER O    O  N N 323 
SER CB   C  N N 324 
SER OG   O  N N 325 
SER OXT  O  N N 326 
SER H    H  N N 327 
SER H2   H  N N 328 
SER HA   H  N N 329 
SER HB2  H  N N 330 
SER HB3  H  N N 331 
SER HG   H  N N 332 
SER HXT  H  N N 333 
SO4 S    S  N N 334 
SO4 O1   O  N N 335 
SO4 O2   O  N N 336 
SO4 O3   O  N N 337 
SO4 O4   O  N N 338 
THR N    N  N N 339 
THR CA   C  N S 340 
THR C    C  N N 341 
THR O    O  N N 342 
THR CB   C  N R 343 
THR OG1  O  N N 344 
THR CG2  C  N N 345 
THR OXT  O  N N 346 
THR H    H  N N 347 
THR H2   H  N N 348 
THR HA   H  N N 349 
THR HB   H  N N 350 
THR HG1  H  N N 351 
THR HG21 H  N N 352 
THR HG22 H  N N 353 
THR HG23 H  N N 354 
THR HXT  H  N N 355 
TRP N    N  N N 356 
TRP CA   C  N S 357 
TRP C    C  N N 358 
TRP O    O  N N 359 
TRP CB   C  N N 360 
TRP CG   C  Y N 361 
TRP CD1  C  Y N 362 
TRP CD2  C  Y N 363 
TRP NE1  N  Y N 364 
TRP CE2  C  Y N 365 
TRP CE3  C  Y N 366 
TRP CZ2  C  Y N 367 
TRP CZ3  C  Y N 368 
TRP CH2  C  Y N 369 
TRP OXT  O  N N 370 
TRP H    H  N N 371 
TRP H2   H  N N 372 
TRP HA   H  N N 373 
TRP HB2  H  N N 374 
TRP HB3  H  N N 375 
TRP HD1  H  N N 376 
TRP HE1  H  N N 377 
TRP HE3  H  N N 378 
TRP HZ2  H  N N 379 
TRP HZ3  H  N N 380 
TRP HH2  H  N N 381 
TRP HXT  H  N N 382 
TYR N    N  N N 383 
TYR CA   C  N S 384 
TYR C    C  N N 385 
TYR O    O  N N 386 
TYR CB   C  N N 387 
TYR CG   C  Y N 388 
TYR CD1  C  Y N 389 
TYR CD2  C  Y N 390 
TYR CE1  C  Y N 391 
TYR CE2  C  Y N 392 
TYR CZ   C  Y N 393 
TYR OH   O  N N 394 
TYR OXT  O  N N 395 
TYR H    H  N N 396 
TYR H2   H  N N 397 
TYR HA   H  N N 398 
TYR HB2  H  N N 399 
TYR HB3  H  N N 400 
TYR HD1  H  N N 401 
TYR HD2  H  N N 402 
TYR HE1  H  N N 403 
TYR HE2  H  N N 404 
TYR HH   H  N N 405 
TYR HXT  H  N N 406 
VAL N    N  N N 407 
VAL CA   C  N S 408 
VAL C    C  N N 409 
VAL O    O  N N 410 
VAL CB   C  N N 411 
VAL CG1  C  N N 412 
VAL CG2  C  N N 413 
VAL OXT  O  N N 414 
VAL H    H  N N 415 
VAL H2   H  N N 416 
VAL HA   H  N N 417 
VAL HB   H  N N 418 
VAL HG11 H  N N 419 
VAL HG12 H  N N 420 
VAL HG13 H  N N 421 
VAL HG21 H  N N 422 
VAL HG22 H  N N 423 
VAL HG23 H  N N 424 
VAL HXT  H  N N 425 
# 
loop_
_chem_comp_bond.comp_id 
_chem_comp_bond.atom_id_1 
_chem_comp_bond.atom_id_2 
_chem_comp_bond.value_order 
_chem_comp_bond.pdbx_aromatic_flag 
_chem_comp_bond.pdbx_stereo_config 
_chem_comp_bond.pdbx_ordinal 
ALA N   CA   sing N N 1   
ALA N   H    sing N N 2   
ALA N   H2   sing N N 3   
ALA CA  C    sing N N 4   
ALA CA  CB   sing N N 5   
ALA CA  HA   sing N N 6   
ALA C   O    doub N N 7   
ALA C   OXT  sing N N 8   
ALA CB  HB1  sing N N 9   
ALA CB  HB2  sing N N 10  
ALA CB  HB3  sing N N 11  
ALA OXT HXT  sing N N 12  
ARG N   CA   sing N N 13  
ARG N   H    sing N N 14  
ARG N   H2   sing N N 15  
ARG CA  C    sing N N 16  
ARG CA  CB   sing N N 17  
ARG CA  HA   sing N N 18  
ARG C   O    doub N N 19  
ARG C   OXT  sing N N 20  
ARG CB  CG   sing N N 21  
ARG CB  HB2  sing N N 22  
ARG CB  HB3  sing N N 23  
ARG CG  CD   sing N N 24  
ARG CG  HG2  sing N N 25  
ARG CG  HG3  sing N N 26  
ARG CD  NE   sing N N 27  
ARG CD  HD2  sing N N 28  
ARG CD  HD3  sing N N 29  
ARG NE  CZ   sing N N 30  
ARG NE  HE   sing N N 31  
ARG CZ  NH1  sing N N 32  
ARG CZ  NH2  doub N N 33  
ARG NH1 HH11 sing N N 34  
ARG NH1 HH12 sing N N 35  
ARG NH2 HH21 sing N N 36  
ARG NH2 HH22 sing N N 37  
ARG OXT HXT  sing N N 38  
ASN N   CA   sing N N 39  
ASN N   H    sing N N 40  
ASN N   H2   sing N N 41  
ASN CA  C    sing N N 42  
ASN CA  CB   sing N N 43  
ASN CA  HA   sing N N 44  
ASN C   O    doub N N 45  
ASN C   OXT  sing N N 46  
ASN CB  CG   sing N N 47  
ASN CB  HB2  sing N N 48  
ASN CB  HB3  sing N N 49  
ASN CG  OD1  doub N N 50  
ASN CG  ND2  sing N N 51  
ASN ND2 HD21 sing N N 52  
ASN ND2 HD22 sing N N 53  
ASN OXT HXT  sing N N 54  
ASP N   CA   sing N N 55  
ASP N   H    sing N N 56  
ASP N   H2   sing N N 57  
ASP CA  C    sing N N 58  
ASP CA  CB   sing N N 59  
ASP CA  HA   sing N N 60  
ASP C   O    doub N N 61  
ASP C   OXT  sing N N 62  
ASP CB  CG   sing N N 63  
ASP CB  HB2  sing N N 64  
ASP CB  HB3  sing N N 65  
ASP CG  OD1  doub N N 66  
ASP CG  OD2  sing N N 67  
ASP OD2 HD2  sing N N 68  
ASP OXT HXT  sing N N 69  
CYS N   CA   sing N N 70  
CYS N   H    sing N N 71  
CYS N   H2   sing N N 72  
CYS CA  C    sing N N 73  
CYS CA  CB   sing N N 74  
CYS CA  HA   sing N N 75  
CYS C   O    doub N N 76  
CYS C   OXT  sing N N 77  
CYS CB  SG   sing N N 78  
CYS CB  HB2  sing N N 79  
CYS CB  HB3  sing N N 80  
CYS SG  HG   sing N N 81  
CYS OXT HXT  sing N N 82  
DIF C1  C2   doub Y N 83  
DIF C1  C6   sing Y N 84  
DIF C1  H1   sing N N 85  
DIF C2  CL2  sing N N 86  
DIF C2  C3   sing Y N 87  
DIF C3  C4   doub Y N 88  
DIF C3  N1   sing N N 89  
DIF C4  CL4  sing N N 90  
DIF C4  C5   sing Y N 91  
DIF C5  C6   doub Y N 92  
DIF C5  H5   sing N N 93  
DIF C6  H6   sing N N 94  
DIF N1  C8   sing N N 95  
DIF N1  HN1  sing N N 96  
DIF C7  C8   doub Y N 97  
DIF C7  C12  sing Y N 98  
DIF C7  C13  sing N N 99  
DIF C8  C9   sing Y N 100 
DIF C9  C10  doub Y N 101 
DIF C9  H9   sing N N 102 
DIF C10 C11  sing Y N 103 
DIF C10 H10  sing N N 104 
DIF C11 C12  doub Y N 105 
DIF C11 H11  sing N N 106 
DIF C12 H12  sing N N 107 
DIF C13 C14  sing N N 108 
DIF C13 H131 sing N N 109 
DIF C13 H132 sing N N 110 
DIF C14 O1   sing N N 111 
DIF C14 O2   doub N N 112 
DIF O1  HO1  sing N N 113 
GLN N   CA   sing N N 114 
GLN N   H    sing N N 115 
GLN N   H2   sing N N 116 
GLN CA  C    sing N N 117 
GLN CA  CB   sing N N 118 
GLN CA  HA   sing N N 119 
GLN C   O    doub N N 120 
GLN C   OXT  sing N N 121 
GLN CB  CG   sing N N 122 
GLN CB  HB2  sing N N 123 
GLN CB  HB3  sing N N 124 
GLN CG  CD   sing N N 125 
GLN CG  HG2  sing N N 126 
GLN CG  HG3  sing N N 127 
GLN CD  OE1  doub N N 128 
GLN CD  NE2  sing N N 129 
GLN NE2 HE21 sing N N 130 
GLN NE2 HE22 sing N N 131 
GLN OXT HXT  sing N N 132 
GLU N   CA   sing N N 133 
GLU N   H    sing N N 134 
GLU N   H2   sing N N 135 
GLU CA  C    sing N N 136 
GLU CA  CB   sing N N 137 
GLU CA  HA   sing N N 138 
GLU C   O    doub N N 139 
GLU C   OXT  sing N N 140 
GLU CB  CG   sing N N 141 
GLU CB  HB2  sing N N 142 
GLU CB  HB3  sing N N 143 
GLU CG  CD   sing N N 144 
GLU CG  HG2  sing N N 145 
GLU CG  HG3  sing N N 146 
GLU CD  OE1  doub N N 147 
GLU CD  OE2  sing N N 148 
GLU OE2 HE2  sing N N 149 
GLU OXT HXT  sing N N 150 
GLY N   CA   sing N N 151 
GLY N   H    sing N N 152 
GLY N   H2   sing N N 153 
GLY CA  C    sing N N 154 
GLY CA  HA2  sing N N 155 
GLY CA  HA3  sing N N 156 
GLY C   O    doub N N 157 
GLY C   OXT  sing N N 158 
GLY OXT HXT  sing N N 159 
HIS N   CA   sing N N 160 
HIS N   H    sing N N 161 
HIS N   H2   sing N N 162 
HIS CA  C    sing N N 163 
HIS CA  CB   sing N N 164 
HIS CA  HA   sing N N 165 
HIS C   O    doub N N 166 
HIS C   OXT  sing N N 167 
HIS CB  CG   sing N N 168 
HIS CB  HB2  sing N N 169 
HIS CB  HB3  sing N N 170 
HIS CG  ND1  sing Y N 171 
HIS CG  CD2  doub Y N 172 
HIS ND1 CE1  doub Y N 173 
HIS ND1 HD1  sing N N 174 
HIS CD2 NE2  sing Y N 175 
HIS CD2 HD2  sing N N 176 
HIS CE1 NE2  sing Y N 177 
HIS CE1 HE1  sing N N 178 
HIS NE2 HE2  sing N N 179 
HIS OXT HXT  sing N N 180 
HOH O   H1   sing N N 181 
HOH O   H2   sing N N 182 
ILE N   CA   sing N N 183 
ILE N   H    sing N N 184 
ILE N   H2   sing N N 185 
ILE CA  C    sing N N 186 
ILE CA  CB   sing N N 187 
ILE CA  HA   sing N N 188 
ILE C   O    doub N N 189 
ILE C   OXT  sing N N 190 
ILE CB  CG1  sing N N 191 
ILE CB  CG2  sing N N 192 
ILE CB  HB   sing N N 193 
ILE CG1 CD1  sing N N 194 
ILE CG1 HG12 sing N N 195 
ILE CG1 HG13 sing N N 196 
ILE CG2 HG21 sing N N 197 
ILE CG2 HG22 sing N N 198 
ILE CG2 HG23 sing N N 199 
ILE CD1 HD11 sing N N 200 
ILE CD1 HD12 sing N N 201 
ILE CD1 HD13 sing N N 202 
ILE OXT HXT  sing N N 203 
LEU N   CA   sing N N 204 
LEU N   H    sing N N 205 
LEU N   H2   sing N N 206 
LEU CA  C    sing N N 207 
LEU CA  CB   sing N N 208 
LEU CA  HA   sing N N 209 
LEU C   O    doub N N 210 
LEU C   OXT  sing N N 211 
LEU CB  CG   sing N N 212 
LEU CB  HB2  sing N N 213 
LEU CB  HB3  sing N N 214 
LEU CG  CD1  sing N N 215 
LEU CG  CD2  sing N N 216 
LEU CG  HG   sing N N 217 
LEU CD1 HD11 sing N N 218 
LEU CD1 HD12 sing N N 219 
LEU CD1 HD13 sing N N 220 
LEU CD2 HD21 sing N N 221 
LEU CD2 HD22 sing N N 222 
LEU CD2 HD23 sing N N 223 
LEU OXT HXT  sing N N 224 
LYS N   CA   sing N N 225 
LYS N   H    sing N N 226 
LYS N   H2   sing N N 227 
LYS CA  C    sing N N 228 
LYS CA  CB   sing N N 229 
LYS CA  HA   sing N N 230 
LYS C   O    doub N N 231 
LYS C   OXT  sing N N 232 
LYS CB  CG   sing N N 233 
LYS CB  HB2  sing N N 234 
LYS CB  HB3  sing N N 235 
LYS CG  CD   sing N N 236 
LYS CG  HG2  sing N N 237 
LYS CG  HG3  sing N N 238 
LYS CD  CE   sing N N 239 
LYS CD  HD2  sing N N 240 
LYS CD  HD3  sing N N 241 
LYS CE  NZ   sing N N 242 
LYS CE  HE2  sing N N 243 
LYS CE  HE3  sing N N 244 
LYS NZ  HZ1  sing N N 245 
LYS NZ  HZ2  sing N N 246 
LYS NZ  HZ3  sing N N 247 
LYS OXT HXT  sing N N 248 
MET N   CA   sing N N 249 
MET N   H    sing N N 250 
MET N   H2   sing N N 251 
MET CA  C    sing N N 252 
MET CA  CB   sing N N 253 
MET CA  HA   sing N N 254 
MET C   O    doub N N 255 
MET C   OXT  sing N N 256 
MET CB  CG   sing N N 257 
MET CB  HB2  sing N N 258 
MET CB  HB3  sing N N 259 
MET CG  SD   sing N N 260 
MET CG  HG2  sing N N 261 
MET CG  HG3  sing N N 262 
MET SD  CE   sing N N 263 
MET CE  HE1  sing N N 264 
MET CE  HE2  sing N N 265 
MET CE  HE3  sing N N 266 
MET OXT HXT  sing N N 267 
PHE N   CA   sing N N 268 
PHE N   H    sing N N 269 
PHE N   H2   sing N N 270 
PHE CA  C    sing N N 271 
PHE CA  CB   sing N N 272 
PHE CA  HA   sing N N 273 
PHE C   O    doub N N 274 
PHE C   OXT  sing N N 275 
PHE CB  CG   sing N N 276 
PHE CB  HB2  sing N N 277 
PHE CB  HB3  sing N N 278 
PHE CG  CD1  doub Y N 279 
PHE CG  CD2  sing Y N 280 
PHE CD1 CE1  sing Y N 281 
PHE CD1 HD1  sing N N 282 
PHE CD2 CE2  doub Y N 283 
PHE CD2 HD2  sing N N 284 
PHE CE1 CZ   doub Y N 285 
PHE CE1 HE1  sing N N 286 
PHE CE2 CZ   sing Y N 287 
PHE CE2 HE2  sing N N 288 
PHE CZ  HZ   sing N N 289 
PHE OXT HXT  sing N N 290 
PRO N   CA   sing N N 291 
PRO N   CD   sing N N 292 
PRO N   H    sing N N 293 
PRO CA  C    sing N N 294 
PRO CA  CB   sing N N 295 
PRO CA  HA   sing N N 296 
PRO C   O    doub N N 297 
PRO C   OXT  sing N N 298 
PRO CB  CG   sing N N 299 
PRO CB  HB2  sing N N 300 
PRO CB  HB3  sing N N 301 
PRO CG  CD   sing N N 302 
PRO CG  HG2  sing N N 303 
PRO CG  HG3  sing N N 304 
PRO CD  HD2  sing N N 305 
PRO CD  HD3  sing N N 306 
PRO OXT HXT  sing N N 307 
SER N   CA   sing N N 308 
SER N   H    sing N N 309 
SER N   H2   sing N N 310 
SER CA  C    sing N N 311 
SER CA  CB   sing N N 312 
SER CA  HA   sing N N 313 
SER C   O    doub N N 314 
SER C   OXT  sing N N 315 
SER CB  OG   sing N N 316 
SER CB  HB2  sing N N 317 
SER CB  HB3  sing N N 318 
SER OG  HG   sing N N 319 
SER OXT HXT  sing N N 320 
SO4 S   O1   doub N N 321 
SO4 S   O2   doub N N 322 
SO4 S   O3   sing N N 323 
SO4 S   O4   sing N N 324 
THR N   CA   sing N N 325 
THR N   H    sing N N 326 
THR N   H2   sing N N 327 
THR CA  C    sing N N 328 
THR CA  CB   sing N N 329 
THR CA  HA   sing N N 330 
THR C   O    doub N N 331 
THR C   OXT  sing N N 332 
THR CB  OG1  sing N N 333 
THR CB  CG2  sing N N 334 
THR CB  HB   sing N N 335 
THR OG1 HG1  sing N N 336 
THR CG2 HG21 sing N N 337 
THR CG2 HG22 sing N N 338 
THR CG2 HG23 sing N N 339 
THR OXT HXT  sing N N 340 
TRP N   CA   sing N N 341 
TRP N   H    sing N N 342 
TRP N   H2   sing N N 343 
TRP CA  C    sing N N 344 
TRP CA  CB   sing N N 345 
TRP CA  HA   sing N N 346 
TRP C   O    doub N N 347 
TRP C   OXT  sing N N 348 
TRP CB  CG   sing N N 349 
TRP CB  HB2  sing N N 350 
TRP CB  HB3  sing N N 351 
TRP CG  CD1  doub Y N 352 
TRP CG  CD2  sing Y N 353 
TRP CD1 NE1  sing Y N 354 
TRP CD1 HD1  sing N N 355 
TRP CD2 CE2  doub Y N 356 
TRP CD2 CE3  sing Y N 357 
TRP NE1 CE2  sing Y N 358 
TRP NE1 HE1  sing N N 359 
TRP CE2 CZ2  sing Y N 360 
TRP CE3 CZ3  doub Y N 361 
TRP CE3 HE3  sing N N 362 
TRP CZ2 CH2  doub Y N 363 
TRP CZ2 HZ2  sing N N 364 
TRP CZ3 CH2  sing Y N 365 
TRP CZ3 HZ3  sing N N 366 
TRP CH2 HH2  sing N N 367 
TRP OXT HXT  sing N N 368 
TYR N   CA   sing N N 369 
TYR N   H    sing N N 370 
TYR N   H2   sing N N 371 
TYR CA  C    sing N N 372 
TYR CA  CB   sing N N 373 
TYR CA  HA   sing N N 374 
TYR C   O    doub N N 375 
TYR C   OXT  sing N N 376 
TYR CB  CG   sing N N 377 
TYR CB  HB2  sing N N 378 
TYR CB  HB3  sing N N 379 
TYR CG  CD1  doub Y N 380 
TYR CG  CD2  sing Y N 381 
TYR CD1 CE1  sing Y N 382 
TYR CD1 HD1  sing N N 383 
TYR CD2 CE2  doub Y N 384 
TYR CD2 HD2  sing N N 385 
TYR CE1 CZ   doub Y N 386 
TYR CE1 HE1  sing N N 387 
TYR CE2 CZ   sing Y N 388 
TYR CE2 HE2  sing N N 389 
TYR CZ  OH   sing N N 390 
TYR OH  HH   sing N N 391 
TYR OXT HXT  sing N N 392 
VAL N   CA   sing N N 393 
VAL N   H    sing N N 394 
VAL N   H2   sing N N 395 
VAL CA  C    sing N N 396 
VAL CA  CB   sing N N 397 
VAL CA  HA   sing N N 398 
VAL C   O    doub N N 399 
VAL C   OXT  sing N N 400 
VAL CB  CG1  sing N N 401 
VAL CB  CG2  sing N N 402 
VAL CB  HB   sing N N 403 
VAL CG1 HG11 sing N N 404 
VAL CG1 HG12 sing N N 405 
VAL CG1 HG13 sing N N 406 
VAL CG2 HG21 sing N N 407 
VAL CG2 HG22 sing N N 408 
VAL CG2 HG23 sing N N 409 
VAL OXT HXT  sing N N 410 
# 
_atom_sites.entry_id                    2B17 
_atom_sites.fract_transf_matrix[1][1]   0.01845545 
_atom_sites.fract_transf_matrix[1][2]   0.00312954 
_atom_sites.fract_transf_matrix[1][3]   0.00221920 
_atom_sites.fract_transf_matrix[2][1]   0.00141032 
_atom_sites.fract_transf_matrix[2][2]   -0.01567427 
_atom_sites.fract_transf_matrix[2][3]   0.01037549 
_atom_sites.fract_transf_matrix[3][1]   0.00390822 
_atom_sites.fract_transf_matrix[3][2]   -0.01094540 
_atom_sites.fract_transf_matrix[3][3]   -0.01706646 
_atom_sites.fract_transf_vector[1]      0.971182 
_atom_sites.fract_transf_vector[2]      0.662369 
_atom_sites.fract_transf_vector[3]      0.001228 
# 
loop_
_atom_type.symbol 
C  
CL 
N  
O  
S  
# 
loop_
_atom_site.group_PDB 
_atom_site.id 
_atom_site.type_symbol 
_atom_site.label_atom_id 
_atom_site.label_alt_id 
_atom_site.label_comp_id 
_atom_site.label_asym_id 
_atom_site.label_entity_id 
_atom_site.label_seq_id 
_atom_site.pdbx_PDB_ins_code 
_atom_site.Cartn_x 
_atom_site.Cartn_y 
_atom_site.Cartn_z 
_atom_site.occupancy 
_atom_site.B_iso_or_equiv 
_atom_site.pdbx_formal_charge 
_atom_site.auth_seq_id 
_atom_site.auth_comp_id 
_atom_site.auth_asym_id 
_atom_site.auth_atom_id 
_atom_site.pdbx_PDB_model_num 
ATOM   1    N  N   . SER A 1 1   ? -8.406  -7.725  -1.110  1.00 26.58 ? 1   SER A N   1 
ATOM   2    C  CA  . SER A 1 1   ? -8.015  -7.783  -2.542  1.00 26.36 ? 1   SER A CA  1 
ATOM   3    C  C   . SER A 1 1   ? -7.750  -6.375  -3.050  1.00 26.34 ? 1   SER A C   1 
ATOM   4    O  O   . SER A 1 1   ? -8.152  -5.396  -2.426  1.00 24.66 ? 1   SER A O   1 
ATOM   5    C  CB  . SER A 1 1   ? -9.124  -8.438  -3.376  1.00 26.67 ? 1   SER A CB  1 
ATOM   6    O  OG  . SER A 1 1   ? -10.284 -7.625  -3.429  1.00 27.25 ? 1   SER A OG  1 
ATOM   7    N  N   . LEU A 1 2   ? -7.070  -6.281  -4.187  1.00 27.73 ? 2   LEU A N   1 
ATOM   8    C  CA  . LEU A 1 2   ? -6.743  -4.991  -4.778  1.00 29.05 ? 2   LEU A CA  1 
ATOM   9    C  C   . LEU A 1 2   ? -7.970  -4.081  -4.746  1.00 29.15 ? 2   LEU A C   1 
ATOM   10   O  O   . LEU A 1 2   ? -7.866  -2.885  -4.483  1.00 30.68 ? 2   LEU A O   1 
ATOM   11   C  CB  . LEU A 1 2   ? -6.254  -5.198  -6.216  1.00 29.48 ? 2   LEU A CB  1 
ATOM   12   C  CG  . LEU A 1 2   ? -4.977  -4.446  -6.615  1.00 30.45 ? 2   LEU A CG  1 
ATOM   13   C  CD1 . LEU A 1 2   ? -3.927  -4.566  -5.517  1.00 30.21 ? 2   LEU A CD1 1 
ATOM   14   C  CD2 . LEU A 1 2   ? -4.439  -5.002  -7.925  1.00 30.39 ? 2   LEU A CD2 1 
ATOM   15   N  N   . LEU A 1 3   ? -9.131  -4.675  -4.990  1.00 28.23 ? 3   LEU A N   1 
ATOM   16   C  CA  . LEU A 1 3   ? -10.402 -3.961  -5.000  1.00 27.42 ? 3   LEU A CA  1 
ATOM   17   C  C   . LEU A 1 3   ? -10.691 -3.210  -3.683  1.00 26.54 ? 3   LEU A C   1 
ATOM   18   O  O   . LEU A 1 3   ? -11.109 -2.055  -3.703  1.00 26.16 ? 3   LEU A O   1 
ATOM   19   C  CB  . LEU A 1 3   ? -11.509 -4.969  -5.346  1.00 28.95 ? 3   LEU A CB  1 
ATOM   20   C  CG  . LEU A 1 3   ? -13.006 -4.794  -5.071  1.00 30.31 ? 3   LEU A CG  1 
ATOM   21   C  CD1 . LEU A 1 3   ? -13.267 -4.985  -3.590  1.00 32.62 ? 3   LEU A CD1 1 
ATOM   22   C  CD2 . LEU A 1 3   ? -13.483 -3.442  -5.544  1.00 31.26 ? 3   LEU A CD2 1 
ATOM   23   N  N   . GLU A 1 4   ? -10.457 -3.858  -2.545  1.00 25.37 ? 4   GLU A N   1 
ATOM   24   C  CA  . GLU A 1 4   ? -10.687 -3.236  -1.239  1.00 23.23 ? 4   GLU A CA  1 
ATOM   25   C  C   . GLU A 1 4   ? -9.641  -2.176  -0.905  1.00 22.26 ? 4   GLU A C   1 
ATOM   26   O  O   . GLU A 1 4   ? -9.959  -1.107  -0.375  1.00 21.61 ? 4   GLU A O   1 
ATOM   27   C  CB  . GLU A 1 4   ? -10.667 -4.288  -0.119  1.00 24.02 ? 4   GLU A CB  1 
ATOM   28   C  CG  . GLU A 1 4   ? -11.974 -5.033  0.093   1.00 27.45 ? 4   GLU A CG  1 
ATOM   29   C  CD  . GLU A 1 4   ? -12.178 -6.154  -0.902  1.00 28.86 ? 4   GLU A CD  1 
ATOM   30   O  OE1 . GLU A 1 4   ? -13.330 -6.609  -1.063  1.00 30.84 ? 4   GLU A OE1 1 
ATOM   31   O  OE2 . GLU A 1 4   ? -11.182 -6.589  -1.512  1.00 28.13 ? 4   GLU A OE2 1 
ATOM   32   N  N   . PHE A 1 5   ? -8.387  -2.493  -1.207  1.00 20.04 ? 5   PHE A N   1 
ATOM   33   C  CA  . PHE A 1 5   ? -7.270  -1.607  -0.927  1.00 18.40 ? 5   PHE A CA  1 
ATOM   34   C  C   . PHE A 1 5   ? -7.443  -0.222  -1.548  1.00 19.10 ? 5   PHE A C   1 
ATOM   35   O  O   . PHE A 1 5   ? -7.249  0.790   -0.879  1.00 19.89 ? 5   PHE A O   1 
ATOM   36   C  CB  . PHE A 1 5   ? -5.980  -2.265  -1.425  1.00 16.06 ? 5   PHE A CB  1 
ATOM   37   C  CG  . PHE A 1 5   ? -4.722  -1.577  -0.976  1.00 12.08 ? 5   PHE A CG  1 
ATOM   38   C  CD1 . PHE A 1 5   ? -4.629  -1.015  0.288   1.00 12.02 ? 5   PHE A CD1 1 
ATOM   39   C  CD2 . PHE A 1 5   ? -3.609  -1.543  -1.805  1.00 11.91 ? 5   PHE A CD2 1 
ATOM   40   C  CE1 . PHE A 1 5   ? -3.446  -0.434  0.725   1.00 11.33 ? 5   PHE A CE1 1 
ATOM   41   C  CE2 . PHE A 1 5   ? -2.424  -0.966  -1.380  1.00 11.93 ? 5   PHE A CE2 1 
ATOM   42   C  CZ  . PHE A 1 5   ? -2.339  -0.408  -0.114  1.00 12.16 ? 5   PHE A CZ  1 
ATOM   43   N  N   . GLY A 1 6   ? -7.821  -0.180  -2.820  1.00 18.99 ? 6   GLY A N   1 
ATOM   44   C  CA  . GLY A 1 6   ? -8.004  1.096   -3.485  1.00 19.20 ? 6   GLY A CA  1 
ATOM   45   C  C   . GLY A 1 6   ? -9.096  1.922   -2.837  1.00 20.04 ? 6   GLY A C   1 
ATOM   46   O  O   . GLY A 1 6   ? -8.931  3.123   -2.615  1.00 19.40 ? 6   GLY A O   1 
ATOM   47   N  N   . LYS A 1 7   ? -10.220 1.279   -2.541  1.00 20.45 ? 7   LYS A N   1 
ATOM   48   C  CA  . LYS A 1 7   ? -11.334 1.965   -1.910  1.00 22.44 ? 7   LYS A CA  1 
ATOM   49   C  C   . LYS A 1 7   ? -10.865 2.501   -0.556  1.00 22.78 ? 7   LYS A C   1 
ATOM   50   O  O   . LYS A 1 7   ? -11.174 3.634   -0.175  1.00 21.57 ? 7   LYS A O   1 
ATOM   51   C  CB  . LYS A 1 7   ? -12.503 0.996   -1.743  1.00 25.19 ? 7   LYS A CB  1 
ATOM   52   C  CG  . LYS A 1 7   ? -13.708 1.555   -1.005  1.00 28.82 ? 7   LYS A CG  1 
ATOM   53   C  CD  . LYS A 1 7   ? -14.842 0.543   -1.015  1.00 32.35 ? 7   LYS A CD  1 
ATOM   54   C  CE  . LYS A 1 7   ? -15.928 0.887   0.004   1.00 36.08 ? 7   LYS A CE  1 
ATOM   55   N  NZ  . LYS A 1 7   ? -15.447 0.777   1.418   1.00 35.73 ? 7   LYS A NZ  1 
ATOM   56   N  N   . MET A 1 8   ? -10.105 1.678   0.159   1.00 22.68 ? 8   MET A N   1 
ATOM   57   C  CA  . MET A 1 8   ? -9.559  2.068   1.453   1.00 22.50 ? 8   MET A CA  1 
ATOM   58   C  C   . MET A 1 8   ? -8.682  3.308   1.234   1.00 21.72 ? 8   MET A C   1 
ATOM   59   O  O   . MET A 1 8   ? -8.765  4.285   1.991   1.00 21.02 ? 8   MET A O   1 
ATOM   60   C  CB  . MET A 1 8   ? -8.726  0.917   2.025   1.00 23.97 ? 8   MET A CB  1 
ATOM   61   C  CG  . MET A 1 8   ? -8.290  1.087   3.469   1.00 24.31 ? 8   MET A CG  1 
ATOM   62   S  SD  . MET A 1 8   ? -7.457  -0.377  4.115   1.00 25.53 ? 8   MET A SD  1 
ATOM   63   C  CE  . MET A 1 8   ? -8.860  -1.328  4.692   1.00 24.60 ? 8   MET A CE  1 
ATOM   64   N  N   . ILE A 1 9   ? -7.856  3.260   0.187   1.00 19.49 ? 9   ILE A N   1 
ATOM   65   C  CA  . ILE A 1 9   ? -6.969  4.367   -0.165  1.00 18.72 ? 9   ILE A CA  1 
ATOM   66   C  C   . ILE A 1 9   ? -7.778  5.652   -0.346  1.00 18.91 ? 9   ILE A C   1 
ATOM   67   O  O   . ILE A 1 9   ? -7.558  6.643   0.355   1.00 18.26 ? 9   ILE A O   1 
ATOM   68   C  CB  . ILE A 1 9   ? -6.211  4.100   -1.499  1.00 18.96 ? 9   ILE A CB  1 
ATOM   69   C  CG1 . ILE A 1 9   ? -5.391  2.807   -1.420  1.00 19.75 ? 9   ILE A CG1 1 
ATOM   70   C  CG2 . ILE A 1 9   ? -5.333  5.290   -1.843  1.00 17.82 ? 9   ILE A CG2 1 
ATOM   71   C  CD1 . ILE A 1 9   ? -3.997  2.939   -2.005  1.00 21.53 ? 9   ILE A CD1 1 
ATOM   72   N  N   . LEU A 1 10  ? -8.714  5.614   -1.294  1.00 18.79 ? 10  LEU A N   1 
ATOM   73   C  CA  . LEU A 1 10  ? -9.569  6.754   -1.616  1.00 17.57 ? 10  LEU A CA  1 
ATOM   74   C  C   . LEU A 1 10  ? -10.226 7.382   -0.393  1.00 17.96 ? 10  LEU A C   1 
ATOM   75   O  O   . LEU A 1 10  ? -10.143 8.593   -0.195  1.00 18.50 ? 10  LEU A O   1 
ATOM   76   C  CB  . LEU A 1 10  ? -10.652 6.333   -2.616  1.00 17.29 ? 10  LEU A CB  1 
ATOM   77   C  CG  . LEU A 1 10  ? -11.656 7.397   -3.079  1.00 16.61 ? 10  LEU A CG  1 
ATOM   78   C  CD1 . LEU A 1 10  ? -10.917 8.578   -3.692  1.00 14.72 ? 10  LEU A CD1 1 
ATOM   79   C  CD2 . LEU A 1 10  ? -12.620 6.786   -4.088  1.00 13.50 ? 10  LEU A CD2 1 
ATOM   80   N  N   . GLU A 1 11  ? -10.879 6.570   0.431   1.00 17.67 ? 11  GLU A N   1 
ATOM   81   C  CA  . GLU A 1 11  ? -11.533 7.101   1.624   1.00 18.26 ? 11  GLU A CA  1 
ATOM   82   C  C   . GLU A 1 11  ? -10.514 7.788   2.508   1.00 18.57 ? 11  GLU A C   1 
ATOM   83   O  O   . GLU A 1 11  ? -10.765 8.852   3.064   1.00 18.18 ? 11  GLU A O   1 
ATOM   84   C  CB  . GLU A 1 11  ? -12.180 5.990   2.445   1.00 16.93 ? 11  GLU A CB  1 
ATOM   85   C  CG  . GLU A 1 11  ? -13.039 5.044   1.662   1.00 20.18 ? 11  GLU A CG  1 
ATOM   86   C  CD  . GLU A 1 11  ? -13.526 3.895   2.506   1.00 20.79 ? 11  GLU A CD  1 
ATOM   87   O  OE1 . GLU A 1 11  ? -12.760 3.432   3.380   1.00 22.53 ? 11  GLU A OE1 1 
ATOM   88   O  OE2 . GLU A 1 11  ? -14.669 3.446   2.288   1.00 21.75 ? 11  GLU A OE2 1 
ATOM   89   N  N   . GLU A 1 12  ? -9.352  7.165   2.626   1.00 20.25 ? 12  GLU A N   1 
ATOM   90   C  CA  . GLU A 1 12  ? -8.303  7.686   3.482   1.00 21.73 ? 12  GLU A CA  1 
ATOM   91   C  C   . GLU A 1 12  ? -7.610  8.940   2.962   1.00 23.48 ? 12  GLU A C   1 
ATOM   92   O  O   . GLU A 1 12  ? -7.450  9.906   3.706   1.00 24.97 ? 12  GLU A O   1 
ATOM   93   C  CB  . GLU A 1 12  ? -7.263  6.593   3.742   1.00 20.19 ? 12  GLU A CB  1 
ATOM   94   C  CG  . GLU A 1 12  ? -6.566  6.718   5.083   1.00 18.85 ? 12  GLU A CG  1 
ATOM   95   C  CD  . GLU A 1 12  ? -7.504  6.463   6.251   1.00 18.61 ? 12  GLU A CD  1 
ATOM   96   O  OE1 . GLU A 1 12  ? -7.090  6.693   7.410   1.00 19.51 ? 12  GLU A OE1 1 
ATOM   97   O  OE2 . GLU A 1 12  ? -8.651  6.031   6.014   1.00 17.49 ? 12  GLU A OE2 1 
ATOM   98   N  N   . THR A 1 13  ? -7.218  8.939   1.691   1.00 24.03 ? 13  THR A N   1 
ATOM   99   C  CA  . THR A 1 13  ? -6.498  10.075  1.124   1.00 25.01 ? 13  THR A CA  1 
ATOM   100  C  C   . THR A 1 13  ? -7.260  10.996  0.189   1.00 26.03 ? 13  THR A C   1 
ATOM   101  O  O   . THR A 1 13  ? -6.774  12.076  -0.139  1.00 26.48 ? 13  THR A O   1 
ATOM   102  C  CB  . THR A 1 13  ? -5.270  9.605   0.349   1.00 26.07 ? 13  THR A CB  1 
ATOM   103  O  OG1 . THR A 1 13  ? -5.691  8.857   -0.800  1.00 27.70 ? 13  THR A OG1 1 
ATOM   104  C  CG2 . THR A 1 13  ? -4.397  8.729   1.224   1.00 27.79 ? 13  THR A CG2 1 
ATOM   105  N  N   . GLY A 1 14  ? -8.439  10.582  -0.257  1.00 26.92 ? 14  GLY A N   1 
ATOM   106  C  CA  . GLY A 1 14  ? -9.187  11.418  -1.172  1.00 24.81 ? 14  GLY A CA  1 
ATOM   107  C  C   . GLY A 1 14  ? -8.591  11.307  -2.560  1.00 25.29 ? 14  GLY A C   1 
ATOM   108  O  O   . GLY A 1 14  ? -9.056  11.955  -3.495  1.00 27.92 ? 14  GLY A O   1 
ATOM   109  N  N   . LYS A 1 15  ? -7.546  10.495  -2.699  1.00 25.29 ? 16  LYS A N   1 
ATOM   110  C  CA  . LYS A 1 15  ? -6.902  10.288  -3.997  1.00 25.51 ? 16  LYS A CA  1 
ATOM   111  C  C   . LYS A 1 15  ? -7.251  8.901   -4.536  1.00 25.80 ? 16  LYS A C   1 
ATOM   112  O  O   . LYS A 1 15  ? -7.638  8.013   -3.775  1.00 27.75 ? 16  LYS A O   1 
ATOM   113  C  CB  . LYS A 1 15  ? -5.384  10.426  -3.869  1.00 26.07 ? 16  LYS A CB  1 
ATOM   114  C  CG  . LYS A 1 15  ? -4.901  11.852  -3.643  1.00 26.81 ? 16  LYS A CG  1 
ATOM   115  C  CD  . LYS A 1 15  ? -3.379  11.908  -3.589  1.00 28.11 ? 16  LYS A CD  1 
ATOM   116  C  CE  . LYS A 1 15  ? -2.860  13.344  -3.602  1.00 29.62 ? 16  LYS A CE  1 
ATOM   117  N  NZ  . LYS A 1 15  ? -3.167  14.041  -4.882  1.00 30.72 ? 16  LYS A NZ  1 
ATOM   118  N  N   . LEU A 1 16  ? -7.121  8.711   -5.845  1.00 25.67 ? 17  LEU A N   1 
ATOM   119  C  CA  . LEU A 1 16  ? -7.441  7.419   -6.454  1.00 26.41 ? 17  LEU A CA  1 
ATOM   120  C  C   . LEU A 1 16  ? -6.208  6.520   -6.580  1.00 26.56 ? 17  LEU A C   1 
ATOM   121  O  O   . LEU A 1 16  ? -5.174  6.948   -7.103  1.00 24.98 ? 17  LEU A O   1 
ATOM   122  C  CB  . LEU A 1 16  ? -8.067  7.634   -7.839  1.00 26.25 ? 17  LEU A CB  1 
ATOM   123  C  CG  . LEU A 1 16  ? -9.418  8.367   -7.888  1.00 26.39 ? 17  LEU A CG  1 
ATOM   124  C  CD1 . LEU A 1 16  ? -9.671  8.921   -9.288  1.00 23.91 ? 17  LEU A CD1 1 
ATOM   125  C  CD2 . LEU A 1 16  ? -10.533 7.418   -7.463  1.00 24.94 ? 17  LEU A CD2 1 
ATOM   126  N  N   . ALA A 1 17  ? -6.326  5.283   -6.089  1.00 26.28 ? 18  ALA A N   1 
ATOM   127  C  CA  . ALA A 1 17  ? -5.234  4.310   -6.154  1.00 26.14 ? 18  ALA A CA  1 
ATOM   128  C  C   . ALA A 1 17  ? -4.565  4.460   -7.516  1.00 27.29 ? 18  ALA A C   1 
ATOM   129  O  O   . ALA A 1 17  ? -3.372  4.751   -7.604  1.00 28.55 ? 18  ALA A O   1 
ATOM   130  C  CB  . ALA A 1 17  ? -5.775  2.903   -5.979  1.00 24.26 ? 18  ALA A CB  1 
ATOM   131  N  N   . ILE A 1 18  ? -5.337  4.253   -8.578  1.00 26.50 ? 19  ILE A N   1 
ATOM   132  C  CA  . ILE A 1 18  ? -4.830  4.439   -9.931  1.00 26.81 ? 19  ILE A CA  1 
ATOM   133  C  C   . ILE A 1 18  ? -5.389  5.803   -10.302 1.00 27.89 ? 19  ILE A C   1 
ATOM   134  O  O   . ILE A 1 18  ? -6.588  6.031   -10.173 1.00 30.52 ? 19  ILE A O   1 
ATOM   135  C  CB  . ILE A 1 18  ? -5.418  3.430   -10.927 1.00 27.24 ? 19  ILE A CB  1 
ATOM   136  C  CG1 . ILE A 1 18  ? -5.207  2.000   -10.436 1.00 26.93 ? 19  ILE A CG1 1 
ATOM   137  C  CG2 . ILE A 1 18  ? -4.766  3.612   -12.283 1.00 25.53 ? 19  ILE A CG2 1 
ATOM   138  C  CD1 . ILE A 1 18  ? -5.797  0.976   -11.374 1.00 25.69 ? 19  ILE A CD1 1 
ATOM   139  N  N   . PRO A 1 19  ? -4.548  6.726   -10.786 1.00 28.29 ? 20  PRO A N   1 
ATOM   140  C  CA  . PRO A 1 19  ? -3.110  6.628   -11.033 1.00 27.70 ? 20  PRO A CA  1 
ATOM   141  C  C   . PRO A 1 19  ? -2.253  7.338   -9.994  1.00 26.84 ? 20  PRO A C   1 
ATOM   142  O  O   . PRO A 1 19  ? -1.068  7.557   -10.227 1.00 28.33 ? 20  PRO A O   1 
ATOM   143  C  CB  . PRO A 1 19  ? -2.978  7.299   -12.382 1.00 29.09 ? 20  PRO A CB  1 
ATOM   144  C  CG  . PRO A 1 19  ? -3.885  8.497   -12.193 1.00 28.38 ? 20  PRO A CG  1 
ATOM   145  C  CD  . PRO A 1 19  ? -5.099  7.926   -11.448 1.00 27.85 ? 20  PRO A CD  1 
ATOM   146  N  N   . SER A 1 20  ? -2.838  7.703   -8.861  1.00 25.87 ? 21  SER A N   1 
ATOM   147  C  CA  . SER A 1 20  ? -2.082  8.413   -7.834  1.00 25.46 ? 21  SER A CA  1 
ATOM   148  C  C   . SER A 1 20  ? -1.032  7.585   -7.095  1.00 24.49 ? 21  SER A C   1 
ATOM   149  O  O   . SER A 1 20  ? 0.011   8.115   -6.718  1.00 23.94 ? 21  SER A O   1 
ATOM   150  C  CB  . SER A 1 20  ? -3.038  9.046   -6.820  1.00 27.28 ? 21  SER A CB  1 
ATOM   151  O  OG  . SER A 1 20  ? -3.754  10.129  -7.397  1.00 27.87 ? 21  SER A OG  1 
ATOM   152  N  N   . TYR A 1 21  ? -1.299  6.296   -6.896  1.00 23.67 ? 22  TYR A N   1 
ATOM   153  C  CA  . TYR A 1 21  ? -0.363  5.421   -6.184  1.00 23.83 ? 22  TYR A CA  1 
ATOM   154  C  C   . TYR A 1 21  ? -0.016  4.146   -6.941  1.00 25.43 ? 22  TYR A C   1 
ATOM   155  O  O   . TYR A 1 21  ? 0.770   3.328   -6.458  1.00 27.67 ? 22  TYR A O   1 
ATOM   156  C  CB  . TYR A 1 21  ? -0.939  5.029   -4.816  1.00 22.65 ? 22  TYR A CB  1 
ATOM   157  C  CG  . TYR A 1 21  ? -1.093  6.187   -3.860  1.00 22.48 ? 22  TYR A CG  1 
ATOM   158  C  CD1 . TYR A 1 21  ? 0.021   6.837   -3.339  1.00 23.51 ? 22  TYR A CD1 1 
ATOM   159  C  CD2 . TYR A 1 21  ? -2.353  6.635   -3.475  1.00 22.63 ? 22  TYR A CD2 1 
ATOM   160  C  CE1 . TYR A 1 21  ? -0.113  7.902   -2.457  1.00 22.89 ? 22  TYR A CE1 1 
ATOM   161  C  CE2 . TYR A 1 21  ? -2.500  7.701   -2.593  1.00 23.24 ? 22  TYR A CE2 1 
ATOM   162  C  CZ  . TYR A 1 21  ? -1.374  8.329   -2.087  1.00 23.66 ? 22  TYR A CZ  1 
ATOM   163  O  OH  . TYR A 1 21  ? -1.520  9.369   -1.195  1.00 24.02 ? 22  TYR A OH  1 
ATOM   164  N  N   . SER A 1 22  ? -0.599  3.958   -8.118  1.00 25.61 ? 23  SER A N   1 
ATOM   165  C  CA  . SER A 1 22  ? -0.332  2.750   -8.888  1.00 24.27 ? 23  SER A CA  1 
ATOM   166  C  C   . SER A 1 22  ? 1.060   2.727   -9.526  1.00 23.46 ? 23  SER A C   1 
ATOM   167  O  O   . SER A 1 22  ? 1.558   1.668   -9.894  1.00 24.23 ? 23  SER A O   1 
ATOM   168  C  CB  . SER A 1 22  ? -1.407  2.574   -9.962  1.00 24.06 ? 23  SER A CB  1 
ATOM   169  O  OG  . SER A 1 22  ? -1.486  3.717   -10.797 1.00 25.55 ? 23  SER A OG  1 
ATOM   170  N  N   . SER A 1 23  ? 1.694   3.887   -9.652  1.00 22.38 ? 24  SER A N   1 
ATOM   171  C  CA  . SER A 1 23  ? 3.024   3.947   -10.250 1.00 22.21 ? 24  SER A CA  1 
ATOM   172  C  C   . SER A 1 23  ? 3.886   5.013   -9.579  1.00 21.06 ? 24  SER A C   1 
ATOM   173  O  O   . SER A 1 23  ? 4.654   5.712   -10.245 1.00 20.59 ? 24  SER A O   1 
ATOM   174  C  CB  . SER A 1 23  ? 2.919   4.270   -11.739 1.00 24.43 ? 24  SER A CB  1 
ATOM   175  O  OG  . SER A 1 23  ? 2.816   5.676   -11.955 1.00 26.00 ? 24  SER A OG  1 
ATOM   176  N  N   . TYR A 1 24  ? 3.762   5.132   -8.262  1.00 18.58 ? 25  TYR A N   1 
ATOM   177  C  CA  . TYR A 1 24  ? 4.519   6.127   -7.519  1.00 17.58 ? 25  TYR A CA  1 
ATOM   178  C  C   . TYR A 1 24  ? 5.845   5.554   -7.027  1.00 18.20 ? 25  TYR A C   1 
ATOM   179  O  O   . TYR A 1 24  ? 5.960   4.355   -6.767  1.00 18.38 ? 25  TYR A O   1 
ATOM   180  C  CB  . TYR A 1 24  ? 3.677   6.629   -6.344  1.00 17.91 ? 25  TYR A CB  1 
ATOM   181  C  CG  . TYR A 1 24  ? 4.236   7.837   -5.637  1.00 17.29 ? 25  TYR A CG  1 
ATOM   182  C  CD1 . TYR A 1 24  ? 5.365   7.738   -4.823  1.00 17.48 ? 25  TYR A CD1 1 
ATOM   183  C  CD2 . TYR A 1 24  ? 3.624   9.088   -5.769  1.00 18.96 ? 25  TYR A CD2 1 
ATOM   184  C  CE1 . TYR A 1 24  ? 5.872   8.853   -4.151  1.00 18.40 ? 25  TYR A CE1 1 
ATOM   185  C  CE2 . TYR A 1 24  ? 4.124   10.212  -5.103  1.00 19.11 ? 25  TYR A CE2 1 
ATOM   186  C  CZ  . TYR A 1 24  ? 5.249   10.084  -4.296  1.00 18.61 ? 25  TYR A CZ  1 
ATOM   187  O  OH  . TYR A 1 24  ? 5.753   11.179  -3.639  1.00 17.60 ? 25  TYR A OH  1 
ATOM   188  N  N   . GLY A 1 25  ? 6.849   6.419   -6.920  1.00 18.51 ? 26  GLY A N   1 
ATOM   189  C  CA  . GLY A 1 25  ? 8.161   5.997   -6.460  1.00 19.87 ? 26  GLY A CA  1 
ATOM   190  C  C   . GLY A 1 25  ? 8.685   4.691   -7.040  1.00 20.94 ? 26  GLY A C   1 
ATOM   191  O  O   . GLY A 1 25  ? 8.373   4.325   -8.173  1.00 20.30 ? 26  GLY A O   1 
ATOM   192  N  N   . CYS A 1 26  ? 9.484   3.984   -6.243  1.00 21.30 ? 27  CYS A N   1 
ATOM   193  C  CA  . CYS A 1 26  ? 10.074  2.727   -6.663  1.00 21.29 ? 27  CYS A CA  1 
ATOM   194  C  C   . CYS A 1 26  ? 9.324   1.490   -6.187  1.00 21.79 ? 27  CYS A C   1 
ATOM   195  O  O   . CYS A 1 26  ? 9.621   0.384   -6.634  1.00 22.19 ? 27  CYS A O   1 
ATOM   196  C  CB  . CYS A 1 26  ? 11.523  2.636   -6.177  1.00 23.09 ? 27  CYS A CB  1 
ATOM   197  S  SG  . CYS A 1 26  ? 12.696  3.835   -6.907  1.00 27.22 ? 27  CYS A SG  1 
ATOM   198  N  N   . TYR A 1 27  ? 8.356   1.660   -5.290  1.00 22.60 ? 28  TYR A N   1 
ATOM   199  C  CA  . TYR A 1 27  ? 7.618   0.509   -4.778  1.00 21.96 ? 28  TYR A CA  1 
ATOM   200  C  C   . TYR A 1 27  ? 6.103   0.561   -4.864  1.00 23.52 ? 28  TYR A C   1 
ATOM   201  O  O   . TYR A 1 27  ? 5.443   -0.451  -4.673  1.00 26.71 ? 28  TYR A O   1 
ATOM   202  C  CB  . TYR A 1 27  ? 8.010   0.239   -3.327  1.00 20.05 ? 28  TYR A CB  1 
ATOM   203  C  CG  . TYR A 1 27  ? 9.423   -0.253  -3.174  1.00 19.87 ? 28  TYR A CG  1 
ATOM   204  C  CD1 . TYR A 1 27  ? 10.501  0.632   -3.223  1.00 19.63 ? 28  TYR A CD1 1 
ATOM   205  C  CD2 . TYR A 1 27  ? 9.690   -1.612  -3.021  1.00 19.65 ? 28  TYR A CD2 1 
ATOM   206  C  CE1 . TYR A 1 27  ? 11.812  0.171   -3.123  1.00 20.12 ? 28  TYR A CE1 1 
ATOM   207  C  CE2 . TYR A 1 27  ? 10.995  -2.084  -2.920  1.00 20.02 ? 28  TYR A CE2 1 
ATOM   208  C  CZ  . TYR A 1 27  ? 12.050  -1.189  -2.974  1.00 20.60 ? 28  TYR A CZ  1 
ATOM   209  O  OH  . TYR A 1 27  ? 13.340  -1.658  -2.883  1.00 21.65 ? 28  TYR A OH  1 
ATOM   210  N  N   . CYS A 1 28  ? 5.534   1.721   -5.141  1.00 25.07 ? 29  CYS A N   1 
ATOM   211  C  CA  . CYS A 1 28  ? 4.089   1.797   -5.224  1.00 26.59 ? 29  CYS A CA  1 
ATOM   212  C  C   . CYS A 1 28  ? 3.547   1.218   -6.525  1.00 30.90 ? 29  CYS A C   1 
ATOM   213  O  O   . CYS A 1 28  ? 3.727   1.802   -7.593  1.00 32.06 ? 29  CYS A O   1 
ATOM   214  C  CB  . CYS A 1 28  ? 3.624   3.242   -5.087  1.00 22.48 ? 29  CYS A CB  1 
ATOM   215  S  SG  . CYS A 1 28  ? 4.051   4.014   -3.497  1.00 20.38 ? 29  CYS A SG  1 
ATOM   216  N  N   . GLY A 1 29  ? 2.898   0.060   -6.437  1.00 35.17 ? 30  GLY A N   1 
ATOM   217  C  CA  . GLY A 1 29  ? 2.306   -0.533  -7.625  1.00 41.76 ? 30  GLY A CA  1 
ATOM   218  C  C   . GLY A 1 29  ? 3.016   -1.682  -8.314  1.00 45.42 ? 30  GLY A C   1 
ATOM   219  O  O   . GLY A 1 29  ? 2.365   -2.523  -8.936  1.00 46.24 ? 30  GLY A O   1 
ATOM   220  N  N   . TRP A 1 30  ? 4.340   -1.720  -8.236  1.00 49.06 ? 31  TRP A N   1 
ATOM   221  C  CA  . TRP A 1 30  ? 5.088   -2.800  -8.868  1.00 52.80 ? 31  TRP A CA  1 
ATOM   222  C  C   . TRP A 1 30  ? 6.263   -3.249  -8.012  1.00 53.28 ? 31  TRP A C   1 
ATOM   223  O  O   . TRP A 1 30  ? 6.722   -4.386  -8.121  1.00 54.09 ? 31  TRP A O   1 
ATOM   224  C  CB  . TRP A 1 30  ? 5.583   -2.372  -10.252 1.00 56.69 ? 31  TRP A CB  1 
ATOM   225  C  CG  . TRP A 1 30  ? 4.916   -3.127  -11.373 1.00 61.50 ? 31  TRP A CG  1 
ATOM   226  C  CD1 . TRP A 1 30  ? 3.578   -3.154  -11.667 1.00 63.14 ? 31  TRP A CD1 1 
ATOM   227  C  CD2 . TRP A 1 30  ? 5.554   -3.985  -12.331 1.00 62.87 ? 31  TRP A CD2 1 
ATOM   228  N  NE1 . TRP A 1 30  ? 3.346   -3.975  -12.747 1.00 64.26 ? 31  TRP A NE1 1 
ATOM   229  C  CE2 . TRP A 1 30  ? 4.540   -4.496  -13.175 1.00 63.63 ? 31  TRP A CE2 1 
ATOM   230  C  CE3 . TRP A 1 30  ? 6.884   -4.369  -12.560 1.00 63.31 ? 31  TRP A CE3 1 
ATOM   231  C  CZ2 . TRP A 1 30  ? 4.813   -5.378  -14.230 1.00 64.07 ? 31  TRP A CZ2 1 
ATOM   232  C  CZ3 . TRP A 1 30  ? 7.156   -5.247  -13.610 1.00 63.79 ? 31  TRP A CZ3 1 
ATOM   233  C  CH2 . TRP A 1 30  ? 6.124   -5.738  -14.432 1.00 64.06 ? 31  TRP A CH2 1 
ATOM   234  N  N   . GLY A 1 31  ? 6.740   -2.347  -7.157  1.00 52.86 ? 32  GLY A N   1 
ATOM   235  C  CA  . GLY A 1 31  ? 7.853   -2.659  -6.280  1.00 51.57 ? 32  GLY A CA  1 
ATOM   236  C  C   . GLY A 1 31  ? 8.991   -3.376  -6.981  1.00 50.49 ? 32  GLY A C   1 
ATOM   237  O  O   . GLY A 1 31  ? 8.988   -3.524  -8.206  1.00 50.05 ? 32  GLY A O   1 
ATOM   238  N  N   . GLY A 1 32  ? 9.978   -3.812  -6.207  1.00 48.81 ? 33  GLY A N   1 
ATOM   239  C  CA  . GLY A 1 32  ? 11.090  -4.519  -6.802  1.00 47.28 ? 33  GLY A CA  1 
ATOM   240  C  C   . GLY A 1 32  ? 12.468  -4.117  -6.330  1.00 46.37 ? 33  GLY A C   1 
ATOM   241  O  O   . GLY A 1 32  ? 13.115  -4.870  -5.599  1.00 46.93 ? 33  GLY A O   1 
ATOM   242  N  N   . LYS A 1 33  ? 12.924  -2.936  -6.739  1.00 44.49 ? 34  LYS A N   1 
ATOM   243  C  CA  . LYS A 1 33  ? 14.262  -2.483  -6.372  1.00 42.29 ? 34  LYS A CA  1 
ATOM   244  C  C   . LYS A 1 33  ? 14.403  -1.022  -5.981  1.00 39.75 ? 34  LYS A C   1 
ATOM   245  O  O   . LYS A 1 33  ? 13.461  -0.236  -6.055  1.00 39.58 ? 34  LYS A O   1 
ATOM   246  C  CB  . LYS A 1 33  ? 15.221  -2.697  -7.530  1.00 43.59 ? 34  LYS A CB  1 
ATOM   247  C  CG  . LYS A 1 33  ? 15.347  -4.095  -8.045  1.00 46.94 ? 34  LYS A CG  1 
ATOM   248  C  CD  . LYS A 1 33  ? 16.523  -4.097  -8.980  1.00 50.90 ? 34  LYS A CD  1 
ATOM   249  C  CE  . LYS A 1 33  ? 16.230  -4.710  -10.322 1.00 53.61 ? 34  LYS A CE  1 
ATOM   250  N  NZ  . LYS A 1 33  ? 17.275  -4.216  -11.267 1.00 53.89 ? 34  LYS A NZ  1 
ATOM   251  N  N   . GLY A 1 34  ? 15.623  -0.676  -5.583  1.00 36.95 ? 35  GLY A N   1 
ATOM   252  C  CA  . GLY A 1 34  ? 15.946  0.688   -5.225  1.00 33.25 ? 35  GLY A CA  1 
ATOM   253  C  C   . GLY A 1 34  ? 15.752  1.134   -3.791  1.00 31.00 ? 35  GLY A C   1 
ATOM   254  O  O   . GLY A 1 34  ? 15.484  0.342   -2.885  1.00 28.98 ? 35  GLY A O   1 
ATOM   255  N  N   . THR A 1 35  ? 15.906  2.441   -3.615  1.00 29.82 ? 36  THR A N   1 
ATOM   256  C  CA  . THR A 1 35  ? 15.758  3.110   -2.336  1.00 28.49 ? 36  THR A CA  1 
ATOM   257  C  C   . THR A 1 35  ? 14.454  3.899   -2.393  1.00 28.14 ? 36  THR A C   1 
ATOM   258  O  O   . THR A 1 35  ? 14.263  4.735   -3.276  1.00 27.72 ? 36  THR A O   1 
ATOM   259  C  CB  . THR A 1 35  ? 16.909  4.102   -2.102  1.00 28.24 ? 36  THR A CB  1 
ATOM   260  O  OG1 . THR A 1 35  ? 18.161  3.438   -2.314  1.00 27.88 ? 36  THR A OG1 1 
ATOM   261  C  CG2 . THR A 1 35  ? 16.855  4.656   -0.686  1.00 27.31 ? 36  THR A CG2 1 
ATOM   262  N  N   . PRO A 1 36  ? 13.537  3.648   -1.453  1.00 27.79 ? 37  PRO A N   1 
ATOM   263  C  CA  . PRO A 1 36  ? 12.279  4.398   -1.494  1.00 27.07 ? 37  PRO A CA  1 
ATOM   264  C  C   . PRO A 1 36  ? 12.564  5.892   -1.538  1.00 25.84 ? 37  PRO A C   1 
ATOM   265  O  O   . PRO A 1 36  ? 13.242  6.429   -0.664  1.00 25.86 ? 37  PRO A O   1 
ATOM   266  C  CB  . PRO A 1 36  ? 11.582  3.963   -0.211  1.00 28.44 ? 37  PRO A CB  1 
ATOM   267  C  CG  . PRO A 1 36  ? 12.089  2.546   -0.029  1.00 28.54 ? 37  PRO A CG  1 
ATOM   268  C  CD  . PRO A 1 36  ? 13.558  2.716   -0.314  1.00 27.29 ? 37  PRO A CD  1 
ATOM   269  N  N   . LYS A 1 37  ? 12.039  6.555   -2.561  1.00 25.32 ? 38  LYS A N   1 
ATOM   270  C  CA  . LYS A 1 37  ? 12.256  7.985   -2.749  1.00 23.29 ? 38  LYS A CA  1 
ATOM   271  C  C   . LYS A 1 37  ? 11.744  8.898   -1.638  1.00 21.57 ? 38  LYS A C   1 
ATOM   272  O  O   . LYS A 1 37  ? 12.369  9.921   -1.357  1.00 22.77 ? 38  LYS A O   1 
ATOM   273  C  CB  . LYS A 1 37  ? 11.662  8.417   -4.088  1.00 23.76 ? 38  LYS A CB  1 
ATOM   274  C  CG  . LYS A 1 37  ? 12.116  7.547   -5.258  1.00 24.96 ? 38  LYS A CG  1 
ATOM   275  C  CD  . LYS A 1 37  ? 13.637  7.448   -5.325  1.00 25.82 ? 38  LYS A CD  1 
ATOM   276  C  CE  . LYS A 1 37  ? 14.282  8.791   -5.650  1.00 27.55 ? 38  LYS A CE  1 
ATOM   277  N  NZ  . LYS A 1 37  ? 15.773  8.742   -5.557  1.00 27.83 ? 38  LYS A NZ  1 
ATOM   278  N  N   . ASP A 1 38  ? 10.623  8.553   -1.009  1.00 20.39 ? 39  ASP A N   1 
ATOM   279  C  CA  . ASP A 1 38  ? 10.086  9.388   0.063   1.00 19.99 ? 39  ASP A CA  1 
ATOM   280  C  C   . ASP A 1 38  ? 9.153   8.642   1.031   1.00 19.96 ? 39  ASP A C   1 
ATOM   281  O  O   . ASP A 1 38  ? 8.990   7.423   0.932   1.00 20.22 ? 39  ASP A O   1 
ATOM   282  C  CB  . ASP A 1 38  ? 9.391   10.620  -0.540  1.00 19.24 ? 39  ASP A CB  1 
ATOM   283  C  CG  . ASP A 1 38  ? 8.105   10.293  -1.281  1.00 20.50 ? 39  ASP A CG  1 
ATOM   284  O  OD1 . ASP A 1 38  ? 7.966   9.169   -1.800  1.00 22.29 ? 39  ASP A OD1 1 
ATOM   285  O  OD2 . ASP A 1 38  ? 7.234   11.191  -1.346  1.00 21.49 ? 39  ASP A OD2 1 
ATOM   286  N  N   . ALA A 1 39  ? 8.560   9.363   1.981   1.00 19.54 ? 40  ALA A N   1 
ATOM   287  C  CA  . ALA A 1 39  ? 7.660   8.747   2.958   1.00 17.93 ? 40  ALA A CA  1 
ATOM   288  C  C   . ALA A 1 39  ? 6.569   7.911   2.284   1.00 17.68 ? 40  ALA A C   1 
ATOM   289  O  O   . ALA A 1 39  ? 6.314   6.774   2.689   1.00 19.55 ? 40  ALA A O   1 
ATOM   290  C  CB  . ALA A 1 39  ? 7.028   9.823   3.843   1.00 14.73 ? 40  ALA A CB  1 
ATOM   291  N  N   . THR A 1 40  ? 5.922   8.472   1.265   1.00 15.35 ? 41  THR A N   1 
ATOM   292  C  CA  . THR A 1 40  ? 4.867   7.745   0.569   1.00 15.00 ? 41  THR A CA  1 
ATOM   293  C  C   . THR A 1 40  ? 5.437   6.469   -0.031  1.00 15.77 ? 41  THR A C   1 
ATOM   294  O  O   . THR A 1 40  ? 4.814   5.403   0.013   1.00 13.45 ? 41  THR A O   1 
ATOM   295  C  CB  . THR A 1 40  ? 4.249   8.589   -0.562  1.00 14.58 ? 41  THR A CB  1 
ATOM   296  O  OG1 . THR A 1 40  ? 3.452   9.630   0.012   1.00 16.46 ? 41  THR A OG1 1 
ATOM   297  C  CG2 . THR A 1 40  ? 3.373   7.729   -1.463  1.00 11.96 ? 41  THR A CG2 1 
ATOM   298  N  N   . ASP A 1 41  ? 6.632   6.584   -0.592  1.00 16.01 ? 42  ASP A N   1 
ATOM   299  C  CA  . ASP A 1 41  ? 7.268   5.441   -1.202  1.00 17.15 ? 42  ASP A CA  1 
ATOM   300  C  C   . ASP A 1 41  ? 7.601   4.457   -0.092  1.00 18.04 ? 42  ASP A C   1 
ATOM   301  O  O   . ASP A 1 41  ? 7.443   3.241   -0.261  1.00 18.78 ? 42  ASP A O   1 
ATOM   302  C  CB  . ASP A 1 41  ? 8.527   5.881   -1.962  1.00 16.90 ? 42  ASP A CB  1 
ATOM   303  C  CG  . ASP A 1 41  ? 8.905   4.914   -3.085  1.00 17.14 ? 42  ASP A CG  1 
ATOM   304  O  OD1 . ASP A 1 41  ? 8.033   4.137   -3.541  1.00 15.25 ? 42  ASP A OD1 1 
ATOM   305  O  OD2 . ASP A 1 41  ? 10.074  4.945   -3.523  1.00 16.88 ? 42  ASP A OD2 1 
ATOM   306  N  N   . ARG A 1 42  ? 8.035   4.978   1.054   1.00 18.32 ? 43  ARG A N   1 
ATOM   307  C  CA  . ARG A 1 42  ? 8.374   4.105   2.175   1.00 19.48 ? 43  ARG A CA  1 
ATOM   308  C  C   . ARG A 1 42  ? 7.152   3.288   2.591   1.00 17.61 ? 43  ARG A C   1 
ATOM   309  O  O   . ARG A 1 42  ? 7.262   2.102   2.896   1.00 17.21 ? 43  ARG A O   1 
ATOM   310  C  CB  . ARG A 1 42  ? 8.938   4.913   3.360   1.00 20.55 ? 43  ARG A CB  1 
ATOM   311  C  CG  . ARG A 1 42  ? 10.438  5.224   3.217   1.00 21.75 ? 43  ARG A CG  1 
ATOM   312  C  CD  . ARG A 1 42  ? 11.117  5.598   4.546   1.00 24.14 ? 43  ARG A CD  1 
ATOM   313  N  NE  . ARG A 1 42  ? 10.824  6.957   5.004   1.00 26.51 ? 43  ARG A NE  1 
ATOM   314  C  CZ  . ARG A 1 42  ? 11.295  8.069   4.438   1.00 27.78 ? 43  ARG A CZ  1 
ATOM   315  N  NH1 . ARG A 1 42  ? 12.093  8.000   3.376   1.00 27.82 ? 43  ARG A NH1 1 
ATOM   316  N  NH2 . ARG A 1 42  ? 10.970  9.257   4.935   1.00 26.58 ? 43  ARG A NH2 1 
ATOM   317  N  N   . CYS A 1 43  ? 5.987   3.917   2.581   1.00 15.95 ? 44  CYS A N   1 
ATOM   318  C  CA  . CYS A 1 43  ? 4.760   3.218   2.920   1.00 15.78 ? 44  CYS A CA  1 
ATOM   319  C  C   . CYS A 1 43  ? 4.613   1.992   2.007   1.00 16.54 ? 44  CYS A C   1 
ATOM   320  O  O   . CYS A 1 43  ? 4.295   0.896   2.463   1.00 17.23 ? 44  CYS A O   1 
ATOM   321  C  CB  . CYS A 1 43  ? 3.554   4.133   2.714   1.00 15.55 ? 44  CYS A CB  1 
ATOM   322  S  SG  . CYS A 1 43  ? 3.474   5.636   3.742   1.00 16.34 ? 44  CYS A SG  1 
ATOM   323  N  N   . CYS A 1 44  ? 4.843   2.182   0.710   1.00 16.96 ? 45  CYS A N   1 
ATOM   324  C  CA  . CYS A 1 44  ? 4.716   1.085   -0.237  1.00 17.79 ? 45  CYS A CA  1 
ATOM   325  C  C   . CYS A 1 44  ? 5.764   -0.006  0.018   1.00 18.59 ? 45  CYS A C   1 
ATOM   326  O  O   . CYS A 1 44  ? 5.446   -1.201  -0.007  1.00 17.62 ? 45  CYS A O   1 
ATOM   327  C  CB  . CYS A 1 44  ? 4.792   1.618   -1.682  1.00 17.46 ? 45  CYS A CB  1 
ATOM   328  S  SG  . CYS A 1 44  ? 3.371   2.690   -2.106  1.00 17.41 ? 45  CYS A SG  1 
ATOM   329  N  N   . PHE A 1 45  ? 7.006   0.397   0.284   1.00 17.78 ? 46  PHE A N   1 
ATOM   330  C  CA  . PHE A 1 45  ? 8.059   -0.577  0.556   1.00 17.01 ? 46  PHE A CA  1 
ATOM   331  C  C   . PHE A 1 45  ? 7.634   -1.484  1.707   1.00 16.27 ? 46  PHE A C   1 
ATOM   332  O  O   . PHE A 1 45  ? 7.719   -2.709  1.607   1.00 16.21 ? 46  PHE A O   1 
ATOM   333  C  CB  . PHE A 1 45  ? 9.364   0.120   0.940   1.00 18.26 ? 46  PHE A CB  1 
ATOM   334  C  CG  . PHE A 1 45  ? 10.460  -0.834  1.318   1.00 17.63 ? 46  PHE A CG  1 
ATOM   335  C  CD1 . PHE A 1 45  ? 11.093  -1.603  0.349   1.00 17.46 ? 46  PHE A CD1 1 
ATOM   336  C  CD2 . PHE A 1 45  ? 10.834  -0.988  2.645   1.00 16.90 ? 46  PHE A CD2 1 
ATOM   337  C  CE1 . PHE A 1 45  ? 12.084  -2.522  0.696   1.00 17.07 ? 46  PHE A CE1 1 
ATOM   338  C  CE2 . PHE A 1 45  ? 11.824  -1.905  3.006   1.00 17.69 ? 46  PHE A CE2 1 
ATOM   339  C  CZ  . PHE A 1 45  ? 12.451  -2.671  2.029   1.00 16.90 ? 46  PHE A CZ  1 
ATOM   340  N  N   . VAL A 1 46  ? 7.188   -0.876  2.804   1.00 13.49 ? 47  VAL A N   1 
ATOM   341  C  CA  . VAL A 1 46  ? 6.747   -1.650  3.949   1.00 12.32 ? 47  VAL A CA  1 
ATOM   342  C  C   . VAL A 1 46  ? 5.586   -2.525  3.518   1.00 13.30 ? 47  VAL A C   1 
ATOM   343  O  O   . VAL A 1 46  ? 5.572   -3.729  3.788   1.00 14.01 ? 47  VAL A O   1 
ATOM   344  C  CB  . VAL A 1 46  ? 6.265   -0.757  5.121   1.00 11.22 ? 47  VAL A CB  1 
ATOM   345  C  CG1 . VAL A 1 46  ? 5.684   -1.623  6.221   1.00 9.01  ? 47  VAL A CG1 1 
ATOM   346  C  CG2 . VAL A 1 46  ? 7.419   0.055   5.677   1.00 8.51  ? 47  VAL A CG2 1 
ATOM   347  N  N   . HIS A 1 47  ? 4.620   -1.922  2.832   1.00 13.55 ? 48  HIS A N   1 
ATOM   348  C  CA  . HIS A 1 47  ? 3.443   -2.660  2.380   1.00 13.57 ? 48  HIS A CA  1 
ATOM   349  C  C   . HIS A 1 47  ? 3.823   -3.880  1.537   1.00 13.47 ? 48  HIS A C   1 
ATOM   350  O  O   . HIS A 1 47  ? 3.223   -4.940  1.694   1.00 14.33 ? 48  HIS A O   1 
ATOM   351  C  CB  . HIS A 1 47  ? 2.493   -1.735  1.601   1.00 12.53 ? 48  HIS A CB  1 
ATOM   352  C  CG  . HIS A 1 47  ? 1.162   -2.352  1.295   1.00 11.07 ? 48  HIS A CG  1 
ATOM   353  N  ND1 . HIS A 1 47  ? 0.797   -2.747  0.025   1.00 12.01 ? 48  HIS A ND1 1 
ATOM   354  C  CD2 . HIS A 1 47  ? 0.115   -2.660  2.096   1.00 11.40 ? 48  HIS A CD2 1 
ATOM   355  C  CE1 . HIS A 1 47  ? -0.415  -3.272  0.056   1.00 9.84  ? 48  HIS A CE1 1 
ATOM   356  N  NE2 . HIS A 1 47  ? -0.851  -3.231  1.302   1.00 11.21 ? 48  HIS A NE2 1 
ATOM   357  N  N   . ASP A 1 48  ? 4.810   -3.741  0.652   1.00 12.54 ? 49  ASP A N   1 
ATOM   358  C  CA  . ASP A 1 48  ? 5.230   -4.881  -0.159  1.00 12.71 ? 49  ASP A CA  1 
ATOM   359  C  C   . ASP A 1 48  ? 5.774   -5.937  0.802   1.00 13.56 ? 49  ASP A C   1 
ATOM   360  O  O   . ASP A 1 48  ? 5.483   -7.130  0.671   1.00 13.35 ? 49  ASP A O   1 
ATOM   361  C  CB  . ASP A 1 48  ? 6.331   -4.487  -1.160  1.00 13.37 ? 49  ASP A CB  1 
ATOM   362  C  CG  . ASP A 1 48  ? 5.798   -3.719  -2.377  1.00 13.65 ? 49  ASP A CG  1 
ATOM   363  O  OD1 . ASP A 1 48  ? 4.585   -3.444  -2.444  1.00 16.58 ? 49  ASP A OD1 1 
ATOM   364  O  OD2 . ASP A 1 48  ? 6.601   -3.385  -3.276  1.00 11.42 ? 49  ASP A OD2 1 
ATOM   365  N  N   . CYS A 1 49  ? 6.556   -5.483  1.775   1.00 14.12 ? 50  CYS A N   1 
ATOM   366  C  CA  . CYS A 1 49  ? 7.150   -6.370  2.768   1.00 15.32 ? 50  CYS A CA  1 
ATOM   367  C  C   . CYS A 1 49  ? 6.082   -7.109  3.551   1.00 14.27 ? 50  CYS A C   1 
ATOM   368  O  O   . CYS A 1 49  ? 6.197   -8.301  3.824   1.00 14.29 ? 50  CYS A O   1 
ATOM   369  C  CB  . CYS A 1 49  ? 8.000   -5.574  3.757   1.00 18.35 ? 50  CYS A CB  1 
ATOM   370  S  SG  . CYS A 1 49  ? 9.573   -4.915  3.132   1.00 23.46 ? 50  CYS A SG  1 
ATOM   371  N  N   . CYS A 1 50  ? 5.048   -6.379  3.937   1.00 13.82 ? 51  CYS A N   1 
ATOM   372  C  CA  . CYS A 1 50  ? 3.965   -6.967  4.699   1.00 13.49 ? 51  CYS A CA  1 
ATOM   373  C  C   . CYS A 1 50  ? 3.423   -8.140  3.903   1.00 13.58 ? 51  CYS A C   1 
ATOM   374  O  O   . CYS A 1 50  ? 3.389   -9.274  4.392   1.00 13.11 ? 51  CYS A O   1 
ATOM   375  C  CB  . CYS A 1 50  ? 2.883   -5.929  4.923   1.00 12.31 ? 51  CYS A CB  1 
ATOM   376  S  SG  . CYS A 1 50  ? 1.775   -6.283  6.311   1.00 9.78  ? 51  CYS A SG  1 
ATOM   377  N  N   . TYR A 1 51  ? 3.013   -7.864  2.670   1.00 13.65 ? 52  TYR A N   1 
ATOM   378  C  CA  . TYR A 1 51  ? 2.506   -8.912  1.791   1.00 14.93 ? 52  TYR A CA  1 
ATOM   379  C  C   . TYR A 1 51  ? 3.531   -10.035 1.749   1.00 14.68 ? 52  TYR A C   1 
ATOM   380  O  O   . TYR A 1 51  ? 3.182   -11.210 1.670   1.00 13.06 ? 52  TYR A O   1 
ATOM   381  C  CB  . TYR A 1 51  ? 2.283   -8.361  0.377   1.00 14.96 ? 52  TYR A CB  1 
ATOM   382  C  CG  . TYR A 1 51  ? 0.958   -7.649  0.181   1.00 14.77 ? 52  TYR A CG  1 
ATOM   383  C  CD1 . TYR A 1 51  ? 0.190   -7.237  1.275   1.00 15.46 ? 52  TYR A CD1 1 
ATOM   384  C  CD2 . TYR A 1 51  ? 0.488   -7.353  -1.101  1.00 15.00 ? 52  TYR A CD2 1 
ATOM   385  C  CE1 . TYR A 1 51  ? -1.012  -6.547  1.097   1.00 15.30 ? 52  TYR A CE1 1 
ATOM   386  C  CE2 . TYR A 1 51  ? -0.713  -6.661  -1.291  1.00 15.45 ? 52  TYR A CE2 1 
ATOM   387  C  CZ  . TYR A 1 51  ? -1.455  -6.263  -0.186  1.00 15.71 ? 52  TYR A CZ  1 
ATOM   388  O  OH  . TYR A 1 51  ? -2.637  -5.579  -0.369  1.00 16.01 ? 52  TYR A OH  1 
ATOM   389  N  N   . GLY A 1 52  ? 4.799   -9.649  1.813   1.00 16.13 ? 53  GLY A N   1 
ATOM   390  C  CA  . GLY A 1 52  ? 5.884   -10.611 1.788   1.00 17.91 ? 53  GLY A CA  1 
ATOM   391  C  C   . GLY A 1 52  ? 5.814   -11.650 2.892   1.00 19.74 ? 53  GLY A C   1 
ATOM   392  O  O   . GLY A 1 52  ? 6.225   -12.787 2.677   1.00 21.27 ? 53  GLY A O   1 
ATOM   393  N  N   . ASN A 1 53  ? 5.302   -11.278 4.065   1.00 20.10 ? 54  ASN A N   1 
ATOM   394  C  CA  . ASN A 1 53  ? 5.198   -12.224 5.179   1.00 21.34 ? 54  ASN A CA  1 
ATOM   395  C  C   . ASN A 1 53  ? 4.068   -13.226 4.979   1.00 20.96 ? 54  ASN A C   1 
ATOM   396  O  O   . ASN A 1 53  ? 3.796   -14.040 5.859   1.00 21.81 ? 54  ASN A O   1 
ATOM   397  C  CB  . ASN A 1 53  ? 4.951   -11.497 6.508   1.00 24.30 ? 54  ASN A CB  1 
ATOM   398  C  CG  . ASN A 1 53  ? 6.116   -10.626 6.932   1.00 27.26 ? 54  ASN A CG  1 
ATOM   399  O  OD1 . ASN A 1 53  ? 7.279   -10.985 6.742   1.00 27.91 ? 54  ASN A OD1 1 
ATOM   400  N  ND2 . ASN A 1 53  ? 5.811   -9.479  7.534   1.00 28.35 ? 54  ASN A ND2 1 
ATOM   401  N  N   . LEU A 1 54  ? 3.408   -13.173 3.830   1.00 20.59 ? 55  LEU A N   1 
ATOM   402  C  CA  . LEU A 1 54  ? 2.290   -14.073 3.570   1.00 19.97 ? 55  LEU A CA  1 
ATOM   403  C  C   . LEU A 1 54  ? 2.448   -14.825 2.254   1.00 20.92 ? 55  LEU A C   1 
ATOM   404  O  O   . LEU A 1 54  ? 1.606   -14.725 1.359   1.00 20.73 ? 55  LEU A O   1 
ATOM   405  C  CB  . LEU A 1 54  ? 0.996   -13.265 3.564   1.00 17.75 ? 55  LEU A CB  1 
ATOM   406  C  CG  . LEU A 1 54  ? 0.946   -12.296 4.747   1.00 15.77 ? 55  LEU A CG  1 
ATOM   407  C  CD1 . LEU A 1 54  ? -0.216  -11.332 4.591   1.00 13.82 ? 55  LEU A CD1 1 
ATOM   408  C  CD2 . LEU A 1 54  ? 0.852   -13.095 6.045   1.00 14.49 ? 55  LEU A CD2 1 
ATOM   409  N  N   . PRO A 1 55  ? 3.525   -15.611 2.133   1.00 21.77 ? 56  PRO A N   1 
ATOM   410  C  CA  . PRO A 1 55  ? 3.791   -16.383 0.915   1.00 22.23 ? 56  PRO A CA  1 
ATOM   411  C  C   . PRO A 1 55  ? 2.618   -17.248 0.471   1.00 21.71 ? 56  PRO A C   1 
ATOM   412  O  O   . PRO A 1 55  ? 2.359   -17.380 -0.721  1.00 22.26 ? 56  PRO A O   1 
ATOM   413  C  CB  . PRO A 1 55  ? 5.012   -17.217 1.295   1.00 22.27 ? 56  PRO A CB  1 
ATOM   414  C  CG  . PRO A 1 55  ? 4.821   -17.428 2.777   1.00 23.86 ? 56  PRO A CG  1 
ATOM   415  C  CD  . PRO A 1 55  ? 4.404   -16.047 3.232   1.00 22.55 ? 56  PRO A CD  1 
ATOM   416  N  N   . ASP A 1 56  ? 1.906   -17.829 1.429   1.00 21.39 ? 59  ASP A N   1 
ATOM   417  C  CA  . ASP A 1 56  ? 0.781   -18.694 1.105   1.00 22.08 ? 59  ASP A CA  1 
ATOM   418  C  C   . ASP A 1 56  ? -0.592  -18.021 1.098   1.00 21.13 ? 59  ASP A C   1 
ATOM   419  O  O   . ASP A 1 56  ? -1.615  -18.665 1.337   1.00 20.86 ? 59  ASP A O   1 
ATOM   420  C  CB  . ASP A 1 56  ? 0.784   -19.897 2.046   1.00 23.28 ? 59  ASP A CB  1 
ATOM   421  C  CG  . ASP A 1 56  ? 1.931   -20.852 1.756   1.00 24.25 ? 59  ASP A CG  1 
ATOM   422  O  OD1 . ASP A 1 56  ? 2.094   -21.840 2.500   1.00 26.94 ? 59  ASP A OD1 1 
ATOM   423  O  OD2 . ASP A 1 56  ? 2.668   -20.617 0.777   1.00 23.90 ? 59  ASP A OD2 1 
ATOM   424  N  N   . CYS A 1 57  ? -0.607  -16.725 0.809   1.00 19.79 ? 61  CYS A N   1 
ATOM   425  C  CA  . CYS A 1 57  ? -1.843  -15.966 0.738   1.00 18.64 ? 61  CYS A CA  1 
ATOM   426  C  C   . CYS A 1 57  ? -1.947  -15.340 -0.650  1.00 19.33 ? 61  CYS A C   1 
ATOM   427  O  O   . CYS A 1 57  ? -1.038  -15.466 -1.464  1.00 20.06 ? 61  CYS A O   1 
ATOM   428  C  CB  . CYS A 1 57  ? -1.864  -14.861 1.790   1.00 18.24 ? 61  CYS A CB  1 
ATOM   429  S  SG  . CYS A 1 57  ? -1.915  -15.415 3.525   1.00 16.31 ? 61  CYS A SG  1 
ATOM   430  N  N   . ASN A 1 58  ? -3.051  -14.657 -0.916  1.00 19.71 ? 67  ASN A N   1 
ATOM   431  C  CA  . ASN A 1 58  ? -3.262  -14.033 -2.214  1.00 19.72 ? 67  ASN A CA  1 
ATOM   432  C  C   . ASN A 1 58  ? -3.918  -12.664 -2.018  1.00 20.75 ? 67  ASN A C   1 
ATOM   433  O  O   . ASN A 1 58  ? -5.125  -12.499 -2.210  1.00 18.88 ? 67  ASN A O   1 
ATOM   434  C  CB  . ASN A 1 58  ? -4.138  -14.945 -3.078  1.00 18.79 ? 67  ASN A CB  1 
ATOM   435  C  CG  . ASN A 1 58  ? -3.439  -16.250 -3.446  1.00 17.42 ? 67  ASN A CG  1 
ATOM   436  O  OD1 . ASN A 1 58  ? -2.637  -16.300 -4.379  1.00 19.14 ? 67  ASN A OD1 1 
ATOM   437  N  ND2 . ASN A 1 58  ? -3.735  -17.309 -2.704  1.00 17.04 ? 67  ASN A ND2 1 
ATOM   438  N  N   . PRO A 1 59  ? -3.103  -11.659 -1.645  1.00 22.07 ? 68  PRO A N   1 
ATOM   439  C  CA  . PRO A 1 59  ? -3.448  -10.258 -1.377  1.00 22.35 ? 68  PRO A CA  1 
ATOM   440  C  C   . PRO A 1 59  ? -4.203  -9.547  -2.487  1.00 22.91 ? 68  PRO A C   1 
ATOM   441  O  O   . PRO A 1 59  ? -5.166  -8.825  -2.227  1.00 24.31 ? 68  PRO A O   1 
ATOM   442  C  CB  . PRO A 1 59  ? -2.090  -9.611  -1.127  1.00 23.10 ? 68  PRO A CB  1 
ATOM   443  C  CG  . PRO A 1 59  ? -1.251  -10.740 -0.615  1.00 23.02 ? 68  PRO A CG  1 
ATOM   444  C  CD  . PRO A 1 59  ? -1.646  -11.855 -1.538  1.00 22.16 ? 68  PRO A CD  1 
ATOM   445  N  N   . LYS A 1 60  ? -3.755  -9.741  -3.720  1.00 22.77 ? 69  LYS A N   1 
ATOM   446  C  CA  . LYS A 1 60  ? -4.389  -9.100  -4.865  1.00 22.97 ? 69  LYS A CA  1 
ATOM   447  C  C   . LYS A 1 60  ? -5.840  -9.515  -5.083  1.00 21.96 ? 69  LYS A C   1 
ATOM   448  O  O   . LYS A 1 60  ? -6.659  -8.688  -5.468  1.00 22.36 ? 69  LYS A O   1 
ATOM   449  C  CB  . LYS A 1 60  ? -3.616  -9.411  -6.145  1.00 23.82 ? 69  LYS A CB  1 
ATOM   450  C  CG  . LYS A 1 60  ? -2.219  -8.839  -6.237  1.00 27.96 ? 69  LYS A CG  1 
ATOM   451  C  CD  . LYS A 1 60  ? -1.507  -9.463  -7.442  1.00 34.17 ? 69  LYS A CD  1 
ATOM   452  C  CE  . LYS A 1 60  ? -0.182  -8.780  -7.766  1.00 36.21 ? 69  LYS A CE  1 
ATOM   453  N  NZ  . LYS A 1 60  ? -0.381  -7.405  -8.317  1.00 37.63 ? 69  LYS A NZ  1 
ATOM   454  N  N   . SER A 1 61  ? -6.161  -10.782 -4.830  1.00 20.58 ? 70  SER A N   1 
ATOM   455  C  CA  . SER A 1 61  ? -7.510  -11.272 -5.087  1.00 20.55 ? 70  SER A CA  1 
ATOM   456  C  C   . SER A 1 61  ? -8.378  -11.741 -3.926  1.00 19.70 ? 70  SER A C   1 
ATOM   457  O  O   . SER A 1 61  ? -9.600  -11.794 -4.058  1.00 19.99 ? 70  SER A O   1 
ATOM   458  C  CB  . SER A 1 61  ? -7.451  -12.398 -6.118  1.00 22.28 ? 70  SER A CB  1 
ATOM   459  O  OG  . SER A 1 61  ? -6.800  -13.537 -5.586  1.00 25.64 ? 70  SER A OG  1 
ATOM   460  N  N   . ASP A 1 62  ? -7.780  -12.106 -2.800  1.00 18.38 ? 71  ASP A N   1 
ATOM   461  C  CA  . ASP A 1 62  ? -8.598  -12.553 -1.680  1.00 16.56 ? 71  ASP A CA  1 
ATOM   462  C  C   . ASP A 1 62  ? -9.270  -11.341 -1.057  1.00 17.63 ? 71  ASP A C   1 
ATOM   463  O  O   . ASP A 1 62  ? -8.597  -10.417 -0.615  1.00 17.31 ? 71  ASP A O   1 
ATOM   464  C  CB  . ASP A 1 62  ? -7.748  -13.261 -0.627  1.00 14.94 ? 71  ASP A CB  1 
ATOM   465  C  CG  . ASP A 1 62  ? -8.589  -13.949 0.425   1.00 13.22 ? 71  ASP A CG  1 
ATOM   466  O  OD1 . ASP A 1 62  ? -9.742  -13.519 0.634   1.00 15.62 ? 71  ASP A OD1 1 
ATOM   467  O  OD2 . ASP A 1 62  ? -8.106  -14.910 1.053   1.00 11.88 ? 71  ASP A OD2 1 
ATOM   468  N  N   . ARG A 1 63  ? -10.600 -11.347 -1.023  1.00 19.96 ? 72  ARG A N   1 
ATOM   469  C  CA  . ARG A 1 63  ? -11.351 -10.233 -0.447  1.00 21.49 ? 72  ARG A CA  1 
ATOM   470  C  C   . ARG A 1 63  ? -11.546 -10.369 1.052   1.00 20.50 ? 72  ARG A C   1 
ATOM   471  O  O   . ARG A 1 63  ? -11.672 -11.474 1.584   1.00 19.43 ? 72  ARG A O   1 
ATOM   472  C  CB  . ARG A 1 63  ? -12.738 -10.109 -1.086  1.00 23.74 ? 72  ARG A CB  1 
ATOM   473  C  CG  . ARG A 1 63  ? -12.748 -9.830  -2.578  1.00 28.04 ? 72  ARG A CG  1 
ATOM   474  C  CD  . ARG A 1 63  ? -14.147 -9.455  -3.030  1.00 30.25 ? 72  ARG A CD  1 
ATOM   475  N  NE  . ARG A 1 63  ? -14.231 -9.287  -4.474  1.00 35.02 ? 72  ARG A NE  1 
ATOM   476  C  CZ  . ARG A 1 63  ? -15.364 -9.060  -5.132  1.00 37.09 ? 72  ARG A CZ  1 
ATOM   477  N  NH1 . ARG A 1 63  ? -15.351 -8.921  -6.456  1.00 36.70 ? 72  ARG A NH1 1 
ATOM   478  N  NH2 . ARG A 1 63  ? -16.510 -8.968  -4.467  1.00 35.10 ? 72  ARG A NH2 1 
ATOM   479  N  N   . TYR A 1 64  ? -11.580 -9.226  1.724   1.00 19.71 ? 73  TYR A N   1 
ATOM   480  C  CA  . TYR A 1 64  ? -11.800 -9.184  3.160   1.00 18.54 ? 73  TYR A CA  1 
ATOM   481  C  C   . TYR A 1 64  ? -12.870 -8.144  3.462   1.00 19.04 ? 73  TYR A C   1 
ATOM   482  O  O   . TYR A 1 64  ? -13.242 -7.348  2.594   1.00 18.42 ? 73  TYR A O   1 
ATOM   483  C  CB  . TYR A 1 64  ? -10.500 -8.849  3.898   1.00 15.61 ? 73  TYR A CB  1 
ATOM   484  C  CG  . TYR A 1 64  ? -9.820  -7.574  3.457   1.00 14.89 ? 73  TYR A CG  1 
ATOM   485  C  CD1 . TYR A 1 64  ? -10.313 -6.326  3.829   1.00 13.36 ? 73  TYR A CD1 1 
ATOM   486  C  CD2 . TYR A 1 64  ? -8.654  -7.619  2.681   1.00 15.08 ? 73  TYR A CD2 1 
ATOM   487  C  CE1 . TYR A 1 64  ? -9.660  -5.154  3.443   1.00 14.98 ? 73  TYR A CE1 1 
ATOM   488  C  CE2 . TYR A 1 64  ? -7.997  -6.457  2.291   1.00 13.12 ? 73  TYR A CE2 1 
ATOM   489  C  CZ  . TYR A 1 64  ? -8.501  -5.231  2.674   1.00 14.52 ? 73  TYR A CZ  1 
ATOM   490  O  OH  . TYR A 1 64  ? -7.847  -4.087  2.287   1.00 16.15 ? 73  TYR A OH  1 
ATOM   491  N  N   . LYS A 1 65  ? -13.367 -8.160  4.693   1.00 19.54 ? 74  LYS A N   1 
ATOM   492  C  CA  . LYS A 1 65  ? -14.402 -7.230  5.119   1.00 19.91 ? 74  LYS A CA  1 
ATOM   493  C  C   . LYS A 1 65  ? -13.881 -6.318  6.222   1.00 20.81 ? 74  LYS A C   1 
ATOM   494  O  O   . LYS A 1 65  ? -13.203 -6.774  7.144   1.00 21.26 ? 74  LYS A O   1 
ATOM   495  C  CB  . LYS A 1 65  ? -15.610 -8.005  5.650   1.00 20.36 ? 74  LYS A CB  1 
ATOM   496  C  CG  . LYS A 1 65  ? -16.274 -8.934  4.651   1.00 21.72 ? 74  LYS A CG  1 
ATOM   497  C  CD  . LYS A 1 65  ? -17.048 -8.152  3.614   1.00 23.82 ? 74  LYS A CD  1 
ATOM   498  C  CE  . LYS A 1 65  ? -17.843 -9.074  2.709   1.00 25.09 ? 74  LYS A CE  1 
ATOM   499  N  NZ  . LYS A 1 65  ? -18.648 -8.281  1.733   1.00 30.54 ? 74  LYS A NZ  1 
ATOM   500  N  N   . TYR A 1 66  ? -14.196 -5.034  6.129   1.00 21.49 ? 75  TYR A N   1 
ATOM   501  C  CA  . TYR A 1 66  ? -13.768 -4.102  7.153   1.00 23.41 ? 75  TYR A CA  1 
ATOM   502  C  C   . TYR A 1 66  ? -14.797 -2.997  7.341   1.00 24.51 ? 75  TYR A C   1 
ATOM   503  O  O   . TYR A 1 66  ? -15.600 -2.704  6.449   1.00 24.65 ? 75  TYR A O   1 
ATOM   504  C  CB  . TYR A 1 66  ? -12.382 -3.521  6.813   1.00 22.06 ? 75  TYR A CB  1 
ATOM   505  C  CG  . TYR A 1 66  ? -12.368 -2.438  5.760   1.00 20.86 ? 75  TYR A CG  1 
ATOM   506  C  CD1 . TYR A 1 66  ? -12.653 -1.117  6.092   1.00 19.49 ? 75  TYR A CD1 1 
ATOM   507  C  CD2 . TYR A 1 66  ? -12.055 -2.731  4.432   1.00 20.99 ? 75  TYR A CD2 1 
ATOM   508  C  CE1 . TYR A 1 66  ? -12.626 -0.116  5.133   1.00 19.42 ? 75  TYR A CE1 1 
ATOM   509  C  CE2 . TYR A 1 66  ? -12.027 -1.733  3.463   1.00 19.00 ? 75  TYR A CE2 1 
ATOM   510  C  CZ  . TYR A 1 66  ? -12.312 -0.428  3.823   1.00 18.73 ? 75  TYR A CZ  1 
ATOM   511  O  OH  . TYR A 1 66  ? -12.279 0.569   2.877   1.00 19.62 ? 75  TYR A OH  1 
ATOM   512  N  N   . LYS A 1 67  ? -14.791 -2.416  8.533   1.00 25.88 ? 76  LYS A N   1 
ATOM   513  C  CA  . LYS A 1 67  ? -15.694 -1.329  8.870   1.00 26.60 ? 76  LYS A CA  1 
ATOM   514  C  C   . LYS A 1 67  ? -14.858 -0.239  9.501   1.00 27.45 ? 76  LYS A C   1 
ATOM   515  O  O   . LYS A 1 67  ? -13.726 -0.477  9.919   1.00 28.70 ? 76  LYS A O   1 
ATOM   516  C  CB  . LYS A 1 67  ? -16.733 -1.786  9.892   1.00 26.44 ? 76  LYS A CB  1 
ATOM   517  C  CG  . LYS A 1 67  ? -16.120 -2.260  11.201  1.00 26.13 ? 76  LYS A CG  1 
ATOM   518  C  CD  . LYS A 1 67  ? -17.160 -2.860  12.134  1.00 29.50 ? 76  LYS A CD  1 
ATOM   519  C  CE  . LYS A 1 67  ? -16.538 -3.356  13.440  1.00 31.69 ? 76  LYS A CE  1 
ATOM   520  N  NZ  . LYS A 1 67  ? -17.573 -3.834  14.414  1.00 32.88 ? 76  LYS A NZ  1 
ATOM   521  N  N   . ARG A 1 68  ? -15.448 0.945   9.567   1.00 28.30 ? 77  ARG A N   1 
ATOM   522  C  CA  . ARG A 1 68  ? -14.812 2.093   10.175  1.00 29.78 ? 77  ARG A CA  1 
ATOM   523  C  C   . ARG A 1 68  ? -15.618 2.331   11.438  1.00 30.47 ? 77  ARG A C   1 
ATOM   524  O  O   . ARG A 1 68  ? -16.810 2.585   11.357  1.00 30.58 ? 77  ARG A O   1 
ATOM   525  C  CB  . ARG A 1 68  ? -14.932 3.302   9.260   1.00 28.68 ? 77  ARG A CB  1 
ATOM   526  C  CG  . ARG A 1 68  ? -14.786 2.948   7.813   1.00 28.13 ? 77  ARG A CG  1 
ATOM   527  C  CD  . ARG A 1 68  ? -14.085 4.025   7.010   1.00 27.53 ? 77  ARG A CD  1 
ATOM   528  N  NE  . ARG A 1 68  ? -12.743 4.313   7.494   1.00 28.69 ? 77  ARG A NE  1 
ATOM   529  C  CZ  . ARG A 1 68  ? -11.719 4.663   6.719   1.00 28.37 ? 77  ARG A CZ  1 
ATOM   530  N  NH1 . ARG A 1 68  ? -11.863 4.768   5.411   1.00 29.22 ? 77  ARG A NH1 1 
ATOM   531  N  NH2 . ARG A 1 68  ? -10.536 4.918   7.260   1.00 27.74 ? 77  ARG A NH2 1 
ATOM   532  N  N   . VAL A 1 69  ? -14.990 2.261   12.604  1.00 32.30 ? 78  VAL A N   1 
ATOM   533  C  CA  . VAL A 1 69  ? -15.774 2.497   13.806  1.00 36.08 ? 78  VAL A CA  1 
ATOM   534  C  C   . VAL A 1 69  ? -16.229 3.963   13.744  1.00 39.16 ? 78  VAL A C   1 
ATOM   535  O  O   . VAL A 1 69  ? -17.423 4.197   13.714  1.00 41.43 ? 78  VAL A O   1 
ATOM   536  C  CB  . VAL A 1 69  ? -14.996 2.089   15.082  1.00 36.38 ? 78  VAL A CB  1 
ATOM   537  C  CG1 . VAL A 1 69  ? -15.685 2.651   16.311  1.00 36.16 ? 78  VAL A CG1 1 
ATOM   538  C  CG2 . VAL A 1 69  ? -14.962 0.541   15.220  1.00 34.87 ? 78  VAL A CG2 1 
ATOM   539  N  N   . ASN A 1 70  ? -15.314 4.932   13.701  1.00 40.73 ? 79  ASN A N   1 
ATOM   540  C  CA  . ASN A 1 70  ? -15.747 6.340   13.539  1.00 41.31 ? 79  ASN A CA  1 
ATOM   541  C  C   . ASN A 1 70  ? -14.931 6.908   12.348  1.00 40.59 ? 79  ASN A C   1 
ATOM   542  O  O   . ASN A 1 70  ? -15.490 7.213   11.284  1.00 41.29 ? 79  ASN A O   1 
ATOM   543  C  CB  . ASN A 1 70  ? -15.629 7.126   14.882  1.00 43.67 ? 79  ASN A CB  1 
ATOM   544  C  CG  . ASN A 1 70  ? -16.967 7.169   15.625  1.00 45.26 ? 79  ASN A CG  1 
ATOM   545  O  OD1 . ASN A 1 70  ? -17.042 7.310   16.859  1.00 46.57 ? 79  ASN A OD1 1 
ATOM   546  N  ND2 . ASN A 1 70  ? -18.030 6.988   14.870  1.00 45.41 ? 79  ASN A ND2 1 
ATOM   547  N  N   . GLY A 1 71  ? -13.619 7.008   12.576  1.00 38.66 ? 80  GLY A N   1 
ATOM   548  C  CA  . GLY A 1 71  ? -12.651 7.383   11.560  1.00 36.97 ? 80  GLY A CA  1 
ATOM   549  C  C   . GLY A 1 71  ? -11.688 6.200   11.402  1.00 35.55 ? 80  GLY A C   1 
ATOM   550  O  O   . GLY A 1 71  ? -10.950 6.072   10.420  1.00 36.12 ? 80  GLY A O   1 
ATOM   551  N  N   . ALA A 1 72  ? -11.726 5.301   12.383  1.00 33.24 ? 81  ALA A N   1 
ATOM   552  C  CA  . ALA A 1 72  ? -10.861 4.107   12.452  1.00 30.50 ? 81  ALA A CA  1 
ATOM   553  C  C   . ALA A 1 72  ? -11.243 2.949   11.532  1.00 28.52 ? 81  ALA A C   1 
ATOM   554  O  O   . ALA A 1 72  ? -12.413 2.689   11.290  1.00 27.06 ? 81  ALA A O   1 
ATOM   555  C  CB  . ALA A 1 72  ? -10.818 3.583   13.883  1.00 30.59 ? 81  ALA A CB  1 
ATOM   556  N  N   . ILE A 1 73  ? -10.224 2.264   11.028  1.00 27.30 ? 82  ILE A N   1 
ATOM   557  C  CA  . ILE A 1 73  ? -10.386 1.110   10.167  1.00 24.33 ? 82  ILE A CA  1 
ATOM   558  C  C   . ILE A 1 73  ? -10.345 -0.132  11.044  1.00 22.81 ? 82  ILE A C   1 
ATOM   559  O  O   . ILE A 1 73  ? -9.401  -0.330  11.806  1.00 22.87 ? 82  ILE A O   1 
ATOM   560  C  CB  . ILE A 1 73  ? -9.233  0.980   9.153   1.00 24.32 ? 82  ILE A CB  1 
ATOM   561  C  CG1 . ILE A 1 73  ? -9.266  2.125   8.151   1.00 24.89 ? 82  ILE A CG1 1 
ATOM   562  C  CG2 . ILE A 1 73  ? -9.328  -0.355  8.449   1.00 26.79 ? 82  ILE A CG2 1 
ATOM   563  C  CD1 . ILE A 1 73  ? -8.621  3.389   8.655   1.00 27.26 ? 82  ILE A CD1 1 
ATOM   564  N  N   . VAL A 1 74  ? -11.371 -0.964  10.952  1.00 20.31 ? 83  VAL A N   1 
ATOM   565  C  CA  . VAL A 1 74  ? -11.404 -2.185  11.738  1.00 18.66 ? 83  VAL A CA  1 
ATOM   566  C  C   . VAL A 1 74  ? -11.633 -3.371  10.817  1.00 18.58 ? 83  VAL A C   1 
ATOM   567  O  O   . VAL A 1 74  ? -12.650 -3.454  10.123  1.00 17.21 ? 83  VAL A O   1 
ATOM   568  C  CB  . VAL A 1 74  ? -12.517 -2.144  12.799  1.00 18.96 ? 83  VAL A CB  1 
ATOM   569  C  CG1 . VAL A 1 74  ? -12.602 -3.489  13.507  1.00 17.92 ? 83  VAL A CG1 1 
ATOM   570  C  CG2 . VAL A 1 74  ? -12.235 -1.032  13.802  1.00 17.44 ? 83  VAL A CG2 1 
ATOM   571  N  N   . CYS A 1 75  ? -10.664 -4.278  10.804  1.00 18.13 ? 84  CYS A N   1 
ATOM   572  C  CA  . CYS A 1 75  ? -10.744 -5.468  9.982   1.00 17.81 ? 84  CYS A CA  1 
ATOM   573  C  C   . CYS A 1 75  ? -11.661 -6.469  10.649  1.00 19.84 ? 84  CYS A C   1 
ATOM   574  O  O   . CYS A 1 75  ? -11.499 -6.781  11.827  1.00 20.80 ? 84  CYS A O   1 
ATOM   575  C  CB  . CYS A 1 75  ? -9.367  -6.088  9.820   1.00 15.37 ? 84  CYS A CB  1 
ATOM   576  S  SG  . CYS A 1 75  ? -8.179  -5.041  8.933   1.00 15.12 ? 84  CYS A SG  1 
ATOM   577  N  N   . GLU A 1 76  ? -12.628 -6.971  9.891   1.00 21.28 ? 85  GLU A N   1 
ATOM   578  C  CA  . GLU A 1 76  ? -13.564 -7.950  10.414  1.00 22.46 ? 85  GLU A CA  1 
ATOM   579  C  C   . GLU A 1 76  ? -12.962 -9.346  10.315  1.00 21.96 ? 85  GLU A C   1 
ATOM   580  O  O   . GLU A 1 76  ? -12.132 -9.616  9.445   1.00 21.99 ? 85  GLU A O   1 
ATOM   581  C  CB  . GLU A 1 76  ? -14.877 -7.857  9.645   1.00 24.85 ? 85  GLU A CB  1 
ATOM   582  C  CG  . GLU A 1 76  ? -15.597 -6.542  9.904   1.00 30.01 ? 85  GLU A CG  1 
ATOM   583  C  CD  . GLU A 1 76  ? -16.715 -6.268  8.923   1.00 32.91 ? 85  GLU A CD  1 
ATOM   584  O  OE1 . GLU A 1 76  ? -16.418 -6.053  7.729   1.00 35.39 ? 85  GLU A OE1 1 
ATOM   585  O  OE2 . GLU A 1 76  ? -17.892 -6.267  9.344   1.00 34.99 ? 85  GLU A OE2 1 
ATOM   586  N  N   . LYS A 1 77  ? -13.366 -10.227 11.221  1.00 21.95 ? 86  LYS A N   1 
ATOM   587  C  CA  . LYS A 1 77  ? -12.849 -11.587 11.244  1.00 21.79 ? 86  LYS A CA  1 
ATOM   588  C  C   . LYS A 1 77  ? -13.209 -12.356 9.982   1.00 20.67 ? 86  LYS A C   1 
ATOM   589  O  O   . LYS A 1 77  ? -14.348 -12.321 9.517   1.00 19.94 ? 86  LYS A O   1 
ATOM   590  C  CB  . LYS A 1 77  ? -13.377 -12.333 12.472  1.00 24.28 ? 86  LYS A CB  1 
ATOM   591  C  CG  . LYS A 1 77  ? -12.785 -13.726 12.676  1.00 28.76 ? 86  LYS A CG  1 
ATOM   592  C  CD  . LYS A 1 77  ? -13.361 -14.396 13.934  1.00 32.57 ? 86  LYS A CD  1 
ATOM   593  C  CE  . LYS A 1 77  ? -12.903 -15.855 14.085  1.00 35.17 ? 86  LYS A CE  1 
ATOM   594  N  NZ  . LYS A 1 77  ? -11.414 -16.001 14.192  1.00 37.46 ? 86  LYS A NZ  1 
ATOM   595  N  N   . GLY A 1 78  ? -12.214 -13.043 9.430   1.00 19.55 ? 88  GLY A N   1 
ATOM   596  C  CA  . GLY A 1 78  ? -12.408 -13.846 8.238   1.00 18.87 ? 88  GLY A CA  1 
ATOM   597  C  C   . GLY A 1 78  ? -11.370 -14.943 8.304   1.00 18.11 ? 88  GLY A C   1 
ATOM   598  O  O   . GLY A 1 78  ? -11.092 -15.452 9.384   1.00 19.11 ? 88  GLY A O   1 
ATOM   599  N  N   . THR A 1 79  ? -10.797 -15.318 7.168   1.00 17.29 ? 89  THR A N   1 
ATOM   600  C  CA  . THR A 1 79  ? -9.762  -16.342 7.155   1.00 16.16 ? 89  THR A CA  1 
ATOM   601  C  C   . THR A 1 79  ? -8.517  -15.676 7.726   1.00 16.81 ? 89  THR A C   1 
ATOM   602  O  O   . THR A 1 79  ? -8.453  -14.448 7.798   1.00 16.64 ? 89  THR A O   1 
ATOM   603  C  CB  . THR A 1 79  ? -9.448  -16.791 5.732   1.00 16.61 ? 89  THR A CB  1 
ATOM   604  O  OG1 . THR A 1 79  ? -8.879  -15.693 5.004   1.00 13.71 ? 89  THR A OG1 1 
ATOM   605  C  CG2 . THR A 1 79  ? -10.713 -17.255 5.035   1.00 17.76 ? 89  THR A CG2 1 
ATOM   606  N  N   . SER A 1 80  ? -7.527  -16.464 8.130   1.00 17.11 ? 90  SER A N   1 
ATOM   607  C  CA  . SER A 1 80  ? -6.317  -15.877 8.685   1.00 17.19 ? 90  SER A CA  1 
ATOM   608  C  C   . SER A 1 80  ? -5.629  -15.001 7.648   1.00 16.75 ? 90  SER A C   1 
ATOM   609  O  O   . SER A 1 80  ? -5.204  -13.896 7.963   1.00 17.30 ? 90  SER A O   1 
ATOM   610  C  CB  . SER A 1 80  ? -5.359  -16.960 9.168   1.00 16.70 ? 90  SER A CB  1 
ATOM   611  O  OG  . SER A 1 80  ? -4.933  -17.761 8.090   1.00 21.42 ? 90  SER A OG  1 
ATOM   612  N  N   . CYS A 1 81  ? -5.525  -15.481 6.412   1.00 17.05 ? 91  CYS A N   1 
ATOM   613  C  CA  . CYS A 1 81  ? -4.891  -14.683 5.363   1.00 16.86 ? 91  CYS A CA  1 
ATOM   614  C  C   . CYS A 1 81  ? -5.663  -13.377 5.253   1.00 16.89 ? 91  CYS A C   1 
ATOM   615  O  O   . CYS A 1 81  ? -5.086  -12.294 5.287   1.00 17.86 ? 91  CYS A O   1 
ATOM   616  C  CB  . CYS A 1 81  ? -4.930  -15.399 4.005   1.00 17.00 ? 91  CYS A CB  1 
ATOM   617  S  SG  . CYS A 1 81  ? -3.577  -16.574 3.636   1.00 17.21 ? 91  CYS A SG  1 
ATOM   618  N  N   . GLU A 1 82  ? -6.978  -13.495 5.129   1.00 16.81 ? 92  GLU A N   1 
ATOM   619  C  CA  . GLU A 1 82  ? -7.837  -12.329 5.011   1.00 15.57 ? 92  GLU A CA  1 
ATOM   620  C  C   . GLU A 1 82  ? -7.587  -11.313 6.117   1.00 16.40 ? 92  GLU A C   1 
ATOM   621  O  O   . GLU A 1 82  ? -7.557  -10.111 5.853   1.00 17.61 ? 92  GLU A O   1 
ATOM   622  C  CB  . GLU A 1 82  ? -9.307  -12.760 5.013   1.00 13.41 ? 92  GLU A CB  1 
ATOM   623  C  CG  . GLU A 1 82  ? -9.904  -12.936 3.623   1.00 9.77  ? 92  GLU A CG  1 
ATOM   624  C  CD  . GLU A 1 82  ? -11.001 -13.982 3.578   1.00 8.08  ? 92  GLU A CD  1 
ATOM   625  O  OE1 . GLU A 1 82  ? -11.621 -14.250 4.628   1.00 7.44  ? 92  GLU A OE1 1 
ATOM   626  O  OE2 . GLU A 1 82  ? -11.252 -14.534 2.486   1.00 6.67  ? 92  GLU A OE2 1 
ATOM   627  N  N   . ASN A 1 83  ? -7.395  -11.782 7.346   1.00 16.39 ? 93  ASN A N   1 
ATOM   628  C  CA  . ASN A 1 83  ? -7.171  -10.863 8.459   1.00 17.60 ? 93  ASN A CA  1 
ATOM   629  C  C   . ASN A 1 83  ? -5.797  -10.198 8.388   1.00 17.85 ? 93  ASN A C   1 
ATOM   630  O  O   . ASN A 1 83  ? -5.661  -9.003  8.656   1.00 19.10 ? 93  ASN A O   1 
ATOM   631  C  CB  . ASN A 1 83  ? -7.319  -11.592 9.799   1.00 18.96 ? 93  ASN A CB  1 
ATOM   632  C  CG  . ASN A 1 83  ? -8.594  -12.415 9.881   1.00 21.78 ? 93  ASN A CG  1 
ATOM   633  O  OD1 . ASN A 1 83  ? -9.683  -11.933 9.560   1.00 23.97 ? 93  ASN A OD1 1 
ATOM   634  N  ND2 . ASN A 1 83  ? -8.465  -13.663 10.318  1.00 22.74 ? 93  ASN A ND2 1 
ATOM   635  N  N   . ARG A 1 84  ? -4.783  -10.967 8.016   1.00 16.68 ? 94  ARG A N   1 
ATOM   636  C  CA  . ARG A 1 84  ? -3.430  -10.443 7.934   1.00 17.78 ? 94  ARG A CA  1 
ATOM   637  C  C   . ARG A 1 84  ? -3.225  -9.568  6.705   1.00 18.36 ? 94  ARG A C   1 
ATOM   638  O  O   . ARG A 1 84  ? -2.333  -8.711  6.675   1.00 19.10 ? 94  ARG A O   1 
ATOM   639  C  CB  . ARG A 1 84  ? -2.437  -11.604 7.953   1.00 18.10 ? 94  ARG A CB  1 
ATOM   640  C  CG  . ARG A 1 84  ? -2.585  -12.453 9.208   1.00 21.45 ? 94  ARG A CG  1 
ATOM   641  C  CD  . ARG A 1 84  ? -1.986  -13.824 9.027   1.00 26.45 ? 94  ARG A CD  1 
ATOM   642  N  NE  . ARG A 1 84  ? -0.537  -13.822 9.185   1.00 30.59 ? 94  ARG A NE  1 
ATOM   643  C  CZ  . ARG A 1 84  ? 0.256   -14.803 8.763   1.00 32.74 ? 94  ARG A CZ  1 
ATOM   644  N  NH1 . ARG A 1 84  ? -0.266  -15.860 8.148   1.00 31.88 ? 94  ARG A NH1 1 
ATOM   645  N  NH2 . ARG A 1 84  ? 1.566   -14.732 8.970   1.00 34.23 ? 94  ARG A NH2 1 
ATOM   646  N  N   . ILE A 1 85  ? -4.056  -9.786  5.692   1.00 17.16 ? 95  ILE A N   1 
ATOM   647  C  CA  . ILE A 1 85  ? -3.987  -9.008  4.467   1.00 15.91 ? 95  ILE A CA  1 
ATOM   648  C  C   . ILE A 1 85  ? -4.553  -7.637  4.796   1.00 15.74 ? 95  ILE A C   1 
ATOM   649  O  O   . ILE A 1 85  ? -3.979  -6.599  4.466   1.00 14.84 ? 95  ILE A O   1 
ATOM   650  C  CB  . ILE A 1 85  ? -4.849  -9.655  3.352   1.00 16.61 ? 95  ILE A CB  1 
ATOM   651  C  CG1 . ILE A 1 85  ? -4.193  -10.959 2.893   1.00 17.17 ? 95  ILE A CG1 1 
ATOM   652  C  CG2 . ILE A 1 85  ? -5.030  -8.682  2.175   1.00 15.08 ? 95  ILE A CG2 1 
ATOM   653  C  CD1 . ILE A 1 85  ? -4.980  -11.699 1.830   1.00 18.56 ? 95  ILE A CD1 1 
ATOM   654  N  N   . CYS A 1 86  ? -5.695  -7.650  5.460   1.00 15.75 ? 96  CYS A N   1 
ATOM   655  C  CA  . CYS A 1 86  ? -6.363  -6.424  5.837   1.00 17.01 ? 96  CYS A CA  1 
ATOM   656  C  C   . CYS A 1 86  ? -5.462  -5.540  6.713   1.00 18.92 ? 96  CYS A C   1 
ATOM   657  O  O   . CYS A 1 86  ? -5.339  -4.333  6.480   1.00 19.14 ? 96  CYS A O   1 
ATOM   658  C  CB  . CYS A 1 86  ? -7.657  -6.779  6.555   1.00 15.03 ? 96  CYS A CB  1 
ATOM   659  S  SG  . CYS A 1 86  ? -8.670  -5.348  6.992   1.00 12.32 ? 96  CYS A SG  1 
ATOM   660  N  N   . GLU A 1 87  ? -4.824  -6.140  7.713   1.00 19.16 ? 97  GLU A N   1 
ATOM   661  C  CA  . GLU A 1 87  ? -3.935  -5.378  8.578   1.00 19.46 ? 97  GLU A CA  1 
ATOM   662  C  C   . GLU A 1 87  ? -2.819  -4.723  7.762   1.00 18.56 ? 97  GLU A C   1 
ATOM   663  O  O   . GLU A 1 87  ? -2.361  -3.633  8.104   1.00 20.43 ? 97  GLU A O   1 
ATOM   664  C  CB  . GLU A 1 87  ? -3.322  -6.275  9.655   1.00 19.99 ? 97  GLU A CB  1 
ATOM   665  C  CG  . GLU A 1 87  ? -4.288  -6.695  10.749  1.00 22.36 ? 97  GLU A CG  1 
ATOM   666  C  CD  . GLU A 1 87  ? -4.924  -5.507  11.444  1.00 22.63 ? 97  GLU A CD  1 
ATOM   667  O  OE1 . GLU A 1 87  ? -4.255  -4.460  11.539  1.00 25.16 ? 97  GLU A OE1 1 
ATOM   668  O  OE2 . GLU A 1 87  ? -6.079  -5.619  11.902  1.00 21.62 ? 97  GLU A OE2 1 
ATOM   669  N  N   . CYS A 1 88  ? -2.381  -5.385  6.692   1.00 16.52 ? 98  CYS A N   1 
ATOM   670  C  CA  . CYS A 1 88  ? -1.322  -4.840  5.842   1.00 15.57 ? 98  CYS A CA  1 
ATOM   671  C  C   . CYS A 1 88  ? -1.805  -3.610  5.077   1.00 15.41 ? 98  CYS A C   1 
ATOM   672  O  O   . CYS A 1 88  ? -1.101  -2.604  4.993   1.00 15.18 ? 98  CYS A O   1 
ATOM   673  C  CB  . CYS A 1 88  ? -0.841  -5.873  4.822   1.00 14.91 ? 98  CYS A CB  1 
ATOM   674  S  SG  . CYS A 1 88  ? 0.212   -7.227  5.426   1.00 14.11 ? 98  CYS A SG  1 
ATOM   675  N  N   . ASP A 1 89  ? -3.004  -3.707  4.512   1.00 15.26 ? 99  ASP A N   1 
ATOM   676  C  CA  . ASP A 1 89  ? -3.595  -2.615  3.746   1.00 15.45 ? 99  ASP A CA  1 
ATOM   677  C  C   . ASP A 1 89  ? -3.980  -1.434  4.645   1.00 16.02 ? 99  ASP A C   1 
ATOM   678  O  O   . ASP A 1 89  ? -3.830  -0.262  4.265   1.00 15.22 ? 99  ASP A O   1 
ATOM   679  C  CB  . ASP A 1 89  ? -4.821  -3.126  2.986   1.00 14.96 ? 99  ASP A CB  1 
ATOM   680  C  CG  . ASP A 1 89  ? -4.446  -3.992  1.801   1.00 15.68 ? 99  ASP A CG  1 
ATOM   681  O  OD1 . ASP A 1 89  ? -3.234  -4.170  1.572   1.00 18.04 ? 99  ASP A OD1 1 
ATOM   682  O  OD2 . ASP A 1 89  ? -5.348  -4.487  1.092   1.00 14.61 ? 99  ASP A OD2 1 
ATOM   683  N  N   . LYS A 1 90  ? -4.473  -1.743  5.838   1.00 14.46 ? 100 LYS A N   1 
ATOM   684  C  CA  . LYS A 1 90  ? -4.861  -0.704  6.779   1.00 14.52 ? 100 LYS A CA  1 
ATOM   685  C  C   . LYS A 1 90  ? -3.644  0.144   7.114   1.00 15.28 ? 100 LYS A C   1 
ATOM   686  O  O   . LYS A 1 90  ? -3.720  1.376   7.159   1.00 16.30 ? 100 LYS A O   1 
ATOM   687  C  CB  . LYS A 1 90  ? -5.411  -1.340  8.052   1.00 14.99 ? 100 LYS A CB  1 
ATOM   688  C  CG  . LYS A 1 90  ? -5.752  -0.364  9.154   1.00 12.03 ? 100 LYS A CG  1 
ATOM   689  C  CD  . LYS A 1 90  ? -6.198  -1.126  10.383  1.00 14.48 ? 100 LYS A CD  1 
ATOM   690  C  CE  . LYS A 1 90  ? -6.502  -0.195  11.543  1.00 16.78 ? 100 LYS A CE  1 
ATOM   691  N  NZ  . LYS A 1 90  ? -6.966  -0.964  12.739  1.00 17.49 ? 100 LYS A NZ  1 
ATOM   692  N  N   . ALA A 1 91  ? -2.519  -0.524  7.347   1.00 14.60 ? 101 ALA A N   1 
ATOM   693  C  CA  . ALA A 1 91  ? -1.281  0.164   7.684   1.00 14.86 ? 101 ALA A CA  1 
ATOM   694  C  C   . ALA A 1 91  ? -0.875  1.131   6.573   1.00 14.31 ? 101 ALA A C   1 
ATOM   695  O  O   . ALA A 1 91  ? -0.576  2.301   6.821   1.00 12.96 ? 101 ALA A O   1 
ATOM   696  C  CB  . ALA A 1 91  ? -0.181  -0.856  7.920   1.00 16.34 ? 101 ALA A CB  1 
ATOM   697  N  N   . ALA A 1 92  ? -0.877  0.632   5.342   1.00 12.96 ? 102 ALA A N   1 
ATOM   698  C  CA  . ALA A 1 92  ? -0.503  1.443   4.198   1.00 11.81 ? 102 ALA A CA  1 
ATOM   699  C  C   . ALA A 1 92  ? -1.399  2.672   4.028   1.00 10.98 ? 102 ALA A C   1 
ATOM   700  O  O   . ALA A 1 92  ? -0.921  3.749   3.668   1.00 10.03 ? 102 ALA A O   1 
ATOM   701  C  CB  . ALA A 1 92  ? -0.535  0.587   2.936   1.00 10.87 ? 102 ALA A CB  1 
ATOM   702  N  N   . ALA A 1 93  ? -2.693  2.515   4.289   1.00 10.47 ? 103 ALA A N   1 
ATOM   703  C  CA  . ALA A 1 93  ? -3.627  3.626   4.135   1.00 10.37 ? 103 ALA A CA  1 
ATOM   704  C  C   . ALA A 1 93  ? -3.285  4.719   5.131   1.00 10.73 ? 103 ALA A C   1 
ATOM   705  O  O   . ALA A 1 93  ? -3.041  5.873   4.760   1.00 9.89  ? 103 ALA A O   1 
ATOM   706  C  CB  . ALA A 1 93  ? -5.057  3.146   4.343   1.00 9.10  ? 103 ALA A CB  1 
ATOM   707  N  N   . ILE A 1 94  ? -3.272  4.350   6.404   1.00 11.49 ? 104 ILE A N   1 
ATOM   708  C  CA  . ILE A 1 94  ? -2.941  5.292   7.458   1.00 12.22 ? 104 ILE A CA  1 
ATOM   709  C  C   . ILE A 1 94  ? -1.627  5.982   7.088   1.00 12.19 ? 104 ILE A C   1 
ATOM   710  O  O   . ILE A 1 94  ? -1.507  7.204   7.126   1.00 11.76 ? 104 ILE A O   1 
ATOM   711  C  CB  . ILE A 1 94  ? -2.821  4.538   8.797   1.00 11.71 ? 104 ILE A CB  1 
ATOM   712  C  CG1 . ILE A 1 94  ? -4.227  4.170   9.278   1.00 11.57 ? 104 ILE A CG1 1 
ATOM   713  C  CG2 . ILE A 1 94  ? -2.087  5.374   9.821   1.00 10.88 ? 104 ILE A CG2 1 
ATOM   714  C  CD1 . ILE A 1 94  ? -4.258  3.132   10.374  1.00 13.40 ? 104 ILE A CD1 1 
ATOM   715  N  N   . CYS A 1 95  ? -0.652  5.180   6.693   1.00 13.29 ? 105 CYS A N   1 
ATOM   716  C  CA  . CYS A 1 95  ? 0.648   5.692   6.295   1.00 13.64 ? 105 CYS A CA  1 
ATOM   717  C  C   . CYS A 1 95  ? 0.509   6.758   5.208   1.00 15.26 ? 105 CYS A C   1 
ATOM   718  O  O   . CYS A 1 95  ? 1.091   7.840   5.324   1.00 14.41 ? 105 CYS A O   1 
ATOM   719  C  CB  . CYS A 1 95  ? 1.501   4.545   5.786   1.00 12.04 ? 105 CYS A CB  1 
ATOM   720  S  SG  . CYS A 1 95  ? 3.267   4.908   5.628   1.00 11.08 ? 105 CYS A SG  1 
ATOM   721  N  N   . PHE A 1 96  ? -0.248  6.449   4.152   1.00 16.46 ? 106 PHE A N   1 
ATOM   722  C  CA  . PHE A 1 96  ? -0.460  7.405   3.065   1.00 18.26 ? 106 PHE A CA  1 
ATOM   723  C  C   . PHE A 1 96  ? -1.072  8.692   3.611   1.00 19.24 ? 106 PHE A C   1 
ATOM   724  O  O   . PHE A 1 96  ? -0.628  9.798   3.296   1.00 18.33 ? 106 PHE A O   1 
ATOM   725  C  CB  . PHE A 1 96  ? -1.404  6.837   1.996   1.00 18.23 ? 106 PHE A CB  1 
ATOM   726  C  CG  . PHE A 1 96  ? -0.794  5.766   1.138   1.00 18.97 ? 106 PHE A CG  1 
ATOM   727  C  CD1 . PHE A 1 96  ? 0.583   5.667   0.988   1.00 19.66 ? 106 PHE A CD1 1 
ATOM   728  C  CD2 . PHE A 1 96  ? -1.608  4.868   0.451   1.00 18.19 ? 106 PHE A CD2 1 
ATOM   729  C  CE1 . PHE A 1 96  ? 1.143   4.687   0.161   1.00 20.24 ? 106 PHE A CE1 1 
ATOM   730  C  CE2 . PHE A 1 96  ? -1.059  3.889   -0.374  1.00 18.13 ? 106 PHE A CE2 1 
ATOM   731  C  CZ  . PHE A 1 96  ? 0.317   3.797   -0.519  1.00 18.34 ? 106 PHE A CZ  1 
ATOM   732  N  N   . ARG A 1 97  ? -2.108  8.530   4.427   1.00 20.83 ? 107 ARG A N   1 
ATOM   733  C  CA  . ARG A 1 97  ? -2.797  9.658   5.036   1.00 22.01 ? 107 ARG A CA  1 
ATOM   734  C  C   . ARG A 1 97  ? -1.813  10.495  5.834   1.00 21.91 ? 107 ARG A C   1 
ATOM   735  O  O   . ARG A 1 97  ? -1.898  11.720  5.860   1.00 22.19 ? 107 ARG A O   1 
ATOM   736  C  CB  . ARG A 1 97  ? -3.905  9.150   5.964   1.00 22.37 ? 107 ARG A CB  1 
ATOM   737  C  CG  . ARG A 1 97  ? -4.615  10.224  6.785   1.00 21.79 ? 107 ARG A CG  1 
ATOM   738  C  CD  . ARG A 1 97  ? -5.376  11.202  5.907   1.00 24.13 ? 107 ARG A CD  1 
ATOM   739  N  NE  . ARG A 1 97  ? -4.650  12.450  5.691   1.00 27.84 ? 107 ARG A NE  1 
ATOM   740  C  CZ  . ARG A 1 97  ? -4.857  13.574  6.379   1.00 29.25 ? 107 ARG A CZ  1 
ATOM   741  N  NH1 . ARG A 1 97  ? -5.779  13.619  7.333   1.00 28.37 ? 107 ARG A NH1 1 
ATOM   742  N  NH2 . ARG A 1 97  ? -4.130  14.655  6.122   1.00 31.78 ? 107 ARG A NH2 1 
ATOM   743  N  N   . GLN A 1 98  ? -0.862  9.823   6.465   1.00 22.39 ? 108 GLN A N   1 
ATOM   744  C  CA  . GLN A 1 98  ? 0.112   10.506  7.296   1.00 24.20 ? 108 GLN A CA  1 
ATOM   745  C  C   . GLN A 1 98  ? 1.228   11.220  6.562   1.00 23.39 ? 108 GLN A C   1 
ATOM   746  O  O   . GLN A 1 98  ? 2.008   11.933  7.178   1.00 24.36 ? 108 GLN A O   1 
ATOM   747  C  CB  . GLN A 1 98  ? 0.720   9.523   8.288   1.00 26.42 ? 108 GLN A CB  1 
ATOM   748  C  CG  . GLN A 1 98  ? 1.277   10.200  9.515   1.00 30.02 ? 108 GLN A CG  1 
ATOM   749  C  CD  . GLN A 1 98  ? 1.523   9.226   10.636  1.00 32.75 ? 108 GLN A CD  1 
ATOM   750  O  OE1 . GLN A 1 98  ? 1.299   9.545   11.804  1.00 35.12 ? 108 GLN A OE1 1 
ATOM   751  N  NE2 . GLN A 1 98  ? 1.995   8.031   10.293  1.00 32.98 ? 108 GLN A NE2 1 
ATOM   752  N  N   . ASN A 1 99  ? 1.310   11.034  5.251   1.00 23.85 ? 109 ASN A N   1 
ATOM   753  C  CA  . ASN A 1 99  ? 2.359   11.673  4.468   1.00 23.22 ? 109 ASN A CA  1 
ATOM   754  C  C   . ASN A 1 99  ? 1.812   12.399  3.241   1.00 23.76 ? 109 ASN A C   1 
ATOM   755  O  O   . ASN A 1 99  ? 2.565   12.774  2.340   1.00 23.06 ? 109 ASN A O   1 
ATOM   756  C  CB  . ASN A 1 99  ? 3.384   10.630  4.041   1.00 21.49 ? 109 ASN A CB  1 
ATOM   757  C  CG  . ASN A 1 99  ? 4.091   10.002  5.218   1.00 21.75 ? 109 ASN A CG  1 
ATOM   758  O  OD1 . ASN A 1 99  ? 4.968   10.613  5.828   1.00 21.00 ? 109 ASN A OD1 1 
ATOM   759  N  ND2 . ASN A 1 99  ? 3.706   8.773   5.553   1.00 22.96 ? 109 ASN A ND2 1 
ATOM   760  N  N   . LEU A 1 100 ? 0.501   12.597  3.211   1.00 23.40 ? 110 LEU A N   1 
ATOM   761  C  CA  . LEU A 1 100 ? -0.123  13.285  2.099   1.00 24.80 ? 110 LEU A CA  1 
ATOM   762  C  C   . LEU A 1 100 ? 0.519   14.646  1.929   1.00 26.31 ? 110 LEU A C   1 
ATOM   763  O  O   . LEU A 1 100 ? 0.584   15.179  0.823   1.00 26.75 ? 110 LEU A O   1 
ATOM   764  C  CB  . LEU A 1 100 ? -1.614  13.470  2.357   1.00 26.79 ? 110 LEU A CB  1 
ATOM   765  C  CG  . LEU A 1 100 ? -2.599  12.613  1.559   1.00 27.44 ? 110 LEU A CG  1 
ATOM   766  C  CD1 . LEU A 1 100 ? -4.019  12.988  1.944   1.00 26.85 ? 110 LEU A CD1 1 
ATOM   767  C  CD2 . LEU A 1 100 ? -2.384  12.832  0.069   1.00 27.52 ? 110 LEU A CD2 1 
ATOM   768  N  N   . ASN A 1 101 ? 0.992   15.204  3.039   1.00 28.28 ? 111 ASN A N   1 
ATOM   769  C  CA  . ASN A 1 101 ? 1.617   16.522  3.033   1.00 28.29 ? 111 ASN A CA  1 
ATOM   770  C  C   . ASN A 1 101 ? 2.905   16.591  2.224   1.00 26.96 ? 111 ASN A C   1 
ATOM   771  O  O   . ASN A 1 101 ? 3.351   17.680  1.876   1.00 29.64 ? 111 ASN A O   1 
ATOM   772  C  CB  . ASN A 1 101 ? 1.899   16.992  4.465   1.00 31.42 ? 111 ASN A CB  1 
ATOM   773  C  CG  . ASN A 1 101 ? 2.959   16.146  5.168   1.00 34.68 ? 111 ASN A CG  1 
ATOM   774  O  OD1 . ASN A 1 101 ? 3.601   16.605  6.117   1.00 37.28 ? 111 ASN A OD1 1 
ATOM   775  N  ND2 . ASN A 1 101 ? 3.137   14.908  4.714   1.00 33.92 ? 111 ASN A ND2 1 
ATOM   776  N  N   . THR A 1 102 ? 3.514   15.447  1.932   1.00 24.71 ? 112 THR A N   1 
ATOM   777  C  CA  . THR A 1 102 ? 4.745   15.453  1.149   1.00 24.38 ? 112 THR A CA  1 
ATOM   778  C  C   . THR A 1 102 ? 4.607   14.693  -0.160  1.00 24.72 ? 112 THR A C   1 
ATOM   779  O  O   . THR A 1 102 ? 5.589   14.479  -0.864  1.00 24.61 ? 112 THR A O   1 
ATOM   780  C  CB  . THR A 1 102 ? 5.939   14.858  1.931   1.00 22.75 ? 112 THR A CB  1 
ATOM   781  O  OG1 . THR A 1 102 ? 5.581   13.577  2.462   1.00 21.49 ? 112 THR A OG1 1 
ATOM   782  C  CG2 . THR A 1 102 ? 6.349   15.784  3.055   1.00 22.16 ? 112 THR A CG2 1 
ATOM   783  N  N   . TYR A 1 103 ? 3.390   14.276  -0.483  1.00 25.84 ? 113 TYR A N   1 
ATOM   784  C  CA  . TYR A 1 103 ? 3.162   13.555  -1.727  1.00 27.27 ? 113 TYR A CA  1 
ATOM   785  C  C   . TYR A 1 103 ? 3.713   14.433  -2.841  1.00 27.87 ? 113 TYR A C   1 
ATOM   786  O  O   . TYR A 1 103 ? 3.434   15.626  -2.893  1.00 29.52 ? 113 TYR A O   1 
ATOM   787  C  CB  . TYR A 1 103 ? 1.663   13.303  -1.923  1.00 28.00 ? 113 TYR A CB  1 
ATOM   788  C  CG  . TYR A 1 103 ? 1.303   12.649  -3.239  1.00 30.27 ? 113 TYR A CG  1 
ATOM   789  C  CD1 . TYR A 1 103 ? 1.366   13.361  -4.433  1.00 31.53 ? 113 TYR A CD1 1 
ATOM   790  C  CD2 . TYR A 1 103 ? 0.891   11.318  -3.289  1.00 31.51 ? 113 TYR A CD2 1 
ATOM   791  C  CE1 . TYR A 1 103 ? 1.028   12.768  -5.645  1.00 32.42 ? 113 TYR A CE1 1 
ATOM   792  C  CE2 . TYR A 1 103 ? 0.550   10.716  -4.496  1.00 32.98 ? 113 TYR A CE2 1 
ATOM   793  C  CZ  . TYR A 1 103 ? 0.619   11.449  -5.670  1.00 33.46 ? 113 TYR A CZ  1 
ATOM   794  O  OH  . TYR A 1 103 ? 0.264   10.873  -6.870  1.00 36.32 ? 113 TYR A OH  1 
ATOM   795  N  N   . SER A 1 104 ? 4.502   13.841  -3.727  1.00 27.65 ? 114 SER A N   1 
ATOM   796  C  CA  . SER A 1 104 ? 5.104   14.593  -4.813  1.00 28.22 ? 114 SER A CA  1 
ATOM   797  C  C   . SER A 1 104 ? 4.783   14.028  -6.194  1.00 29.95 ? 114 SER A C   1 
ATOM   798  O  O   . SER A 1 104 ? 5.035   12.854  -6.468  1.00 30.93 ? 114 SER A O   1 
ATOM   799  C  CB  . SER A 1 104 ? 6.618   14.637  -4.611  1.00 28.00 ? 114 SER A CB  1 
ATOM   800  O  OG  . SER A 1 104 ? 7.268   15.227  -5.719  1.00 29.79 ? 114 SER A OG  1 
ATOM   801  N  N   . LYS A 1 105 ? 4.233   14.867  -7.067  1.00 31.10 ? 115 LYS A N   1 
ATOM   802  C  CA  . LYS A 1 105 ? 3.886   14.435  -8.417  1.00 33.13 ? 115 LYS A CA  1 
ATOM   803  C  C   . LYS A 1 105 ? 5.103   14.109  -9.280  1.00 33.35 ? 115 LYS A C   1 
ATOM   804  O  O   . LYS A 1 105 ? 4.974   13.439  -10.302 1.00 33.93 ? 115 LYS A O   1 
ATOM   805  C  CB  . LYS A 1 105 ? 3.047   15.499  -9.131  1.00 34.96 ? 115 LYS A CB  1 
ATOM   806  C  CG  . LYS A 1 105 ? 1.593   15.559  -8.705  1.00 38.02 ? 115 LYS A CG  1 
ATOM   807  C  CD  . LYS A 1 105 ? 0.804   16.482  -9.628  1.00 40.13 ? 115 LYS A CD  1 
ATOM   808  C  CE  . LYS A 1 105 ? -0.695  16.422  -9.352  1.00 41.06 ? 115 LYS A CE  1 
ATOM   809  N  NZ  . LYS A 1 105 ? -1.469  17.308  -10.272 1.00 39.16 ? 115 LYS A NZ  1 
ATOM   810  N  N   . LYS A 1 106 ? 6.282   14.580  -8.893  1.00 33.03 ? 116 LYS A N   1 
ATOM   811  C  CA  . LYS A 1 106 ? 7.467   14.290  -9.691  1.00 33.83 ? 116 LYS A CA  1 
ATOM   812  C  C   . LYS A 1 106 ? 7.878   12.833  -9.528  1.00 32.52 ? 116 LYS A C   1 
ATOM   813  O  O   . LYS A 1 106 ? 8.844   12.379  -10.145 1.00 32.23 ? 116 LYS A O   1 
ATOM   814  C  CB  . LYS A 1 106 ? 8.639   15.194  -9.301  1.00 35.68 ? 116 LYS A CB  1 
ATOM   815  C  CG  . LYS A 1 106 ? 9.212   14.922  -7.925  1.00 38.49 ? 116 LYS A CG  1 
ATOM   816  C  CD  . LYS A 1 106 ? 10.448  15.774  -7.678  1.00 41.13 ? 116 LYS A CD  1 
ATOM   817  C  CE  . LYS A 1 106 ? 10.749  15.900  -6.189  1.00 42.99 ? 116 LYS A CE  1 
ATOM   818  N  NZ  . LYS A 1 106 ? 9.659   16.625  -5.464  1.00 43.98 ? 116 LYS A NZ  1 
ATOM   819  N  N   . TYR A 1 107 ? 7.154   12.104  -8.687  1.00 30.62 ? 117 TYR A N   1 
ATOM   820  C  CA  . TYR A 1 107 ? 7.463   10.700  -8.476  1.00 28.92 ? 117 TYR A CA  1 
ATOM   821  C  C   . TYR A 1 107 ? 6.421   9.816   -9.146  1.00 28.30 ? 117 TYR A C   1 
ATOM   822  O  O   . TYR A 1 107 ? 6.490   8.592   -9.066  1.00 27.53 ? 117 TYR A O   1 
ATOM   823  C  CB  . TYR A 1 107 ? 7.569   10.393  -6.982  1.00 27.78 ? 117 TYR A CB  1 
ATOM   824  C  CG  . TYR A 1 107 ? 8.805   10.991  -6.335  1.00 27.58 ? 117 TYR A CG  1 
ATOM   825  C  CD1 . TYR A 1 107 ? 10.088  10.610  -6.742  1.00 26.53 ? 117 TYR A CD1 1 
ATOM   826  C  CD2 . TYR A 1 107 ? 8.693   11.938  -5.317  1.00 26.80 ? 117 TYR A CD2 1 
ATOM   827  C  CE1 . TYR A 1 107 ? 11.226  11.157  -6.146  1.00 25.25 ? 117 TYR A CE1 1 
ATOM   828  C  CE2 . TYR A 1 107 ? 9.825   12.490  -4.716  1.00 25.10 ? 117 TYR A CE2 1 
ATOM   829  C  CZ  . TYR A 1 107 ? 11.083  12.094  -5.131  1.00 25.51 ? 117 TYR A CZ  1 
ATOM   830  O  OH  . TYR A 1 107 ? 12.192  12.623  -4.509  1.00 26.26 ? 117 TYR A OH  1 
ATOM   831  N  N   . MET A 1 108 ? 5.452   10.446  -9.807  1.00 28.20 ? 118 MET A N   1 
ATOM   832  C  CA  . MET A 1 108 ? 4.423   9.709   -10.533 1.00 28.25 ? 118 MET A CA  1 
ATOM   833  C  C   . MET A 1 108 ? 5.102   9.183   -11.786 1.00 28.42 ? 118 MET A C   1 
ATOM   834  O  O   . MET A 1 108 ? 5.897   9.894   -12.399 1.00 29.31 ? 118 MET A O   1 
ATOM   835  C  CB  . MET A 1 108 ? 3.273   10.626  -10.952 1.00 28.30 ? 118 MET A CB  1 
ATOM   836  C  CG  . MET A 1 108 ? 2.221   10.882  -9.893  1.00 30.56 ? 118 MET A CG  1 
ATOM   837  S  SD  . MET A 1 108 ? 0.798   11.757  -10.602 1.00 33.36 ? 118 MET A SD  1 
ATOM   838  C  CE  . MET A 1 108 ? -0.084  10.399  -11.347 1.00 31.04 ? 118 MET A CE  1 
ATOM   839  N  N   . LEU A 1 109 ? 4.800   7.950   -12.174 1.00 27.10 ? 119 LEU A N   1 
ATOM   840  C  CA  . LEU A 1 109 ? 5.409   7.374   -13.367 1.00 26.01 ? 119 LEU A CA  1 
ATOM   841  C  C   . LEU A 1 109 ? 6.937   7.360   -13.289 1.00 24.26 ? 119 LEU A C   1 
ATOM   842  O  O   . LEU A 1 109 ? 7.618   7.486   -14.306 1.00 22.85 ? 119 LEU A O   1 
ATOM   843  C  CB  . LEU A 1 109 ? 4.985   8.161   -14.609 1.00 26.47 ? 119 LEU A CB  1 
ATOM   844  C  CG  . LEU A 1 109 ? 3.494   8.287   -14.920 1.00 28.78 ? 119 LEU A CG  1 
ATOM   845  C  CD1 . LEU A 1 109 ? 3.342   8.888   -16.307 1.00 30.13 ? 119 LEU A CD1 1 
ATOM   846  C  CD2 . LEU A 1 109 ? 2.818   6.925   -14.875 1.00 30.43 ? 119 LEU A CD2 1 
ATOM   847  N  N   . TYR A 1 110 ? 7.475   7.203   -12.086 1.00 24.09 ? 120 TYR A N   1 
ATOM   848  C  CA  . TYR A 1 110 ? 8.923   7.190   -11.914 1.00 25.63 ? 120 TYR A CA  1 
ATOM   849  C  C   . TYR A 1 110 ? 9.554   6.099   -12.779 1.00 25.19 ? 120 TYR A C   1 
ATOM   850  O  O   . TYR A 1 110 ? 9.094   4.963   -12.788 1.00 25.26 ? 120 TYR A O   1 
ATOM   851  C  CB  . TYR A 1 110 ? 9.276   6.969   -10.441 1.00 25.86 ? 120 TYR A CB  1 
ATOM   852  C  CG  . TYR A 1 110 ? 10.682  7.398   -10.082 1.00 26.83 ? 120 TYR A CG  1 
ATOM   853  C  CD1 . TYR A 1 110 ? 11.106  8.708   -10.293 1.00 27.86 ? 120 TYR A CD1 1 
ATOM   854  C  CD2 . TYR A 1 110 ? 11.581  6.502   -9.512  1.00 28.12 ? 120 TYR A CD2 1 
ATOM   855  C  CE1 . TYR A 1 110 ? 12.395  9.116   -9.943  1.00 28.24 ? 120 TYR A CE1 1 
ATOM   856  C  CE2 . TYR A 1 110 ? 12.868  6.897   -9.159  1.00 28.46 ? 120 TYR A CE2 1 
ATOM   857  C  CZ  . TYR A 1 110 ? 13.268  8.204   -9.379  1.00 29.10 ? 120 TYR A CZ  1 
ATOM   858  O  OH  . TYR A 1 110 ? 14.548  8.587   -9.042  1.00 31.74 ? 120 TYR A OH  1 
ATOM   859  N  N   . PRO A 1 111 ? 10.617  6.437   -13.524 1.00 25.60 ? 121 PRO A N   1 
ATOM   860  C  CA  . PRO A 1 111 ? 11.270  5.445   -14.379 1.00 25.94 ? 121 PRO A CA  1 
ATOM   861  C  C   . PRO A 1 111 ? 12.105  4.422   -13.620 1.00 26.84 ? 121 PRO A C   1 
ATOM   862  O  O   . PRO A 1 111 ? 12.894  4.758   -12.733 1.00 26.99 ? 121 PRO A O   1 
ATOM   863  C  CB  . PRO A 1 111 ? 12.100  6.304   -15.329 1.00 25.38 ? 121 PRO A CB  1 
ATOM   864  C  CG  . PRO A 1 111 ? 12.482  7.453   -14.481 1.00 25.22 ? 121 PRO A CG  1 
ATOM   865  C  CD  . PRO A 1 111 ? 11.196  7.774   -13.743 1.00 26.22 ? 121 PRO A CD  1 
ATOM   866  N  N   . ASP A 1 112 ? 11.916  3.167   -14.000 1.00 26.58 ? 122 ASP A N   1 
ATOM   867  C  CA  . ASP A 1 112 ? 12.592  2.031   -13.403 1.00 27.39 ? 122 ASP A CA  1 
ATOM   868  C  C   . ASP A 1 112 ? 14.094  2.148   -13.149 1.00 28.42 ? 122 ASP A C   1 
ATOM   869  O  O   . ASP A 1 112 ? 14.554  1.914   -12.033 1.00 28.37 ? 122 ASP A O   1 
ATOM   870  C  CB  . ASP A 1 112 ? 12.313  0.794   -14.257 1.00 28.65 ? 122 ASP A CB  1 
ATOM   871  C  CG  . ASP A 1 112 ? 13.122  -0.397  -13.830 1.00 29.10 ? 122 ASP A CG  1 
ATOM   872  O  OD1 . ASP A 1 112 ? 14.343  -0.393  -14.085 1.00 29.66 ? 122 ASP A OD1 1 
ATOM   873  O  OD2 . ASP A 1 112 ? 12.537  -1.330  -13.240 1.00 30.75 ? 122 ASP A OD2 1 
ATOM   874  N  N   . PHE A 1 113 ? 14.863  2.500   -14.174 1.00 29.70 ? 124 PHE A N   1 
ATOM   875  C  CA  . PHE A 1 113 ? 16.312  2.591   -14.024 1.00 29.80 ? 124 PHE A CA  1 
ATOM   876  C  C   . PHE A 1 113 ? 16.761  3.504   -12.890 1.00 30.30 ? 124 PHE A C   1 
ATOM   877  O  O   . PHE A 1 113 ? 17.911  3.431   -12.452 1.00 29.91 ? 124 PHE A O   1 
ATOM   878  C  CB  . PHE A 1 113 ? 16.967  3.045   -15.332 1.00 29.87 ? 124 PHE A CB  1 
ATOM   879  C  CG  . PHE A 1 113 ? 16.967  4.533   -15.528 1.00 30.47 ? 124 PHE A CG  1 
ATOM   880  C  CD1 . PHE A 1 113 ? 15.770  5.236   -15.666 1.00 30.25 ? 124 PHE A CD1 1 
ATOM   881  C  CD2 . PHE A 1 113 ? 18.166  5.236   -15.578 1.00 29.27 ? 124 PHE A CD2 1 
ATOM   882  C  CE1 . PHE A 1 113 ? 15.774  6.624   -15.851 1.00 29.72 ? 124 PHE A CE1 1 
ATOM   883  C  CE2 . PHE A 1 113 ? 18.179  6.621   -15.759 1.00 28.87 ? 124 PHE A CE2 1 
ATOM   884  C  CZ  . PHE A 1 113 ? 16.983  7.316   -15.898 1.00 28.14 ? 124 PHE A CZ  1 
ATOM   885  N  N   . LEU A 1 114 ? 15.865  4.365   -12.415 1.00 31.31 ? 125 LEU A N   1 
ATOM   886  C  CA  . LEU A 1 114 ? 16.208  5.273   -11.324 1.00 32.20 ? 125 LEU A CA  1 
ATOM   887  C  C   . LEU A 1 114 ? 15.957  4.661   -9.951  1.00 32.70 ? 125 LEU A C   1 
ATOM   888  O  O   . LEU A 1 114 ? 15.822  5.372   -8.957  1.00 33.60 ? 125 LEU A O   1 
ATOM   889  C  CB  . LEU A 1 114 ? 15.434  6.585   -11.451 1.00 31.19 ? 125 LEU A CB  1 
ATOM   890  C  CG  . LEU A 1 114 ? 15.866  7.469   -12.622 1.00 32.32 ? 125 LEU A CG  1 
ATOM   891  C  CD1 . LEU A 1 114 ? 15.138  8.808   -12.545 1.00 30.73 ? 125 LEU A CD1 1 
ATOM   892  C  CD2 . LEU A 1 114 ? 17.381  7.672   -12.584 1.00 30.66 ? 125 LEU A CD2 1 
ATOM   893  N  N   . CYS A 1 115 ? 15.899  3.337   -9.906  1.00 33.36 ? 126 CYS A N   1 
ATOM   894  C  CA  . CYS A 1 115 ? 15.673  2.616   -8.667  1.00 34.60 ? 126 CYS A CA  1 
ATOM   895  C  C   . CYS A 1 115 ? 16.756  1.554   -8.544  1.00 38.11 ? 126 CYS A C   1 
ATOM   896  O  O   . CYS A 1 115 ? 16.582  0.417   -8.981  1.00 38.55 ? 126 CYS A O   1 
ATOM   897  C  CB  . CYS A 1 115 ? 14.284  1.977   -8.689  1.00 30.86 ? 126 CYS A CB  1 
ATOM   898  S  SG  . CYS A 1 115 ? 12.924  3.190   -8.813  1.00 23.04 ? 126 CYS A SG  1 
ATOM   899  N  N   . LYS A 1 116 ? 17.878  1.936   -7.942  1.00 41.97 ? 127 LYS A N   1 
ATOM   900  C  CA  . LYS A 1 116 ? 19.013  1.031   -7.792  1.00 46.34 ? 127 LYS A CA  1 
ATOM   901  C  C   . LYS A 1 116 ? 19.260  0.586   -6.353  1.00 48.85 ? 127 LYS A C   1 
ATOM   902  O  O   . LYS A 1 116 ? 19.092  1.361   -5.408  1.00 48.83 ? 127 LYS A O   1 
ATOM   903  C  CB  . LYS A 1 116 ? 20.285  1.706   -8.313  1.00 46.73 ? 127 LYS A CB  1 
ATOM   904  C  CG  . LYS A 1 116 ? 20.046  2.735   -9.405  1.00 49.06 ? 127 LYS A CG  1 
ATOM   905  C  CD  . LYS A 1 116 ? 21.323  3.507   -9.715  1.00 50.79 ? 127 LYS A CD  1 
ATOM   906  C  CE  . LYS A 1 116 ? 21.055  4.706   -10.613 1.00 51.66 ? 127 LYS A CE  1 
ATOM   907  N  NZ  . LYS A 1 116 ? 20.489  4.310   -11.936 1.00 53.16 ? 127 LYS A NZ  1 
ATOM   908  N  N   . GLY A 1 117 ? 19.679  -0.667  -6.202  1.00 50.83 ? 128 GLY A N   1 
ATOM   909  C  CA  . GLY A 1 117 ? 19.978  -1.198  -4.888  1.00 53.27 ? 128 GLY A CA  1 
ATOM   910  C  C   . GLY A 1 117 ? 18.861  -1.987  -4.243  1.00 55.18 ? 128 GLY A C   1 
ATOM   911  O  O   . GLY A 1 117 ? 17.685  -1.656  -4.386  1.00 56.14 ? 128 GLY A O   1 
ATOM   912  N  N   . GLU A 1 118 ? 19.231  -3.049  -3.537  1.00 56.38 ? 129 GLU A N   1 
ATOM   913  C  CA  . GLU A 1 118 ? 18.251  -3.867  -2.845  1.00 57.13 ? 129 GLU A CA  1 
ATOM   914  C  C   . GLU A 1 118 ? 18.169  -3.341  -1.422  1.00 55.70 ? 129 GLU A C   1 
ATOM   915  O  O   . GLU A 1 118 ? 19.139  -2.793  -0.892  1.00 56.21 ? 129 GLU A O   1 
ATOM   916  C  CB  . GLU A 1 118 ? 18.675  -5.341  -2.835  1.00 60.38 ? 129 GLU A CB  1 
ATOM   917  C  CG  . GLU A 1 118 ? 17.727  -6.270  -3.597  1.00 64.60 ? 129 GLU A CG  1 
ATOM   918  C  CD  . GLU A 1 118 ? 16.346  -6.366  -2.959  1.00 67.39 ? 129 GLU A CD  1 
ATOM   919  O  OE1 . GLU A 1 118 ? 16.190  -7.111  -1.964  1.00 68.37 ? 129 GLU A OE1 1 
ATOM   920  O  OE2 . GLU A 1 118 ? 15.416  -5.686  -3.451  1.00 68.72 ? 129 GLU A OE2 1 
ATOM   921  N  N   . LEU A 1 119 ? 16.998  -3.484  -0.818  1.00 53.36 ? 130 LEU A N   1 
ATOM   922  C  CA  . LEU A 1 119 ? 16.783  -3.049  0.551   1.00 50.21 ? 130 LEU A CA  1 
ATOM   923  C  C   . LEU A 1 119 ? 16.020  -4.207  1.178   1.00 48.10 ? 130 LEU A C   1 
ATOM   924  O  O   . LEU A 1 119 ? 15.033  -4.680  0.615   1.00 47.88 ? 130 LEU A O   1 
ATOM   925  C  CB  . LEU A 1 119 ? 15.947  -1.765  0.579   1.00 50.27 ? 130 LEU A CB  1 
ATOM   926  C  CG  . LEU A 1 119 ? 16.224  -0.781  1.721   1.00 50.29 ? 130 LEU A CG  1 
ATOM   927  C  CD1 . LEU A 1 119 ? 15.377  0.461   1.530   1.00 49.13 ? 130 LEU A CD1 1 
ATOM   928  C  CD2 . LEU A 1 119 ? 15.930  -1.430  3.064   1.00 50.42 ? 130 LEU A CD2 1 
ATOM   929  N  N   . LYS A 1 120 ? 16.488  -4.683  2.325   1.00 45.24 ? 131 LYS A N   1 
ATOM   930  C  CA  . LYS A 1 120 ? 15.830  -5.802  2.974   1.00 42.81 ? 131 LYS A CA  1 
ATOM   931  C  C   . LYS A 1 120 ? 14.675  -5.378  3.866   1.00 40.26 ? 131 LYS A C   1 
ATOM   932  O  O   . LYS A 1 120 ? 14.672  -4.292  4.443   1.00 39.83 ? 131 LYS A O   1 
ATOM   933  C  CB  . LYS A 1 120 ? 16.843  -6.618  3.777   1.00 44.28 ? 131 LYS A CB  1 
ATOM   934  C  CG  . LYS A 1 120 ? 18.017  -7.121  2.939   1.00 46.22 ? 131 LYS A CG  1 
ATOM   935  C  CD  . LYS A 1 120 ? 18.932  -8.007  3.764   1.00 49.07 ? 131 LYS A CD  1 
ATOM   936  C  CE  . LYS A 1 120 ? 20.362  -7.466  3.758   1.00 50.37 ? 131 LYS A CE  1 
ATOM   937  N  NZ  . LYS A 1 120 ? 21.319  -8.436  4.353   1.00 52.54 ? 131 LYS A NZ  1 
ATOM   938  N  N   . CYS A 1 121 ? 13.685  -6.253  3.958   1.00 36.82 ? 133 CYS A N   1 
ATOM   939  C  CA  . CYS A 1 121 ? 12.510  -6.004  4.765   1.00 33.82 ? 133 CYS A CA  1 
ATOM   940  C  C   . CYS A 1 121 ? 12.824  -6.173  6.240   1.00 33.71 ? 133 CYS A C   1 
ATOM   941  O  O   . CYS A 1 121 ? 12.234  -5.437  7.058   1.00 31.95 ? 133 CYS A O   1 
ATOM   942  C  CB  . CYS A 1 121 ? 11.397  -6.958  4.357   1.00 31.77 ? 133 CYS A CB  1 
ATOM   943  S  SG  . CYS A 1 121 ? 10.668  -6.577  2.736   1.00 25.24 ? 133 CYS A SG  1 
ATOM   944  O  OXT . CYS A 1 121 ? 13.648  -7.055  6.554   1.00 35.53 ? 133 CYS A OXT 1 
HETATM 945  S  S   . SO4 B 2 .   ? -5.225  15.562  -7.440  1.00 99.99 ? 201 SO4 A S   1 
HETATM 946  O  O1  . SO4 B 2 .   ? -4.493  16.590  -6.668  1.00 99.76 ? 201 SO4 A O1  1 
HETATM 947  O  O2  . SO4 B 2 .   ? -5.166  14.324  -6.660  1.00 99.84 ? 201 SO4 A O2  1 
HETATM 948  O  O3  . SO4 B 2 .   ? -6.651  15.895  -7.619  1.00 99.99 ? 201 SO4 A O3  1 
HETATM 949  O  O4  . SO4 B 2 .   ? -4.563  15.431  -8.746  1.00 99.99 ? 201 SO4 A O4  1 
HETATM 950  S  S   . SO4 C 2 .   ? 20.149  -11.110 1.691   1.00 99.99 ? 202 SO4 A S   1 
HETATM 951  O  O1  . SO4 C 2 .   ? 21.523  -10.742 1.296   1.00 99.99 ? 202 SO4 A O1  1 
HETATM 952  O  O2  . SO4 C 2 .   ? 19.902  -10.475 2.992   1.00 99.99 ? 202 SO4 A O2  1 
HETATM 953  O  O3  . SO4 C 2 .   ? 19.139  -10.606 0.741   1.00 99.99 ? 202 SO4 A O3  1 
HETATM 954  O  O4  . SO4 C 2 .   ? 20.082  -12.562 1.769   1.00 99.99 ? 202 SO4 A O4  1 
HETATM 955  C  C1  . DIF D 3 .   ? -4.149  -1.718  -9.594  1.00 28.66 ? 701 DIF A C1  1 
HETATM 956  C  C2  . DIF D 3 .   ? -3.004  -1.720  -8.784  1.00 27.92 ? 701 DIF A C2  1 
HETATM 957  CL CL2 . DIF D 3 .   ? -1.616  -2.167  -9.692  1.00 23.05 ? 701 DIF A CL2 1 
HETATM 958  C  C3  . DIF D 3 .   ? -2.875  -1.379  -7.310  1.00 27.58 ? 701 DIF A C3  1 
HETATM 959  C  C4  . DIF D 3 .   ? -4.220  -1.043  -6.851  1.00 27.81 ? 701 DIF A C4  1 
HETATM 960  CL CL4 . DIF D 3 .   ? -4.155  -0.630  -5.132  1.00 23.53 ? 701 DIF A CL4 1 
HETATM 961  C  C5  . DIF D 3 .   ? -5.348  -1.055  -7.703  1.00 27.63 ? 701 DIF A C5  1 
HETATM 962  C  C6  . DIF D 3 .   ? -5.337  -1.391  -9.056  1.00 27.27 ? 701 DIF A C6  1 
HETATM 963  N  N1  . DIF D 3 .   ? -1.899  -1.307  -6.272  1.00 27.26 ? 701 DIF A N1  1 
HETATM 964  C  C7  . DIF D 3 .   ? 0.097   -2.000  -4.808  1.00 26.69 ? 701 DIF A C7  1 
HETATM 965  C  C8  . DIF D 3 .   ? -0.870  -2.160  -5.939  1.00 28.31 ? 701 DIF A C8  1 
HETATM 966  C  C9  . DIF D 3 .   ? -0.699  -3.288  -6.698  1.00 26.41 ? 701 DIF A C9  1 
HETATM 967  C  C10 . DIF D 3 .   ? 0.333   -4.180  -6.393  1.00 28.72 ? 701 DIF A C10 1 
HETATM 968  C  C11 . DIF D 3 .   ? 1.240   -4.012  -5.330  1.00 28.58 ? 701 DIF A C11 1 
HETATM 969  C  C12 . DIF D 3 .   ? 1.115   -2.911  -4.538  1.00 26.89 ? 701 DIF A C12 1 
HETATM 970  C  C13 . DIF D 3 .   ? 0.002   -0.969  -3.812  1.00 24.46 ? 701 DIF A C13 1 
HETATM 971  C  C14 . DIF D 3 .   ? 0.971   -0.246  -3.043  1.00 26.35 ? 701 DIF A C14 1 
HETATM 972  O  O1  . DIF D 3 .   ? 1.649   -0.977  -2.286  1.00 26.51 ? 701 DIF A O1  1 
HETATM 973  O  O2  . DIF D 3 .   ? 0.969   0.994   -3.247  1.00 24.57 ? 701 DIF A O2  1 
HETATM 974  O  O   . HOH E 4 .   ? 5.878   -8.298  -2.149  1.00 80.49 ? 702 HOH A O   1 
HETATM 975  O  O   . HOH E 4 .   ? 2.760   0.417   4.755   1.00 2.00  ? 703 HOH A O   1 
HETATM 976  O  O   . HOH E 4 .   ? 1.588   -15.707 -3.326  1.00 23.28 ? 704 HOH A O   1 
HETATM 977  O  O   . HOH E 4 .   ? 6.519   2.253   -8.816  1.00 20.25 ? 705 HOH A O   1 
HETATM 978  O  O   . HOH E 4 .   ? 17.205  -3.399  5.953   1.00 42.85 ? 706 HOH A O   1 
HETATM 979  O  O   . HOH E 4 .   ? 18.772  2.573   4.895   1.00 40.86 ? 707 HOH A O   1 
HETATM 980  O  O   . HOH E 4 .   ? -4.580  1.894   13.319  1.00 53.51 ? 708 HOH A O   1 
HETATM 981  O  O   . HOH E 4 .   ? -4.371  -18.059 -0.092  1.00 11.72 ? 709 HOH A O   1 
HETATM 982  O  O   . HOH E 4 .   ? -17.435 -8.363  -1.500  1.00 45.62 ? 710 HOH A O   1 
HETATM 983  O  O   . HOH E 4 .   ? -0.382  -15.069 -6.522  1.00 71.86 ? 711 HOH A O   1 
HETATM 984  O  O   . HOH E 4 .   ? 1.502   -17.014 3.890   1.00 28.20 ? 712 HOH A O   1 
HETATM 985  O  O   . HOH E 4 .   ? 16.354  3.472   2.676   1.00 56.23 ? 713 HOH A O   1 
HETATM 986  O  O   . HOH E 4 .   ? 0.623   9.853   0.408   1.00 23.16 ? 714 HOH A O   1 
HETATM 987  O  O   . HOH E 4 .   ? -15.731 -9.798  12.771  1.00 38.83 ? 715 HOH A O   1 
HETATM 988  O  O   . HOH E 4 .   ? -17.070 -11.679 10.519  1.00 42.50 ? 716 HOH A O   1 
HETATM 989  O  O   . HOH E 4 .   ? -11.031 -10.228 6.675   1.00 86.89 ? 717 HOH A O   1 
HETATM 990  O  O   . HOH E 4 .   ? 15.811  13.699  4.054   1.00 45.22 ? 718 HOH A O   1 
HETATM 991  O  O   . HOH E 4 .   ? 8.399   3.385   6.721   1.00 36.02 ? 719 HOH A O   1 
HETATM 992  O  O   . HOH E 4 .   ? 13.636  3.794   4.335   1.00 63.42 ? 720 HOH A O   1 
HETATM 993  O  O   . HOH E 4 .   ? 3.216   12.322  11.566  1.00 43.89 ? 721 HOH A O   1 
HETATM 994  O  O   . HOH E 4 .   ? 11.062  -4.737  -10.197 1.00 47.31 ? 722 HOH A O   1 
HETATM 995  O  O   . HOH E 4 .   ? -2.364  -11.893 -4.799  1.00 18.51 ? 723 HOH A O   1 
HETATM 996  O  O   . HOH E 4 .   ? 19.167  -3.212  3.334   1.00 38.32 ? 724 HOH A O   1 
HETATM 997  O  O   . HOH E 4 .   ? -20.797 -6.159  2.380   1.00 67.31 ? 725 HOH A O   1 
HETATM 998  O  O   . HOH E 4 .   ? 5.386   -21.632 3.539   1.00 54.52 ? 726 HOH A O   1 
HETATM 999  O  O   . HOH E 4 .   ? -8.202  -19.194 8.069   1.00 44.03 ? 727 HOH A O   1 
HETATM 1000 O  O   . HOH E 4 .   ? 20.162  1.385   -13.816 1.00 82.75 ? 728 HOH A O   1 
HETATM 1001 O  O   . HOH E 4 .   ? -20.923 -8.897  3.863   1.00 58.05 ? 729 HOH A O   1 
HETATM 1002 O  O   . HOH E 4 .   ? -13.846 -12.046 4.483   1.00 48.92 ? 730 HOH A O   1 
HETATM 1003 O  O   . HOH E 4 .   ? 14.481  10.831  4.410   1.00 19.79 ? 731 HOH A O   1 
HETATM 1004 O  O   . HOH E 4 .   ? 15.085  11.473  -9.393  1.00 37.96 ? 732 HOH A O   1 
HETATM 1005 O  O   . HOH E 4 .   ? -5.354  -15.245 0.445   1.00 10.08 ? 733 HOH A O   1 
HETATM 1006 O  O   . HOH E 4 .   ? 15.210  12.903  -2.807  1.00 36.02 ? 734 HOH A O   1 
HETATM 1007 O  O   . HOH E 4 .   ? -15.663 -6.864  14.427  1.00 76.41 ? 735 HOH A O   1 
HETATM 1008 O  O   . HOH E 4 .   ? -5.986  -6.716  -0.506  1.00 16.53 ? 736 HOH A O   1 
HETATM 1009 O  O   . HOH E 4 .   ? -4.474  -2.793  13.771  1.00 21.62 ? 737 HOH A O   1 
HETATM 1010 O  O   . HOH E 4 .   ? -6.565  -8.634  11.768  1.00 37.38 ? 738 HOH A O   1 
HETATM 1011 O  O   . HOH E 4 .   ? -9.838  -9.332  11.699  1.00 49.96 ? 739 HOH A O   1 
HETATM 1012 O  O   . HOH E 4 .   ? 1.075   -22.053 5.132   1.00 39.27 ? 740 HOH A O   1 
HETATM 1013 O  O   . HOH E 4 .   ? 3.578   5.459   8.758   1.00 32.62 ? 741 HOH A O   1 
HETATM 1014 O  O   . HOH E 4 .   ? -3.494  12.277  8.381   1.00 99.99 ? 742 HOH A O   1 
HETATM 1015 O  O   . HOH E 4 .   ? -12.002 8.636   14.326  1.00 49.63 ? 743 HOH A O   1 
HETATM 1016 O  O   . HOH E 4 .   ? -15.622 8.947   18.925  1.00 31.58 ? 744 HOH A O   1 
HETATM 1017 O  O   . HOH E 4 .   ? -14.064 -10.213 7.305   1.00 39.26 ? 745 HOH A O   1 
HETATM 1018 O  O   . HOH E 4 .   ? -8.903  -3.919  12.855  1.00 20.66 ? 746 HOH A O   1 
HETATM 1019 O  O   . HOH E 4 .   ? 1.363   6.698   -9.870  1.00 26.26 ? 747 HOH A O   1 
HETATM 1020 O  O   . HOH E 4 .   ? -8.158  6.392   10.789  1.00 28.08 ? 748 HOH A O   1 
HETATM 1021 O  O   . HOH E 4 .   ? -7.459  3.152   11.604  1.00 43.74 ? 749 HOH A O   1 
HETATM 1022 O  O   . HOH E 4 .   ? -9.565  -18.625 14.309  1.00 83.96 ? 750 HOH A O   1 
HETATM 1023 O  O   . HOH E 4 .   ? -16.303 -0.241  4.065   1.00 38.65 ? 751 HOH A O   1 
HETATM 1024 O  O   . HOH E 4 .   ? -18.327 -5.407  5.036   1.00 74.28 ? 752 HOH A O   1 
HETATM 1025 O  O   . HOH E 4 .   ? -7.979  5.517   -13.161 1.00 44.28 ? 753 HOH A O   1 
HETATM 1026 O  O   . HOH E 4 .   ? 2.054   -3.918  -1.827  1.00 76.53 ? 754 HOH A O   1 
HETATM 1027 O  O   . HOH E 4 .   ? -1.135  1.497   -5.360  1.00 33.35 ? 755 HOH A O   1 
HETATM 1028 O  O   . HOH E 4 .   ? 13.140  -4.903  -1.507  1.00 47.28 ? 756 HOH A O   1 
HETATM 1029 O  O   . HOH E 4 .   ? -7.644  15.054  -4.482  1.00 47.47 ? 757 HOH A O   1 
HETATM 1030 O  O   . HOH E 4 .   ? 7.719   -14.083 0.140   1.00 37.37 ? 758 HOH A O   1 
HETATM 1031 O  O   . HOH E 4 .   ? -5.168  -0.305  15.701  1.00 51.73 ? 759 HOH A O   1 
HETATM 1032 O  O   . HOH E 4 .   ? 2.145   17.929  -5.428  1.00 29.23 ? 760 HOH A O   1 
HETATM 1033 O  O   . HOH E 4 .   ? 8.410   10.446  -12.734 1.00 31.37 ? 761 HOH A O   1 
HETATM 1034 O  O   . HOH E 4 .   ? 5.325   13.498  5.468   1.00 28.95 ? 762 HOH A O   1 
HETATM 1035 O  O   . HOH E 4 .   ? 13.200  -7.908  0.218   1.00 69.05 ? 763 HOH A O   1 
HETATM 1036 O  O   . HOH E 4 .   ? -11.257 -9.811  -6.217  1.00 39.72 ? 764 HOH A O   1 
HETATM 1037 O  O   . HOH E 4 .   ? 10.225  -4.734  -0.292  1.00 39.38 ? 765 HOH A O   1 
HETATM 1038 O  O   . HOH E 4 .   ? 12.539  11.010  2.024   1.00 35.84 ? 766 HOH A O   1 
HETATM 1039 O  O   . HOH E 4 .   ? -15.659 -7.301  0.855   1.00 60.78 ? 767 HOH A O   1 
HETATM 1040 O  O   . HOH E 4 .   ? 8.991   -9.602  3.964   1.00 32.90 ? 768 HOH A O   1 
HETATM 1041 O  O   . HOH E 4 .   ? 21.491  -4.432  -0.899  1.00 35.24 ? 769 HOH A O   1 
HETATM 1042 O  O   . HOH E 4 .   ? 17.300  -13.125 0.547   1.00 44.04 ? 770 HOH A O   1 
HETATM 1043 O  O   . HOH E 4 .   ? 5.584   19.276  0.592   1.00 44.52 ? 771 HOH A O   1 
HETATM 1044 O  O   . HOH E 4 .   ? -4.423  -3.870  16.832  1.00 38.91 ? 772 HOH A O   1 
HETATM 1045 O  O   . HOH E 4 .   ? 1.846   -2.200  5.558   1.00 11.35 ? 773 HOH A O   1 
HETATM 1046 O  O   . HOH E 4 .   ? 7.061   5.971   5.549   1.00 29.30 ? 774 HOH A O   1 
HETATM 1047 O  O   . HOH E 4 .   ? -17.184 4.230   0.803   1.00 46.38 ? 775 HOH A O   1 
HETATM 1048 O  O   . HOH E 4 .   ? -17.965 6.199   10.100  1.00 42.38 ? 776 HOH A O   1 
HETATM 1049 O  O   . HOH E 4 .   ? 14.552  -1.834  -10.521 1.00 51.13 ? 777 HOH A O   1 
HETATM 1050 O  O   . HOH E 4 .   ? -15.208 2.558   4.677   1.00 37.59 ? 778 HOH A O   1 
HETATM 1051 O  O   . HOH E 4 .   ? -7.294  11.405  -7.815  1.00 37.74 ? 779 HOH A O   1 
HETATM 1052 O  O   . HOH E 4 .   ? 4.382   -2.713  -5.550  1.00 65.99 ? 780 HOH A O   1 
HETATM 1053 O  O   . HOH E 4 .   ? -1.298  16.683  -5.754  1.00 51.97 ? 781 HOH A O   1 
HETATM 1054 O  O   . HOH E 4 .   ? 2.027   19.165  -3.117  1.00 53.29 ? 782 HOH A O   1 
HETATM 1055 O  O   . HOH E 4 .   ? 3.858   -5.773  -4.167  1.00 45.33 ? 783 HOH A O   1 
HETATM 1056 O  O   . HOH E 4 .   ? -18.873 4.065   16.540  1.00 79.39 ? 784 HOH A O   1 
HETATM 1057 O  O   . HOH E 4 .   ? -18.893 5.520   7.207   1.00 33.56 ? 785 HOH A O   1 
HETATM 1058 O  O   . HOH E 4 .   ? -19.562 7.602   18.509  1.00 46.85 ? 786 HOH A O   1 
# 
